data_4U6V
#
_entry.id   4U6V
#
_cell.length_a   85.524
_cell.length_b   148.505
_cell.length_c   93.824
_cell.angle_alpha   90.00
_cell.angle_beta   99.82
_cell.angle_gamma   90.00
#
_symmetry.space_group_name_H-M   'P 1 21 1'
#
loop_
_entity.id
_entity.type
_entity.pdbx_description
1 polymer 'Fab, antigen binding fragment, heavy chain'
2 polymer 'Fab, antigen binding fragment, light chain'
3 polymer Alpha-hemolysin
4 non-polymer 'SULFATE ION'
5 water water
#
loop_
_entity_poly.entity_id
_entity_poly.type
_entity_poly.pdbx_seq_one_letter_code
_entity_poly.pdbx_strand_id
1 'polypeptide(L)'
;EVQLVESGGGLVQPGGSLRLSCAASGFTFSSHDMHWVRQATGKGLEWVSGIGTAGDTYYPDSVKGRFTISRENAKNSLYL
QMNSLRAGDTAVYYCARDRYSPTGHYYGMDVWGQGTTVTVSSASTKGPSVFPLAPSSKSTSGGTAALGCLVKDYFPEPVT
VSWNSGALTSGVHTFPAVLQSSGLYSLSSVVTVPSSSLGTQTYICNVNHKPSNTKVDKRVEPKSC
;
H,K
2 'polypeptide(L)'
;DIQMTQSPSTLSASVGDRVTITCRASQSISSWLAWYQQKPGKAPKLLIYKASSLESGVPSRFSGSGSGTEFTLTISSLQP
DDFATYYCKQYADYWTFGQGTKVEIKRTVAAPSVFIFPPSDEQLKSGTASVVCLLNNFYPREAKVQWKVDNALQSGNSQE
SVTEQDSKDSTYSLSSTLTLSKADYEKHKVYACEVTHQGLSSPVTKSFNRGEC
;
L,M
3 'polypeptide(L)'
;ADSDINIKTGTTDIGSNTTVKTGDLVTYDKENGMHKKVFYSFIDDKNHNKKLLVIRTKGTIAGQYRVYSEEGANKSGLAW
PSAFKVQLQLPDNEVAQISDYYPRNSIDTKEYMSTLTYGFNGNVTGDDTGKIGGLIGANVSIGHTLKYVQPDFKTILESP
TDKKVGWKVIFNNMVNQNWGPYDRDSWNPVYGNQLFMKTRNGSMKAADNFLDPNKASSLLSSGFSPDFATVITMDRKASK
QQTNIDVIYERVRDDYQLHWTSTNWKGTNTKDKWIDRSSERYKIDWEKEEMTN
;
A,B
#
# COMPACT_ATOMS: atom_id res chain seq x y z
N GLU A 1 17.35 9.86 -8.97
CA GLU A 1 17.88 9.41 -7.63
C GLU A 1 18.61 10.56 -6.92
N VAL A 2 18.34 10.69 -5.62
CA VAL A 2 18.91 11.78 -4.82
C VAL A 2 20.35 11.43 -4.46
N GLN A 3 21.25 12.40 -4.55
CA GLN A 3 22.68 12.14 -4.33
C GLN A 3 23.48 13.34 -3.90
N LEU A 4 24.53 13.07 -3.14
CA LEU A 4 25.48 14.06 -2.65
C LEU A 4 26.88 13.51 -2.85
N VAL A 5 27.77 14.30 -3.44
CA VAL A 5 29.13 13.85 -3.69
C VAL A 5 30.16 14.87 -3.20
N GLU A 6 30.82 14.54 -2.09
CA GLU A 6 31.88 15.39 -1.55
C GLU A 6 33.11 15.27 -2.42
N SER A 7 33.97 16.28 -2.37
CA SER A 7 35.29 16.24 -3.01
C SER A 7 36.19 17.33 -2.43
N GLY A 8 37.47 17.30 -2.79
CA GLY A 8 38.48 18.15 -2.14
C GLY A 8 39.07 17.41 -0.96
N GLY A 9 40.14 17.95 -0.41
CA GLY A 9 40.70 17.33 0.80
C GLY A 9 41.74 16.23 0.53
N GLY A 10 42.62 16.05 1.51
CA GLY A 10 43.87 15.35 1.32
C GLY A 10 44.83 15.89 2.35
N LEU A 11 46.13 15.85 2.06
CA LEU A 11 47.12 16.17 3.08
C LEU A 11 47.20 17.67 3.25
N VAL A 12 47.36 18.14 4.48
CA VAL A 12 47.54 19.56 4.75
C VAL A 12 48.44 19.70 5.96
N GLN A 13 49.34 20.66 5.94
CA GLN A 13 50.18 20.94 7.10
C GLN A 13 49.31 21.62 8.15
N PRO A 14 49.58 21.32 9.44
CA PRO A 14 48.87 22.05 10.49
C PRO A 14 49.16 23.53 10.38
N GLY A 15 48.12 24.35 10.52
CA GLY A 15 48.22 25.77 10.24
C GLY A 15 47.66 26.13 8.88
N GLY A 16 47.54 25.15 7.99
CA GLY A 16 47.14 25.40 6.61
C GLY A 16 45.65 25.43 6.35
N SER A 17 45.28 25.61 5.08
CA SER A 17 43.87 25.73 4.68
C SER A 17 43.49 24.76 3.56
N LEU A 18 42.19 24.60 3.36
CA LEU A 18 41.67 23.59 2.46
C LEU A 18 40.18 23.78 2.23
N ARG A 19 39.67 23.24 1.13
CA ARG A 19 38.33 23.53 0.67
C ARG A 19 37.57 22.33 0.16
N LEU A 20 36.56 21.90 0.90
CA LEU A 20 35.71 20.79 0.47
C LEU A 20 34.56 21.32 -0.32
N SER A 21 33.97 20.48 -1.16
CA SER A 21 32.76 20.86 -1.88
C SER A 21 31.87 19.64 -2.05
N CYS A 22 30.59 19.90 -2.31
CA CYS A 22 29.59 18.86 -2.39
C CYS A 22 28.62 19.14 -3.53
N ALA A 23 28.57 18.25 -4.51
CA ALA A 23 27.64 18.39 -5.62
C ALA A 23 26.37 17.63 -5.29
N ALA A 24 25.24 18.31 -5.41
CA ALA A 24 23.94 17.74 -5.09
C ALA A 24 23.12 17.53 -6.33
N SER A 25 22.40 16.42 -6.41
CA SER A 25 21.64 16.09 -7.61
C SER A 25 20.40 15.29 -7.26
N GLY A 26 19.35 15.48 -8.05
CA GLY A 26 18.10 14.71 -7.93
C GLY A 26 17.08 15.34 -7.01
N PHE A 27 17.28 16.60 -6.60
CA PHE A 27 16.29 17.33 -5.80
C PHE A 27 16.53 18.83 -5.84
N THR A 28 15.60 19.61 -5.26
CA THR A 28 15.76 21.06 -5.26
C THR A 28 16.67 21.54 -4.12
N PHE A 29 17.95 21.65 -4.44
CA PHE A 29 18.99 22.04 -3.48
C PHE A 29 18.67 23.29 -2.63
N SER A 30 18.21 24.34 -3.30
CA SER A 30 18.03 25.64 -2.66
C SER A 30 17.06 25.60 -1.49
N SER A 31 16.19 24.59 -1.47
CA SER A 31 15.12 24.52 -0.47
C SER A 31 15.40 23.61 0.74
N HIS A 32 16.65 23.20 0.96
CA HIS A 32 16.99 22.36 2.12
C HIS A 32 18.10 22.98 2.93
N ASP A 33 18.08 22.81 4.25
CA ASP A 33 19.28 23.10 5.04
C ASP A 33 20.30 22.01 4.75
N MET A 34 21.58 22.36 4.84
CA MET A 34 22.67 21.42 4.56
C MET A 34 23.70 21.47 5.67
N HIS A 35 24.40 20.35 5.85
CA HIS A 35 25.41 20.24 6.90
C HIS A 35 26.70 19.57 6.42
N TRP A 36 27.78 19.91 7.10
CA TRP A 36 28.95 19.06 7.14
C TRP A 36 29.02 18.34 8.51
N VAL A 37 29.32 17.04 8.47
CA VAL A 37 29.55 16.20 9.66
C VAL A 37 30.81 15.34 9.47
N ARG A 38 31.64 15.27 10.49
CA ARG A 38 32.88 14.55 10.37
C ARG A 38 32.98 13.35 11.32
N GLN A 39 33.93 12.48 11.01
CA GLN A 39 34.16 11.26 11.74
C GLN A 39 35.63 10.85 11.61
N ALA A 40 36.37 11.00 12.69
CA ALA A 40 37.75 10.52 12.75
C ALA A 40 37.79 8.98 12.81
N THR A 41 38.85 8.40 12.27
CA THR A 41 38.98 6.95 12.20
C THR A 41 38.74 6.33 13.56
N GLY A 42 37.85 5.35 13.56
CA GLY A 42 37.44 4.67 14.76
C GLY A 42 36.57 5.45 15.72
N LYS A 43 36.15 6.68 15.41
CA LYS A 43 35.44 7.48 16.43
C LYS A 43 34.03 7.83 16.00
N GLY A 44 33.33 8.66 16.77
CA GLY A 44 31.95 9.02 16.45
C GLY A 44 31.76 10.16 15.46
N LEU A 45 30.53 10.31 15.04
CA LEU A 45 30.06 11.43 14.24
C LEU A 45 30.14 12.74 15.04
N GLU A 46 30.65 13.80 14.42
CA GLU A 46 30.70 15.13 15.04
C GLU A 46 30.17 16.18 14.05
N TRP A 47 29.11 16.89 14.46
CA TRP A 47 28.54 18.00 13.65
C TRP A 47 29.58 19.12 13.52
N VAL A 48 29.78 19.62 12.31
CA VAL A 48 30.85 20.54 12.04
C VAL A 48 30.34 21.91 11.63
N SER A 49 29.37 21.94 10.74
CA SER A 49 28.71 23.19 10.41
C SER A 49 27.46 23.02 9.57
N GLY A 50 26.56 23.98 9.70
CA GLY A 50 25.27 23.95 9.03
C GLY A 50 24.94 25.30 8.41
N ILE A 51 24.07 25.24 7.41
CA ILE A 51 23.66 26.43 6.69
C ILE A 51 22.20 26.31 6.33
N GLY A 52 21.47 27.37 6.69
CA GLY A 52 20.05 27.44 6.45
C GLY A 52 19.75 27.77 5.02
N THR A 53 18.52 27.47 4.63
CA THR A 53 18.04 27.67 3.28
C THR A 53 18.17 29.15 2.83
N ALA A 54 18.20 30.06 3.79
CA ALA A 54 18.42 31.49 3.48
C ALA A 54 19.88 31.93 3.53
N GLY A 55 20.82 31.00 3.66
CA GLY A 55 22.25 31.36 3.75
C GLY A 55 22.78 31.71 5.14
N ASP A 56 21.96 31.56 6.18
CA ASP A 56 22.44 31.80 7.54
C ASP A 56 23.23 30.56 8.01
N THR A 57 24.35 30.81 8.69
CA THR A 57 25.31 29.77 8.94
C THR A 57 25.38 29.45 10.41
N TYR A 58 25.70 28.19 10.70
CA TYR A 58 25.69 27.67 12.06
C TYR A 58 26.97 26.82 12.30
N TYR A 59 27.54 26.98 13.49
CA TYR A 59 28.82 26.41 13.85
C TYR A 59 28.85 26.00 15.31
N PRO A 60 29.50 24.87 15.61
CA PRO A 60 29.86 24.57 16.99
C PRO A 60 31.15 25.27 17.36
N ASP A 61 31.39 25.45 18.66
CA ASP A 61 32.57 26.17 19.16
C ASP A 61 33.90 25.56 18.75
N SER A 62 33.94 24.26 18.50
CA SER A 62 35.19 23.58 18.17
C SER A 62 35.81 24.10 16.87
N VAL A 63 34.98 24.63 15.98
CA VAL A 63 35.44 25.15 14.70
C VAL A 63 35.15 26.64 14.49
N LYS A 64 34.42 27.25 15.42
CA LYS A 64 33.98 28.62 15.23
C LYS A 64 35.22 29.50 15.03
N GLY A 65 35.13 30.42 14.07
CA GLY A 65 36.26 31.29 13.73
C GLY A 65 37.28 30.67 12.79
N ARG A 66 37.22 29.36 12.58
CA ARG A 66 38.20 28.68 11.72
C ARG A 66 37.60 28.20 10.40
N PHE A 67 36.36 27.73 10.43
CA PHE A 67 35.73 27.13 9.24
C PHE A 67 34.64 28.07 8.76
N THR A 68 34.41 28.10 7.46
CA THR A 68 33.25 28.76 6.90
C THR A 68 32.50 27.85 5.96
N ILE A 69 31.20 27.77 6.15
CA ILE A 69 30.34 27.01 5.26
C ILE A 69 29.72 28.00 4.28
N SER A 70 29.38 27.55 3.07
CA SER A 70 28.82 28.45 2.03
C SER A 70 27.92 27.66 1.10
N ARG A 71 27.19 28.40 0.29
CA ARG A 71 26.20 27.83 -0.56
C ARG A 71 26.23 28.46 -1.97
N GLU A 72 25.93 27.71 -2.99
CA GLU A 72 25.84 28.29 -4.33
C GLU A 72 24.78 27.50 -5.08
N ASN A 73 23.55 27.96 -4.92
CA ASN A 73 22.38 27.27 -5.44
C ASN A 73 22.42 27.10 -6.96
N ALA A 74 22.98 28.08 -7.69
CA ALA A 74 23.06 27.99 -9.14
C ALA A 74 23.82 26.74 -9.58
N LYS A 75 24.88 26.41 -8.84
CA LYS A 75 25.67 25.21 -9.09
C LYS A 75 25.27 24.02 -8.22
N ASN A 76 24.11 24.07 -7.59
CA ASN A 76 23.69 23.01 -6.68
C ASN A 76 24.85 22.46 -5.86
N SER A 77 25.58 23.32 -5.17
CA SER A 77 26.76 22.88 -4.45
C SER A 77 27.05 23.60 -3.13
N LEU A 78 27.55 22.82 -2.18
CA LEU A 78 27.81 23.26 -0.81
C LEU A 78 29.31 23.25 -0.60
N TYR A 79 29.82 24.19 0.18
CA TYR A 79 31.27 24.30 0.39
C TYR A 79 31.67 24.44 1.84
N LEU A 80 32.92 24.08 2.14
CA LEU A 80 33.48 24.23 3.47
C LEU A 80 34.90 24.74 3.34
N GLN A 81 35.15 25.95 3.81
CA GLN A 81 36.48 26.52 3.78
C GLN A 81 37.08 26.26 5.15
N MET A 82 38.19 25.52 5.20
CA MET A 82 38.78 25.13 6.48
C MET A 82 40.13 25.80 6.64
N ASN A 83 40.21 26.75 7.56
CA ASN A 83 41.47 27.44 7.85
C ASN A 83 42.01 27.03 9.19
N SER A 84 43.29 27.30 9.40
CA SER A 84 43.96 27.02 10.67
C SER A 84 43.68 25.59 11.13
N LEU A 85 43.93 24.64 10.24
CA LEU A 85 43.70 23.25 10.54
C LEU A 85 44.68 22.75 11.60
N ARG A 86 44.27 21.70 12.31
CA ARG A 86 45.10 21.05 13.32
C ARG A 86 44.97 19.53 13.21
N ALA A 87 45.86 18.80 13.87
CA ALA A 87 45.76 17.32 13.88
C ALA A 87 44.36 16.82 14.21
N GLY A 88 43.75 17.43 15.25
CA GLY A 88 42.38 17.13 15.65
C GLY A 88 41.31 17.21 14.56
N ASP A 89 41.55 17.99 13.51
CA ASP A 89 40.58 18.08 12.41
C ASP A 89 40.68 16.93 11.40
N THR A 90 41.65 16.04 11.62
CA THR A 90 41.81 14.88 10.74
C THR A 90 40.61 13.98 10.86
N ALA A 91 39.93 13.73 9.75
CA ALA A 91 38.77 12.85 9.75
C ALA A 91 38.18 12.75 8.36
N VAL A 92 37.19 11.88 8.21
CA VAL A 92 36.33 11.87 7.02
C VAL A 92 35.22 12.91 7.20
N TYR A 93 35.01 13.76 6.18
CA TYR A 93 34.01 14.83 6.20
C TYR A 93 32.87 14.51 5.25
N TYR A 94 31.67 14.35 5.82
CA TYR A 94 30.47 14.09 5.03
C TYR A 94 29.60 15.34 4.84
N CYS A 95 28.73 15.23 3.84
CA CYS A 95 27.83 16.25 3.45
C CYS A 95 26.44 15.65 3.70
N ALA A 96 25.54 16.43 4.32
CA ALA A 96 24.21 15.91 4.61
C ALA A 96 23.07 16.94 4.48
N ARG A 97 21.92 16.44 4.06
CA ARG A 97 20.73 17.23 3.81
C ARG A 97 19.68 17.05 4.92
N ASP A 98 19.17 18.14 5.47
CA ASP A 98 18.00 18.10 6.38
C ASP A 98 16.71 17.95 5.60
N ARG A 99 15.76 17.19 6.16
CA ARG A 99 14.42 17.18 5.63
C ARG A 99 13.39 17.57 6.69
N TYR A 100 12.43 18.37 6.26
CA TYR A 100 11.34 18.86 7.09
C TYR A 100 10.00 18.47 6.53
N SER A 101 8.97 18.51 7.38
CA SER A 101 7.59 18.33 6.92
C SER A 101 7.13 19.59 6.19
N PRO A 102 6.00 19.51 5.50
CA PRO A 102 5.46 20.72 4.89
C PRO A 102 5.16 21.86 5.91
N THR A 103 4.89 21.50 7.16
CA THR A 103 4.65 22.51 8.20
C THR A 103 5.83 22.72 9.16
N GLY A 104 7.05 22.43 8.72
CA GLY A 104 8.24 22.74 9.54
C GLY A 104 8.53 21.80 10.69
N HIS A 105 8.12 20.54 10.58
CA HIS A 105 8.58 19.51 11.50
C HIS A 105 9.91 18.91 10.98
N TYR A 106 10.88 18.80 11.86
CA TYR A 106 12.23 18.35 11.49
C TYR A 106 12.37 16.85 11.59
N TYR A 107 12.65 16.19 10.48
CA TYR A 107 12.91 14.74 10.51
C TYR A 107 14.37 14.43 10.86
N GLY A 108 15.29 15.04 10.12
CA GLY A 108 16.70 14.88 10.40
C GLY A 108 17.53 14.80 9.15
N MET A 109 18.78 14.41 9.33
CA MET A 109 19.72 14.30 8.22
C MET A 109 19.44 13.04 7.42
N ASP A 110 18.80 13.29 6.30
CA ASP A 110 17.97 12.40 5.51
C ASP A 110 18.76 11.63 4.46
N VAL A 111 19.86 12.22 4.02
CA VAL A 111 20.59 11.74 2.88
C VAL A 111 22.01 12.27 3.03
N TRP A 112 22.98 11.38 2.81
CA TRP A 112 24.36 11.66 3.16
C TRP A 112 25.22 11.35 1.99
N GLY A 113 26.39 11.97 1.90
CA GLY A 113 27.36 11.59 0.89
C GLY A 113 28.16 10.33 1.26
N GLN A 114 29.29 10.14 0.58
CA GLN A 114 30.19 9.00 0.84
C GLN A 114 31.42 9.45 1.64
N GLY A 115 31.60 10.78 1.75
CA GLY A 115 32.67 11.36 2.54
C GLY A 115 33.92 11.66 1.72
N THR A 116 34.76 12.52 2.27
CA THR A 116 36.05 12.85 1.67
C THR A 116 37.02 13.03 2.82
N THR A 117 38.21 12.45 2.69
CA THR A 117 39.13 12.39 3.81
C THR A 117 40.08 13.59 3.83
N VAL A 118 40.30 14.10 5.03
CA VAL A 118 41.22 15.19 5.26
C VAL A 118 42.21 14.70 6.30
N THR A 119 43.50 14.88 6.00
CA THR A 119 44.56 14.50 6.93
C THR A 119 45.45 15.70 7.20
N VAL A 120 45.59 16.08 8.47
CA VAL A 120 46.30 17.28 8.82
C VAL A 120 47.48 16.88 9.64
N SER A 121 48.68 17.19 9.16
CA SER A 121 49.88 16.59 9.76
C SER A 121 51.20 17.11 9.20
N SER A 122 52.22 17.09 10.05
CA SER A 122 53.57 17.54 9.70
C SER A 122 54.34 16.49 8.91
N ALA A 123 53.86 15.25 8.91
CA ALA A 123 54.58 14.13 8.33
C ALA A 123 54.67 14.26 6.82
N SER A 124 55.84 13.92 6.30
CA SER A 124 56.07 13.88 4.88
C SER A 124 55.77 12.50 4.35
N THR A 125 55.18 12.43 3.16
CA THR A 125 54.84 11.18 2.53
C THR A 125 56.06 10.26 2.50
N LYS A 126 55.87 9.01 2.91
CA LYS A 126 56.98 8.09 3.11
C LYS A 126 56.52 6.63 3.03
N GLY A 127 57.20 5.87 2.21
CA GLY A 127 56.88 4.45 2.08
C GLY A 127 57.29 3.66 3.31
N PRO A 128 56.67 2.49 3.50
CA PRO A 128 56.93 1.62 4.65
C PRO A 128 58.22 0.78 4.55
N SER A 129 58.94 0.65 5.67
CA SER A 129 59.85 -0.47 5.89
C SER A 129 58.98 -1.71 6.14
N VAL A 130 59.37 -2.86 5.60
CA VAL A 130 58.67 -4.12 5.82
C VAL A 130 59.60 -5.16 6.43
N PHE A 131 59.26 -5.66 7.61
CA PHE A 131 60.07 -6.68 8.25
C PHE A 131 59.26 -7.96 8.42
N PRO A 132 59.91 -9.12 8.26
CA PRO A 132 59.20 -10.37 8.47
C PRO A 132 58.92 -10.62 9.94
N LEU A 133 57.82 -11.33 10.21
CA LEU A 133 57.57 -11.86 11.53
C LEU A 133 57.71 -13.35 11.37
N ALA A 134 58.91 -13.83 11.68
CA ALA A 134 59.29 -15.19 11.42
C ALA A 134 58.55 -16.17 12.33
N PRO A 135 58.05 -17.30 11.77
CA PRO A 135 57.46 -18.39 12.57
C PRO A 135 58.47 -19.25 13.33
N SER A 136 58.16 -19.59 14.58
CA SER A 136 58.88 -20.66 15.29
C SER A 136 58.80 -21.94 14.45
N SER A 141 56.05 -25.76 17.62
CA SER A 141 55.39 -24.66 16.89
C SER A 141 53.98 -24.22 17.39
N GLY A 142 53.23 -25.15 18.01
CA GLY A 142 52.00 -24.87 18.75
C GLY A 142 50.68 -25.41 18.16
N GLY A 143 50.76 -26.56 17.47
CA GLY A 143 49.68 -27.08 16.62
C GLY A 143 49.81 -26.58 15.17
N THR A 144 49.24 -25.41 14.93
CA THR A 144 49.47 -24.66 13.71
C THR A 144 50.49 -23.58 14.00
N ALA A 145 50.83 -22.78 12.97
CA ALA A 145 51.84 -21.76 13.09
C ALA A 145 51.34 -20.40 12.63
N ALA A 146 51.97 -19.36 13.16
CA ALA A 146 51.64 -18.01 12.79
C ALA A 146 52.87 -17.38 12.21
N LEU A 147 52.65 -16.52 11.22
CA LEU A 147 53.71 -15.69 10.63
C LEU A 147 53.07 -14.42 10.11
N GLY A 148 53.89 -13.43 9.83
CA GLY A 148 53.37 -12.16 9.34
C GLY A 148 54.40 -11.21 8.80
N CYS A 149 53.95 -9.98 8.56
CA CYS A 149 54.82 -8.88 8.15
C CYS A 149 54.56 -7.69 9.06
N LEU A 150 55.64 -7.02 9.46
CA LEU A 150 55.53 -5.76 10.15
C LEU A 150 55.74 -4.64 9.14
N VAL A 151 54.66 -3.92 8.83
CA VAL A 151 54.69 -2.79 7.88
C VAL A 151 54.84 -1.50 8.67
N LYS A 152 56.06 -0.97 8.69
CA LYS A 152 56.43 0.05 9.66
C LYS A 152 56.76 1.39 9.01
N ASP A 153 56.28 2.46 9.65
CA ASP A 153 56.73 3.84 9.38
C ASP A 153 56.39 4.36 7.98
N TYR A 154 55.10 4.43 7.69
CA TYR A 154 54.66 4.95 6.42
C TYR A 154 53.66 6.07 6.65
N PHE A 155 53.54 6.97 5.67
CA PHE A 155 52.57 8.04 5.71
C PHE A 155 52.26 8.47 4.28
N PRO A 156 50.99 8.79 3.99
CA PRO A 156 49.81 8.64 4.83
C PRO A 156 49.17 7.26 4.57
N GLU A 157 47.99 7.02 5.12
CA GLU A 157 47.23 5.82 4.79
C GLU A 157 46.82 5.90 3.33
N PRO A 158 46.49 4.74 2.69
CA PRO A 158 46.53 3.39 3.18
C PRO A 158 47.72 2.59 2.61
N VAL A 159 47.96 1.43 3.21
CA VAL A 159 48.77 0.38 2.60
C VAL A 159 47.84 -0.79 2.37
N THR A 160 48.08 -1.55 1.33
CA THR A 160 47.35 -2.77 1.12
C THR A 160 48.35 -3.89 1.36
N VAL A 161 47.86 -5.00 1.87
CA VAL A 161 48.70 -6.15 2.12
C VAL A 161 48.01 -7.39 1.59
N SER A 162 48.75 -8.23 0.87
CA SER A 162 48.23 -9.49 0.39
C SER A 162 49.27 -10.56 0.68
N TRP A 163 48.87 -11.81 0.51
CA TRP A 163 49.75 -12.90 0.78
C TRP A 163 49.76 -13.82 -0.44
N ASN A 164 50.98 -14.14 -0.89
CA ASN A 164 51.17 -15.00 -2.05
C ASN A 164 50.28 -14.56 -3.21
N SER A 165 50.38 -13.27 -3.55
CA SER A 165 49.47 -12.57 -4.46
C SER A 165 48.04 -12.78 -3.96
N GLY A 166 47.12 -13.19 -4.81
CA GLY A 166 45.74 -13.43 -4.32
C GLY A 166 45.57 -14.71 -3.52
N ALA A 167 46.60 -15.55 -3.52
CA ALA A 167 46.42 -16.98 -3.29
C ALA A 167 46.04 -17.35 -1.87
N LEU A 168 46.64 -16.68 -0.88
CA LEU A 168 46.45 -17.01 0.51
C LEU A 168 45.63 -15.95 1.20
N THR A 169 44.32 -16.18 1.29
CA THR A 169 43.40 -15.22 1.90
C THR A 169 42.59 -15.84 3.03
N SER A 170 43.14 -16.88 3.65
CA SER A 170 42.43 -17.61 4.67
C SER A 170 43.27 -17.61 5.95
N GLY A 171 42.66 -17.13 7.04
CA GLY A 171 43.35 -17.00 8.31
C GLY A 171 44.16 -15.74 8.36
N VAL A 172 43.88 -14.81 7.45
CA VAL A 172 44.64 -13.57 7.35
C VAL A 172 44.00 -12.48 8.20
N HIS A 173 44.83 -11.72 8.91
CA HIS A 173 44.39 -10.59 9.70
C HIS A 173 45.35 -9.47 9.48
N THR A 174 44.86 -8.40 8.86
CA THR A 174 45.64 -7.20 8.71
C THR A 174 45.06 -6.22 9.73
N PHE A 175 45.88 -5.83 10.68
CA PHE A 175 45.43 -5.04 11.77
C PHE A 175 45.26 -3.60 11.35
N PRO A 176 44.29 -2.91 11.96
CA PRO A 176 44.16 -1.48 11.76
C PRO A 176 45.47 -0.77 12.10
N ALA A 177 45.82 0.22 11.29
CA ALA A 177 47.06 0.94 11.45
C ALA A 177 47.05 1.70 12.76
N VAL A 178 48.24 2.05 13.27
CA VAL A 178 48.34 2.90 14.43
C VAL A 178 49.26 4.07 14.15
N LEU A 179 48.84 5.27 14.56
CA LEU A 179 49.67 6.44 14.37
C LEU A 179 50.70 6.46 15.49
N GLN A 180 51.96 6.28 15.16
CA GLN A 180 53.03 6.32 16.15
C GLN A 180 53.29 7.75 16.53
N SER A 181 54.05 7.98 17.60
CA SER A 181 54.32 9.35 18.06
C SER A 181 55.12 10.15 17.03
N SER A 182 55.89 9.46 16.19
CA SER A 182 56.64 10.08 15.10
C SER A 182 55.75 10.73 14.06
N GLY A 183 54.49 10.33 13.96
CA GLY A 183 53.57 10.87 12.95
C GLY A 183 53.32 9.90 11.83
N LEU A 184 54.00 8.74 11.88
CA LEU A 184 53.88 7.69 10.87
C LEU A 184 52.98 6.55 11.35
N TYR A 185 52.40 5.81 10.41
CA TYR A 185 51.56 4.66 10.73
C TYR A 185 52.38 3.36 10.74
N SER A 186 51.98 2.44 11.61
CA SER A 186 52.54 1.09 11.67
C SER A 186 51.43 0.05 11.78
N LEU A 187 51.72 -1.15 11.31
CA LEU A 187 50.69 -2.15 11.11
C LEU A 187 51.35 -3.49 10.97
N SER A 188 50.64 -4.56 11.34
CA SER A 188 51.09 -5.92 11.07
C SER A 188 50.00 -6.70 10.35
N SER A 189 50.44 -7.65 9.55
CA SER A 189 49.52 -8.53 8.89
C SER A 189 49.96 -9.93 9.20
N VAL A 190 49.04 -10.80 9.58
CA VAL A 190 49.39 -12.12 10.01
C VAL A 190 48.50 -13.19 9.39
N VAL A 191 49.07 -14.41 9.35
CA VAL A 191 48.35 -15.60 8.91
C VAL A 191 48.67 -16.72 9.85
N THR A 192 47.71 -17.64 9.97
CA THR A 192 47.97 -18.92 10.58
C THR A 192 47.92 -19.96 9.48
N VAL A 193 48.76 -20.98 9.62
CA VAL A 193 48.88 -22.04 8.63
C VAL A 193 49.28 -23.32 9.34
N PRO A 194 49.13 -24.48 8.67
CA PRO A 194 49.59 -25.73 9.25
C PRO A 194 51.11 -25.72 9.46
N SER A 195 51.55 -26.16 10.63
CA SER A 195 52.98 -26.26 10.92
C SER A 195 53.70 -27.19 9.93
N SER A 196 52.96 -28.12 9.32
CA SER A 196 53.52 -29.09 8.37
C SER A 196 53.87 -28.44 7.02
N SER A 197 53.20 -27.34 6.69
CA SER A 197 53.45 -26.61 5.43
C SER A 197 54.63 -25.62 5.49
N LEU A 198 55.28 -25.49 6.65
CA LEU A 198 56.38 -24.53 6.80
C LEU A 198 57.67 -24.94 6.11
N GLY A 199 57.95 -26.24 6.01
CA GLY A 199 59.16 -26.73 5.34
C GLY A 199 59.02 -26.84 3.82
N THR A 200 57.79 -26.66 3.33
CA THR A 200 57.45 -26.93 1.92
C THR A 200 56.94 -25.67 1.20
N GLN A 201 55.89 -25.07 1.74
CA GLN A 201 55.16 -23.97 1.11
C GLN A 201 55.81 -22.63 1.47
N THR A 202 55.99 -21.77 0.47
CA THR A 202 56.65 -20.46 0.61
C THR A 202 55.62 -19.36 0.89
N TYR A 203 55.96 -18.45 1.80
CA TYR A 203 55.08 -17.33 2.15
C TYR A 203 55.70 -15.97 1.84
N ILE A 204 55.08 -15.23 0.92
CA ILE A 204 55.49 -13.88 0.56
C ILE A 204 54.37 -12.91 0.86
N CYS A 205 54.68 -11.84 1.59
CA CYS A 205 53.71 -10.78 1.79
C CYS A 205 53.97 -9.66 0.79
N ASN A 206 52.91 -9.21 0.15
CA ASN A 206 52.98 -8.18 -0.86
C ASN A 206 52.38 -6.89 -0.35
N VAL A 207 53.25 -5.93 -0.06
CA VAL A 207 52.87 -4.64 0.48
C VAL A 207 52.88 -3.61 -0.64
N ASN A 208 51.84 -2.78 -0.68
CA ASN A 208 51.73 -1.74 -1.71
C ASN A 208 51.25 -0.44 -1.09
N HIS A 209 52.03 0.62 -1.26
CA HIS A 209 51.71 1.94 -0.75
C HIS A 209 51.66 2.93 -1.93
N LYS A 210 50.44 3.23 -2.41
CA LYS A 210 50.24 4.07 -3.61
C LYS A 210 50.80 5.49 -3.45
N PRO A 211 50.50 6.15 -2.33
CA PRO A 211 50.99 7.52 -2.11
C PRO A 211 52.49 7.75 -2.26
N SER A 212 53.29 6.68 -2.27
CA SER A 212 54.72 6.82 -2.54
C SER A 212 55.24 5.93 -3.67
N ASN A 213 54.33 5.26 -4.39
CA ASN A 213 54.70 4.22 -5.39
C ASN A 213 55.68 3.18 -4.83
N THR A 214 55.50 2.84 -3.56
CA THR A 214 56.32 1.84 -2.93
C THR A 214 55.60 0.52 -3.09
N LYS A 215 56.34 -0.47 -3.58
CA LYS A 215 55.84 -1.81 -3.70
C LYS A 215 56.95 -2.72 -3.17
N VAL A 216 56.59 -3.65 -2.29
CA VAL A 216 57.56 -4.53 -1.62
C VAL A 216 56.98 -5.94 -1.46
N ASP A 217 57.78 -6.95 -1.81
CA ASP A 217 57.43 -8.33 -1.62
C ASP A 217 58.46 -8.93 -0.68
N LYS A 218 58.00 -9.57 0.39
CA LYS A 218 58.87 -10.04 1.46
C LYS A 218 58.66 -11.49 1.81
N ARG A 219 59.76 -12.21 1.74
CA ARG A 219 59.82 -13.60 2.01
C ARG A 219 59.87 -13.76 3.52
N VAL A 220 58.97 -14.59 4.06
CA VAL A 220 58.99 -14.91 5.48
C VAL A 220 59.44 -16.34 5.64
N GLU A 221 60.53 -16.53 6.40
CA GLU A 221 61.17 -17.83 6.58
C GLU A 221 61.42 -18.09 8.06
N PRO A 222 61.50 -19.37 8.46
CA PRO A 222 61.82 -19.70 9.86
C PRO A 222 63.24 -19.37 10.30
N ASP B 1 27.12 22.94 23.31
CA ASP B 1 27.49 22.55 24.70
C ASP B 1 26.30 21.91 25.42
N ILE B 2 25.59 21.06 24.70
CA ILE B 2 24.81 20.00 25.32
C ILE B 2 25.55 18.69 25.09
N GLN B 3 26.10 18.10 26.16
CA GLN B 3 26.73 16.78 26.08
C GLN B 3 25.66 15.72 25.99
N MET B 4 25.90 14.72 25.13
CA MET B 4 25.05 13.53 25.05
C MET B 4 25.86 12.26 25.37
N THR B 5 25.45 11.49 26.38
CA THR B 5 26.15 10.28 26.71
C THR B 5 25.32 9.07 26.40
N GLN B 6 25.81 8.20 25.52
CA GLN B 6 25.12 6.94 25.28
C GLN B 6 25.65 5.88 26.21
N SER B 7 24.81 4.90 26.45
CA SER B 7 25.21 3.81 27.27
C SER B 7 24.27 2.64 27.03
N PRO B 8 24.82 1.41 27.02
CA PRO B 8 26.24 1.15 27.14
C PRO B 8 26.96 1.55 25.87
N SER B 9 28.29 1.59 25.92
CA SER B 9 29.12 1.83 24.73
C SER B 9 29.24 0.59 23.84
N THR B 10 29.24 -0.60 24.43
CA THR B 10 29.19 -1.82 23.64
C THR B 10 28.19 -2.75 24.25
N LEU B 11 27.42 -3.43 23.41
CA LEU B 11 26.55 -4.49 23.89
C LEU B 11 26.54 -5.63 22.89
N SER B 12 26.52 -6.84 23.41
CA SER B 12 26.48 -8.03 22.58
C SER B 12 25.13 -8.68 22.73
N ALA B 13 24.66 -9.26 21.63
CA ALA B 13 23.35 -9.85 21.58
C ALA B 13 23.31 -10.86 20.43
N SER B 14 22.35 -11.76 20.49
CA SER B 14 22.13 -12.68 19.38
C SER B 14 20.85 -12.29 18.70
N VAL B 15 20.62 -12.87 17.53
CA VAL B 15 19.40 -12.62 16.78
C VAL B 15 18.20 -12.99 17.63
N GLY B 16 17.12 -12.22 17.51
CA GLY B 16 15.93 -12.45 18.31
C GLY B 16 15.92 -11.64 19.61
N ASP B 17 17.08 -11.31 20.14
CA ASP B 17 17.15 -10.56 21.40
C ASP B 17 16.48 -9.20 21.28
N ARG B 18 16.07 -8.69 22.44
CA ARG B 18 15.42 -7.41 22.53
C ARG B 18 16.42 -6.47 23.15
N VAL B 19 17.04 -5.60 22.35
CA VAL B 19 18.11 -4.75 22.87
C VAL B 19 17.61 -3.34 23.09
N THR B 20 18.23 -2.67 24.06
CA THR B 20 17.83 -1.32 24.45
C THR B 20 19.08 -0.47 24.62
N ILE B 21 19.09 0.71 24.01
CA ILE B 21 20.23 1.60 24.14
C ILE B 21 19.71 2.85 24.80
N THR B 22 20.52 3.48 25.62
CA THR B 22 20.12 4.63 26.38
C THR B 22 20.93 5.85 26.01
N CYS B 23 20.30 7.01 25.97
CA CYS B 23 20.99 8.24 25.65
C CYS B 23 20.60 9.24 26.72
N ARG B 24 21.56 9.99 27.23
CA ARG B 24 21.35 10.99 28.26
C ARG B 24 21.92 12.35 27.88
N ALA B 25 21.08 13.39 27.98
CA ALA B 25 21.53 14.75 27.73
C ALA B 25 21.90 15.44 29.02
N SER B 26 22.81 16.41 28.93
CA SER B 26 23.27 17.17 30.09
C SER B 26 22.29 18.27 30.53
N GLN B 27 21.26 18.53 29.72
CA GLN B 27 20.12 19.37 30.11
C GLN B 27 18.91 18.89 29.35
N SER B 28 17.74 19.48 29.65
CA SER B 28 16.53 19.07 28.95
C SER B 28 16.60 19.35 27.45
N ILE B 29 16.08 18.43 26.66
CA ILE B 29 15.95 18.65 25.23
C ILE B 29 14.55 18.28 24.76
N SER B 30 13.57 18.26 25.70
CA SER B 30 12.19 17.95 25.39
C SER B 30 12.19 16.58 24.76
N SER B 31 11.66 16.51 23.56
CA SER B 31 11.63 15.26 22.81
C SER B 31 12.38 15.47 21.50
N TRP B 32 13.25 16.49 21.45
CA TRP B 32 14.01 16.77 20.22
C TRP B 32 15.28 15.91 20.13
N LEU B 33 15.07 14.61 19.91
CA LEU B 33 16.13 13.64 19.85
C LEU B 33 15.91 12.69 18.66
N ALA B 34 16.98 12.46 17.90
CA ALA B 34 16.93 11.51 16.80
C ALA B 34 17.93 10.35 16.99
N TRP B 35 17.69 9.25 16.28
CA TRP B 35 18.59 8.09 16.29
C TRP B 35 19.03 7.73 14.88
N TYR B 36 20.33 7.39 14.75
CA TYR B 36 20.91 6.93 13.49
C TYR B 36 21.60 5.59 13.63
N GLN B 37 21.58 4.83 12.55
CA GLN B 37 22.35 3.61 12.43
C GLN B 37 23.56 3.88 11.49
N GLN B 38 24.74 3.36 11.82
CA GLN B 38 25.88 3.41 10.91
C GLN B 38 26.60 2.07 10.87
N LYS B 39 26.98 1.65 9.67
CA LYS B 39 27.82 0.46 9.48
C LYS B 39 29.23 0.81 8.97
N PRO B 40 30.19 -0.11 9.16
CA PRO B 40 31.58 0.17 8.78
C PRO B 40 31.74 0.67 7.37
N GLY B 41 32.44 1.79 7.23
CA GLY B 41 32.67 2.40 5.93
C GLY B 41 31.43 2.81 5.14
N LYS B 42 30.31 3.07 5.82
CA LYS B 42 29.09 3.55 5.15
C LYS B 42 28.58 4.77 5.85
N ALA B 43 27.57 5.39 5.27
CA ALA B 43 27.00 6.62 5.81
C ALA B 43 25.79 6.32 6.70
N PRO B 44 25.57 7.16 7.72
CA PRO B 44 24.44 6.92 8.58
C PRO B 44 23.07 6.91 7.89
N LYS B 45 22.14 6.17 8.49
CA LYS B 45 20.72 6.17 8.14
C LYS B 45 19.90 6.70 9.31
N LEU B 46 18.90 7.53 9.02
CA LEU B 46 18.05 8.12 10.02
C LEU B 46 17.01 7.10 10.38
N LEU B 47 16.82 6.89 11.68
CA LEU B 47 15.88 5.87 12.15
C LEU B 47 14.65 6.50 12.80
N ILE B 48 14.89 7.41 13.74
CA ILE B 48 13.84 7.93 14.63
C ILE B 48 14.00 9.43 14.81
N TYR B 49 12.87 10.13 14.82
CA TYR B 49 12.87 11.56 15.10
C TYR B 49 11.84 11.82 16.20
N LYS B 50 11.94 12.97 16.79
CA LYS B 50 11.10 13.38 17.90
C LYS B 50 10.91 12.25 18.92
N ALA B 51 12.07 11.68 19.31
CA ALA B 51 12.25 10.62 20.35
C ALA B 51 11.51 9.31 20.19
N SER B 52 10.45 9.26 19.36
CA SER B 52 9.71 8.02 19.20
C SER B 52 9.05 7.90 17.84
N SER B 53 9.28 8.84 16.92
CA SER B 53 8.64 8.75 15.61
C SER B 53 9.55 8.10 14.61
N LEU B 54 8.99 7.16 13.85
CA LEU B 54 9.77 6.34 12.93
C LEU B 54 9.90 7.02 11.59
N GLU B 55 11.11 7.16 11.11
CA GLU B 55 11.37 7.59 9.74
C GLU B 55 10.82 6.60 8.70
N SER B 56 10.34 7.12 7.58
CA SER B 56 9.57 6.32 6.63
C SER B 56 10.07 4.90 6.23
N GLY B 57 11.31 4.75 5.78
CA GLY B 57 11.79 3.41 5.38
C GLY B 57 11.81 2.35 6.48
N VAL B 58 11.87 2.79 7.73
CA VAL B 58 12.42 2.01 8.84
C VAL B 58 11.49 0.91 9.40
N PRO B 59 12.00 -0.32 9.57
CA PRO B 59 11.25 -1.45 10.15
C PRO B 59 10.64 -1.16 11.52
N SER B 60 9.45 -1.67 11.76
CA SER B 60 8.70 -1.34 12.98
C SER B 60 9.20 -2.01 14.26
N ARG B 61 10.21 -2.88 14.15
CA ARG B 61 10.86 -3.42 15.35
C ARG B 61 11.67 -2.33 16.08
N PHE B 62 12.08 -1.30 15.36
CA PHE B 62 12.68 -0.14 15.99
C PHE B 62 11.57 0.67 16.67
N SER B 63 11.92 1.34 17.77
CA SER B 63 11.01 2.17 18.50
C SER B 63 11.82 2.98 19.51
N GLY B 64 11.26 4.09 19.98
CA GLY B 64 12.01 4.96 20.89
C GLY B 64 11.09 5.61 21.89
N SER B 65 11.68 6.20 22.93
CA SER B 65 10.92 6.70 24.04
C SER B 65 11.76 7.67 24.83
N GLY B 66 11.12 8.59 25.54
CA GLY B 66 11.82 9.52 26.41
C GLY B 66 11.45 10.98 26.24
N SER B 67 11.89 11.79 27.18
CA SER B 67 11.57 13.19 27.22
C SER B 67 12.48 13.83 28.24
N GLY B 68 12.92 15.04 27.96
CA GLY B 68 13.74 15.75 28.92
C GLY B 68 15.19 15.38 28.78
N THR B 69 15.62 14.38 29.56
CA THR B 69 17.03 14.09 29.70
C THR B 69 17.45 12.65 29.38
N GLU B 70 16.53 11.68 29.49
CA GLU B 70 16.84 10.28 29.27
C GLU B 70 15.98 9.67 28.19
N PHE B 71 16.61 9.00 27.23
CA PHE B 71 15.92 8.48 26.04
C PHE B 71 16.40 7.09 25.78
N THR B 72 15.55 6.25 25.21
CA THR B 72 15.96 4.90 24.88
C THR B 72 15.53 4.52 23.49
N LEU B 73 16.43 3.80 22.81
CA LEU B 73 16.12 3.13 21.55
C LEU B 73 16.00 1.67 21.84
N THR B 74 15.06 1.02 21.21
CA THR B 74 14.77 -0.38 21.48
C THR B 74 14.51 -1.11 20.17
N ILE B 75 15.16 -2.25 20.02
CA ILE B 75 14.91 -3.11 18.88
C ILE B 75 14.19 -4.32 19.45
N SER B 76 12.92 -4.48 19.11
CA SER B 76 12.09 -5.49 19.78
C SER B 76 12.56 -6.92 19.51
N SER B 77 13.14 -7.16 18.33
CA SER B 77 13.60 -8.50 17.95
C SER B 77 14.77 -8.43 16.97
N LEU B 78 15.97 -8.21 17.50
CA LEU B 78 17.17 -7.97 16.70
C LEU B 78 17.31 -8.90 15.49
N GLN B 79 17.70 -8.33 14.35
CA GLN B 79 17.93 -9.09 13.12
C GLN B 79 19.37 -8.96 12.71
N PRO B 80 19.85 -9.84 11.82
CA PRO B 80 21.22 -9.79 11.32
C PRO B 80 21.60 -8.44 10.77
N ASP B 81 20.67 -7.78 10.10
CA ASP B 81 20.96 -6.46 9.55
C ASP B 81 21.21 -5.38 10.62
N ASP B 82 20.81 -5.64 11.87
CA ASP B 82 20.85 -4.62 12.90
C ASP B 82 22.17 -4.52 13.67
N PHE B 83 23.11 -5.43 13.46
CA PHE B 83 24.41 -5.33 14.15
C PHE B 83 25.19 -4.18 13.52
N ALA B 84 25.44 -3.14 14.31
CA ALA B 84 25.90 -1.85 13.78
C ALA B 84 26.27 -0.92 14.90
N THR B 85 26.61 0.31 14.56
CA THR B 85 26.73 1.33 15.58
C THR B 85 25.49 2.25 15.54
N TYR B 86 25.04 2.70 16.71
CA TYR B 86 23.87 3.58 16.80
C TYR B 86 24.25 4.88 17.48
N TYR B 87 23.69 5.96 16.98
CA TYR B 87 24.03 7.27 17.48
C TYR B 87 22.74 7.99 17.79
N CYS B 88 22.70 8.62 18.95
CA CYS B 88 21.60 9.50 19.23
C CYS B 88 22.08 10.89 18.84
N LYS B 89 21.12 11.77 18.52
CA LYS B 89 21.43 13.14 18.17
C LYS B 89 20.34 14.08 18.67
N GLN B 90 20.77 15.04 19.47
CA GLN B 90 19.94 16.04 20.02
C GLN B 90 19.77 17.19 18.98
N TYR B 91 18.57 17.78 18.88
CA TYR B 91 18.39 18.97 18.04
C TYR B 91 17.48 20.02 18.70
N ALA B 92 17.55 20.08 20.01
CA ALA B 92 16.87 21.09 20.76
C ALA B 92 17.62 22.39 20.59
N ASP B 93 18.91 22.32 20.34
CA ASP B 93 19.76 23.52 20.30
C ASP B 93 20.99 23.25 19.46
N TYR B 94 20.93 23.62 18.17
CA TYR B 94 21.89 23.15 17.19
C TYR B 94 21.86 21.63 17.22
N TRP B 95 22.96 20.97 16.88
CA TRP B 95 22.98 19.52 16.75
C TRP B 95 24.14 18.93 17.56
N THR B 96 23.87 17.86 18.32
CA THR B 96 24.94 17.09 18.95
C THR B 96 24.65 15.62 18.95
N PHE B 97 25.62 14.86 18.45
CA PHE B 97 25.57 13.39 18.48
C PHE B 97 26.15 12.85 19.76
N GLY B 98 25.59 11.74 20.21
CA GLY B 98 26.25 10.95 21.27
C GLY B 98 27.51 10.25 20.75
N GLN B 99 28.28 9.67 21.64
CA GLN B 99 29.54 9.05 21.25
C GLN B 99 29.38 7.75 20.45
N GLY B 100 28.20 7.15 20.49
CA GLY B 100 27.92 5.92 19.74
C GLY B 100 27.88 4.71 20.67
N THR B 101 27.14 3.67 20.21
CA THR B 101 26.97 2.41 20.89
C THR B 101 27.02 1.28 19.86
N LYS B 102 28.04 0.43 19.97
CA LYS B 102 28.24 -0.71 19.04
C LYS B 102 27.46 -1.91 19.51
N VAL B 103 26.59 -2.44 18.65
CA VAL B 103 25.86 -3.67 18.93
C VAL B 103 26.55 -4.83 18.22
N GLU B 104 27.22 -5.66 19.02
CA GLU B 104 28.08 -6.73 18.49
C GLU B 104 27.43 -8.11 18.63
N ILE B 105 28.02 -9.10 18.00
CA ILE B 105 27.45 -10.43 17.91
C ILE B 105 27.96 -11.29 19.03
N LYS B 106 27.05 -11.90 19.76
CA LYS B 106 27.40 -12.74 20.88
C LYS B 106 27.65 -14.17 20.40
N ARG B 107 28.71 -14.77 20.92
CA ARG B 107 29.06 -16.17 20.65
C ARG B 107 29.79 -16.70 21.88
N THR B 108 30.15 -17.98 21.89
CA THR B 108 30.76 -18.55 23.10
C THR B 108 32.16 -18.05 23.35
N VAL B 109 32.57 -18.11 24.60
CA VAL B 109 33.91 -17.69 24.98
C VAL B 109 34.88 -18.51 24.12
N ALA B 110 35.99 -17.89 23.71
CA ALA B 110 37.03 -18.60 22.93
C ALA B 110 38.40 -18.01 23.26
N ALA B 111 39.32 -18.90 23.65
CA ALA B 111 40.65 -18.49 24.07
C ALA B 111 41.51 -18.13 22.86
N PRO B 112 42.37 -17.12 23.02
CA PRO B 112 43.30 -16.78 21.98
C PRO B 112 44.41 -17.84 21.89
N SER B 113 44.99 -18.02 20.71
CA SER B 113 46.30 -18.65 20.58
C SER B 113 47.31 -17.53 20.60
N VAL B 114 48.40 -17.73 21.32
CA VAL B 114 49.38 -16.67 21.53
C VAL B 114 50.70 -17.02 20.86
N PHE B 115 51.14 -16.18 19.93
CA PHE B 115 52.42 -16.33 19.28
C PHE B 115 53.25 -15.10 19.55
N ILE B 116 54.57 -15.27 19.61
CA ILE B 116 55.48 -14.17 19.84
C ILE B 116 56.56 -14.17 18.77
N PHE B 117 56.91 -12.98 18.32
CA PHE B 117 57.78 -12.80 17.18
C PHE B 117 58.89 -11.87 17.59
N PRO B 118 60.13 -12.37 17.54
CA PRO B 118 61.22 -11.45 17.83
C PRO B 118 61.43 -10.43 16.69
N PRO B 119 62.12 -9.32 17.01
CA PRO B 119 62.53 -8.40 15.97
C PRO B 119 63.47 -9.03 14.93
N SER B 120 63.07 -8.90 13.68
CA SER B 120 63.87 -9.24 12.49
C SER B 120 65.32 -8.71 12.53
N ASP B 121 66.24 -9.41 11.88
CA ASP B 121 67.63 -8.95 11.79
C ASP B 121 67.79 -7.71 10.93
N GLU B 122 66.94 -7.56 9.91
CA GLU B 122 66.92 -6.36 9.07
C GLU B 122 66.58 -5.11 9.89
N GLN B 123 65.56 -5.21 10.71
CA GLN B 123 65.16 -4.10 11.56
C GLN B 123 66.24 -3.73 12.55
N LEU B 124 66.88 -4.74 13.12
CA LEU B 124 67.98 -4.48 14.04
C LEU B 124 69.11 -3.70 13.36
N LYS B 125 69.40 -4.01 12.10
CA LYS B 125 70.43 -3.26 11.36
C LYS B 125 70.03 -1.79 11.27
N SER B 126 68.73 -1.53 11.12
CA SER B 126 68.24 -0.15 11.12
C SER B 126 68.62 0.58 12.40
N GLY B 127 68.04 0.21 13.53
CA GLY B 127 68.26 0.95 14.76
C GLY B 127 67.24 0.71 15.85
N THR B 128 65.95 0.70 15.49
CA THR B 128 64.91 0.29 16.42
C THR B 128 64.75 -1.23 16.39
N ALA B 129 64.02 -1.74 17.38
CA ALA B 129 63.71 -3.17 17.50
C ALA B 129 62.27 -3.33 17.95
N SER B 130 61.51 -4.18 17.26
CA SER B 130 60.10 -4.35 17.53
C SER B 130 59.74 -5.82 17.78
N VAL B 131 59.23 -6.08 18.99
CA VAL B 131 58.80 -7.40 19.41
C VAL B 131 57.28 -7.45 19.39
N VAL B 132 56.72 -8.45 18.71
CA VAL B 132 55.28 -8.51 18.49
C VAL B 132 54.67 -9.72 19.17
N CYS B 133 53.56 -9.47 19.85
CA CYS B 133 52.72 -10.51 20.42
C CYS B 133 51.40 -10.53 19.70
N LEU B 134 51.03 -11.69 19.17
CA LEU B 134 49.75 -11.86 18.50
C LEU B 134 48.79 -12.72 19.35
N LEU B 135 47.58 -12.22 19.62
CA LEU B 135 46.52 -13.06 20.19
C LEU B 135 45.52 -13.27 19.09
N ASN B 136 45.29 -14.52 18.71
CA ASN B 136 44.55 -14.79 17.52
C ASN B 136 43.22 -15.47 17.79
N ASN B 137 42.18 -14.97 17.16
CA ASN B 137 40.84 -15.56 17.15
C ASN B 137 40.22 -15.86 18.52
N PHE B 138 39.96 -14.81 19.28
CA PHE B 138 39.40 -14.95 20.63
C PHE B 138 38.09 -14.19 20.83
N TYR B 139 37.33 -14.65 21.84
CA TYR B 139 36.11 -13.99 22.28
C TYR B 139 35.98 -14.17 23.78
N PRO B 140 35.58 -13.10 24.49
CA PRO B 140 35.23 -11.75 24.07
C PRO B 140 36.42 -10.82 24.02
N ARG B 141 36.21 -9.60 23.56
CA ARG B 141 37.31 -8.67 23.27
C ARG B 141 38.24 -8.39 24.46
N GLU B 142 37.80 -8.60 25.70
CA GLU B 142 38.67 -8.24 26.85
C GLU B 142 39.87 -9.20 26.95
N ALA B 143 41.06 -8.61 27.04
CA ALA B 143 42.28 -9.36 27.17
C ALA B 143 43.37 -8.46 27.71
N LYS B 144 44.25 -9.00 28.54
CA LYS B 144 45.37 -8.23 29.07
C LYS B 144 46.66 -8.79 28.50
N VAL B 145 47.54 -7.90 28.03
CA VAL B 145 48.84 -8.31 27.57
C VAL B 145 49.90 -7.55 28.36
N GLN B 146 50.75 -8.29 29.07
CA GLN B 146 51.86 -7.66 29.77
C GLN B 146 53.16 -8.06 29.12
N TRP B 147 54.06 -7.10 29.01
CA TRP B 147 55.37 -7.34 28.48
C TRP B 147 56.35 -7.45 29.63
N LYS B 148 57.21 -8.46 29.57
CA LYS B 148 58.24 -8.61 30.57
C LYS B 148 59.55 -8.88 29.87
N VAL B 149 60.57 -8.13 30.25
CA VAL B 149 61.91 -8.34 29.76
C VAL B 149 62.78 -8.49 30.99
N ASP B 150 63.42 -9.65 31.12
CA ASP B 150 64.08 -10.04 32.36
C ASP B 150 63.15 -9.83 33.55
N ASN B 151 61.90 -10.24 33.39
CA ASN B 151 60.86 -10.17 34.42
C ASN B 151 60.48 -8.79 35.00
N ALA B 152 61.06 -7.71 34.49
CA ALA B 152 60.56 -6.38 34.78
C ALA B 152 59.35 -6.16 33.89
N LEU B 153 58.19 -6.04 34.52
CA LEU B 153 57.02 -5.44 33.88
C LEU B 153 57.43 -4.19 33.14
N GLN B 154 56.61 -3.83 32.16
CA GLN B 154 56.96 -2.78 31.21
C GLN B 154 56.03 -1.57 31.23
N SER B 155 56.65 -0.39 31.25
CA SER B 155 55.99 0.90 31.12
C SER B 155 55.32 0.99 29.75
N GLY B 156 54.63 2.10 29.47
CA GLY B 156 53.98 2.29 28.18
C GLY B 156 55.04 2.52 27.12
N ASN B 157 55.57 1.42 26.59
CA ASN B 157 56.41 1.46 25.38
C ASN B 157 55.93 0.38 24.41
N SER B 158 54.61 0.23 24.34
CA SER B 158 54.01 -0.75 23.48
C SER B 158 52.62 -0.29 23.10
N GLN B 159 52.19 -0.67 21.90
CA GLN B 159 50.85 -0.34 21.44
C GLN B 159 50.15 -1.60 20.97
N GLU B 160 48.82 -1.58 21.11
CA GLU B 160 47.96 -2.70 20.73
C GLU B 160 47.10 -2.29 19.56
N SER B 161 46.56 -3.27 18.85
CA SER B 161 45.65 -3.01 17.75
C SER B 161 44.68 -4.19 17.61
N VAL B 162 43.42 -3.92 17.32
CA VAL B 162 42.39 -4.95 17.38
C VAL B 162 41.54 -4.98 16.12
N THR B 163 41.23 -6.17 15.64
CA THR B 163 40.32 -6.32 14.53
C THR B 163 38.88 -6.21 15.01
N GLU B 164 37.98 -5.94 14.09
CA GLU B 164 36.57 -6.05 14.41
C GLU B 164 36.15 -7.50 14.27
N GLN B 165 34.97 -7.85 14.77
CA GLN B 165 34.50 -9.21 14.74
C GLN B 165 34.70 -9.80 13.35
N ASP B 166 35.48 -10.88 13.28
CA ASP B 166 35.63 -11.61 12.06
C ASP B 166 34.25 -11.97 11.54
N SER B 167 34.07 -11.87 10.23
CA SER B 167 32.78 -12.17 9.62
C SER B 167 32.49 -13.66 9.65
N LYS B 168 33.52 -14.49 9.67
CA LYS B 168 33.31 -15.93 9.63
C LYS B 168 32.99 -16.51 11.03
N ASP B 169 33.81 -16.22 12.04
CA ASP B 169 33.67 -16.85 13.37
C ASP B 169 33.36 -15.87 14.52
N SER B 170 33.08 -14.63 14.19
CA SER B 170 32.75 -13.58 15.15
C SER B 170 33.77 -13.38 16.25
N THR B 171 35.02 -13.77 16.05
CA THR B 171 36.07 -13.54 17.05
C THR B 171 36.81 -12.26 16.76
N TYR B 172 37.61 -11.84 17.73
CA TYR B 172 38.55 -10.74 17.60
C TYR B 172 39.95 -11.31 17.46
N SER B 173 40.89 -10.47 17.05
CA SER B 173 42.31 -10.75 17.19
C SER B 173 42.99 -9.45 17.56
N LEU B 174 44.16 -9.57 18.17
CA LEU B 174 44.84 -8.42 18.73
C LEU B 174 46.33 -8.61 18.53
N SER B 175 47.01 -7.49 18.33
CA SER B 175 48.44 -7.47 18.24
C SER B 175 48.90 -6.53 19.33
N SER B 176 50.03 -6.83 19.92
CA SER B 176 50.69 -5.90 20.82
C SER B 176 52.13 -5.81 20.39
N THR B 177 52.62 -4.59 20.19
CA THR B 177 53.93 -4.38 19.65
C THR B 177 54.76 -3.57 20.64
N LEU B 178 55.93 -4.10 20.99
CA LEU B 178 56.82 -3.44 21.95
C LEU B 178 58.01 -2.91 21.16
N THR B 179 58.19 -1.59 21.16
CA THR B 179 59.27 -0.93 20.42
C THR B 179 60.40 -0.46 21.35
N LEU B 180 61.60 -0.96 21.12
CA LEU B 180 62.81 -0.51 21.82
C LEU B 180 63.85 -0.05 20.81
N SER B 181 64.85 0.69 21.30
CA SER B 181 66.05 0.97 20.51
C SER B 181 66.92 -0.27 20.52
N LYS B 182 67.71 -0.47 19.47
CA LYS B 182 68.63 -1.60 19.41
C LYS B 182 69.53 -1.60 20.63
N ALA B 183 69.93 -0.41 21.08
CA ALA B 183 70.75 -0.26 22.28
C ALA B 183 70.12 -1.03 23.44
N ASP B 184 68.88 -0.68 23.79
CA ASP B 184 68.16 -1.30 24.92
C ASP B 184 67.84 -2.76 24.66
N TYR B 185 67.38 -3.07 23.45
CA TYR B 185 67.05 -4.44 23.11
C TYR B 185 68.22 -5.39 23.38
N GLU B 186 69.41 -4.98 22.98
CA GLU B 186 70.59 -5.80 23.17
C GLU B 186 71.06 -5.89 24.63
N LYS B 187 70.44 -5.13 25.52
CA LYS B 187 70.82 -5.12 26.95
C LYS B 187 70.11 -6.17 27.83
N HIS B 188 69.16 -6.92 27.29
CA HIS B 188 68.38 -7.87 28.10
C HIS B 188 68.20 -9.23 27.43
N LYS B 189 68.26 -10.30 28.22
CA LYS B 189 68.28 -11.67 27.70
C LYS B 189 66.93 -12.13 27.16
N VAL B 190 65.94 -12.17 28.06
CA VAL B 190 64.67 -12.85 27.81
C VAL B 190 63.54 -11.85 27.64
N TYR B 191 62.71 -12.09 26.63
CA TYR B 191 61.56 -11.24 26.32
C TYR B 191 60.30 -12.09 26.34
N ALA B 192 59.29 -11.62 27.06
CA ALA B 192 58.10 -12.43 27.31
C ALA B 192 56.79 -11.64 27.24
N CYS B 193 55.79 -12.29 26.67
CA CYS B 193 54.46 -11.76 26.48
C CYS B 193 53.52 -12.54 27.38
N GLU B 194 52.91 -11.87 28.37
CA GLU B 194 51.96 -12.51 29.29
C GLU B 194 50.51 -12.12 29.01
N VAL B 195 49.67 -13.12 28.76
CA VAL B 195 48.29 -12.91 28.30
C VAL B 195 47.27 -13.45 29.31
N THR B 196 46.21 -12.68 29.54
CA THR B 196 45.17 -13.08 30.48
C THR B 196 43.84 -12.88 29.81
N HIS B 197 43.01 -13.91 29.83
CA HIS B 197 41.73 -13.89 29.12
C HIS B 197 40.80 -14.97 29.70
N GLN B 198 39.53 -14.63 29.75
CA GLN B 198 38.49 -15.46 30.35
C GLN B 198 38.55 -16.93 29.93
N GLY B 199 38.83 -17.18 28.65
CA GLY B 199 38.92 -18.52 28.07
C GLY B 199 40.16 -19.33 28.41
N LEU B 200 41.11 -18.67 29.10
CA LEU B 200 42.32 -19.32 29.60
C LEU B 200 42.22 -19.50 31.09
N SER B 201 42.43 -20.71 31.57
CA SER B 201 42.32 -20.99 32.98
C SER B 201 43.51 -20.42 33.77
N SER B 202 44.59 -20.04 33.09
CA SER B 202 45.66 -19.29 33.74
C SER B 202 46.34 -18.40 32.72
N PRO B 203 47.17 -17.44 33.18
CA PRO B 203 47.92 -16.61 32.23
C PRO B 203 48.96 -17.40 31.43
N VAL B 204 48.82 -17.36 30.12
CA VAL B 204 49.77 -17.93 29.20
C VAL B 204 50.94 -16.95 29.05
N THR B 205 52.15 -17.48 29.02
CA THR B 205 53.35 -16.69 28.73
C THR B 205 54.10 -17.30 27.53
N LYS B 206 54.36 -16.48 26.53
CA LYS B 206 55.24 -16.85 25.42
C LYS B 206 56.47 -15.97 25.50
N SER B 207 57.63 -16.55 25.20
CA SER B 207 58.89 -15.85 25.39
C SER B 207 60.00 -16.39 24.51
N PHE B 208 61.13 -15.69 24.51
CA PHE B 208 62.31 -16.11 23.80
C PHE B 208 63.55 -15.47 24.40
N ASN B 209 64.71 -16.00 24.05
CA ASN B 209 65.98 -15.36 24.36
C ASN B 209 66.61 -14.86 23.08
N ARG B 210 67.19 -13.67 23.13
CA ARG B 210 68.05 -13.19 22.05
C ARG B 210 69.14 -14.21 21.70
N GLY B 211 69.61 -14.94 22.72
CA GLY B 211 70.66 -15.96 22.60
C GLY B 211 70.22 -17.29 22.00
N GLU B 212 70.75 -17.58 20.80
CA GLU B 212 70.20 -18.60 19.86
C GLU B 212 68.85 -18.12 19.29
N CYS B 213 68.98 -17.08 18.47
CA CYS B 213 67.86 -16.39 17.80
C CYS B 213 68.46 -15.45 16.72
N THR C 12 -61.17 24.34 3.51
CA THR C 12 -60.30 23.90 4.64
C THR C 12 -58.79 24.05 4.33
N ASP C 13 -57.99 24.16 5.39
CA ASP C 13 -56.56 24.52 5.26
C ASP C 13 -55.72 23.36 4.68
N ILE C 14 -55.06 23.63 3.55
CA ILE C 14 -54.25 22.63 2.84
C ILE C 14 -52.76 23.00 2.82
N GLY C 15 -52.38 23.98 3.61
CA GLY C 15 -50.98 24.39 3.68
C GLY C 15 -50.23 23.47 4.61
N SER C 16 -49.03 23.88 4.99
CA SER C 16 -48.30 23.21 6.05
C SER C 16 -49.14 23.42 7.27
N ASN C 17 -48.81 22.71 8.33
CA ASN C 17 -49.53 22.93 9.55
C ASN C 17 -48.52 23.19 10.63
N THR C 18 -47.54 24.03 10.27
CA THR C 18 -46.36 24.26 11.08
C THR C 18 -46.22 25.75 11.37
N THR C 19 -45.82 26.09 12.59
CA THR C 19 -45.50 27.47 12.94
C THR C 19 -44.07 27.52 13.42
N VAL C 20 -43.41 28.64 13.18
CA VAL C 20 -42.04 28.83 13.60
C VAL C 20 -41.96 30.10 14.42
N LYS C 21 -41.56 30.00 15.68
CA LYS C 21 -41.41 31.16 16.55
C LYS C 21 -39.94 31.40 16.91
N THR C 22 -39.43 32.57 16.58
CA THR C 22 -38.00 32.86 16.70
C THR C 22 -37.75 34.04 17.58
N GLY C 23 -36.74 33.93 18.46
CA GLY C 23 -36.35 35.03 19.34
C GLY C 23 -34.84 35.03 19.52
N ASP C 24 -34.34 35.97 20.32
CA ASP C 24 -32.89 36.08 20.57
C ASP C 24 -32.54 36.47 22.00
N LEU C 25 -31.51 35.83 22.53
CA LEU C 25 -30.91 36.15 23.80
C LEU C 25 -29.49 36.56 23.50
N VAL C 26 -29.09 37.70 24.03
CA VAL C 26 -27.74 38.17 23.82
C VAL C 26 -27.14 38.53 25.16
N THR C 27 -25.91 38.07 25.39
CA THR C 27 -25.17 38.39 26.59
C THR C 27 -23.75 38.75 26.22
N TYR C 28 -23.23 39.78 26.87
CA TYR C 28 -21.85 40.11 26.72
C TYR C 28 -21.18 39.73 28.03
N ASP C 29 -20.21 38.85 27.94
CA ASP C 29 -19.35 38.49 29.06
C ASP C 29 -18.07 39.32 28.97
N LYS C 30 -18.03 40.42 29.72
CA LYS C 30 -16.90 41.33 29.66
C LYS C 30 -15.62 40.62 30.00
N GLU C 31 -15.62 39.87 31.10
CA GLU C 31 -14.38 39.32 31.64
C GLU C 31 -13.72 38.34 30.69
N ASN C 32 -14.52 37.50 30.03
CA ASN C 32 -14.01 36.55 29.04
C ASN C 32 -13.99 37.03 27.60
N GLY C 33 -14.24 38.31 27.38
CA GLY C 33 -14.31 38.87 26.03
C GLY C 33 -15.16 38.07 25.07
N MET C 34 -16.39 37.74 25.47
CA MET C 34 -17.28 36.96 24.62
C MET C 34 -18.66 37.58 24.49
N HIS C 35 -19.11 37.66 23.25
CA HIS C 35 -20.39 38.24 22.91
C HIS C 35 -21.25 37.07 22.46
N LYS C 36 -21.98 36.49 23.39
CA LYS C 36 -22.87 35.39 23.06
C LYS C 36 -24.18 35.92 22.48
N LYS C 37 -24.55 35.40 21.32
CA LYS C 37 -25.76 35.78 20.65
C LYS C 37 -26.45 34.50 20.24
N VAL C 38 -27.54 34.16 20.91
CA VAL C 38 -28.23 32.91 20.67
C VAL C 38 -29.57 33.21 20.08
N PHE C 39 -29.85 32.60 18.93
CA PHE C 39 -31.18 32.65 18.32
C PHE C 39 -31.88 31.32 18.59
N TYR C 40 -33.18 31.36 18.84
CA TYR C 40 -33.94 30.14 19.09
C TYR C 40 -35.20 30.17 18.25
N SER C 41 -35.60 28.99 17.77
CA SER C 41 -36.72 28.86 16.87
C SER C 41 -37.48 27.60 17.19
N PHE C 42 -38.68 27.75 17.74
CA PHE C 42 -39.56 26.60 18.02
C PHE C 42 -40.34 26.20 16.77
N ILE C 43 -40.31 24.92 16.43
CA ILE C 43 -41.05 24.43 15.28
C ILE C 43 -42.19 23.55 15.75
N ASP C 44 -43.40 24.06 15.55
CA ASP C 44 -44.60 23.41 16.03
C ASP C 44 -45.36 22.87 14.84
N ASP C 45 -44.92 21.72 14.35
CA ASP C 45 -45.66 21.00 13.31
C ASP C 45 -46.81 20.27 13.98
N LYS C 46 -48.00 20.85 13.91
CA LYS C 46 -49.17 20.25 14.57
C LYS C 46 -49.57 18.88 14.03
N ASN C 47 -48.96 18.42 12.94
CA ASN C 47 -49.11 17.03 12.51
C ASN C 47 -48.00 16.10 13.02
N HIS C 48 -47.36 16.44 14.12
CA HIS C 48 -46.27 15.62 14.60
C HIS C 48 -46.27 15.57 16.12
N ASN C 49 -46.17 14.36 16.66
CA ASN C 49 -46.26 14.12 18.11
C ASN C 49 -45.15 14.76 18.94
N LYS C 50 -44.09 15.18 18.27
CA LYS C 50 -42.98 15.88 18.91
C LYS C 50 -42.89 17.33 18.42
N LYS C 51 -42.10 18.11 19.15
CA LYS C 51 -42.01 19.55 18.95
C LYS C 51 -40.55 19.96 19.03
N LEU C 52 -40.04 20.63 17.99
CA LEU C 52 -38.60 20.91 17.88
C LEU C 52 -38.20 22.29 18.37
N LEU C 53 -36.90 22.44 18.63
CA LEU C 53 -36.28 23.72 18.92
C LEU C 53 -34.94 23.78 18.25
N VAL C 54 -34.69 24.84 17.50
CA VAL C 54 -33.39 25.03 16.92
C VAL C 54 -32.69 26.14 17.69
N ILE C 55 -31.51 25.82 18.22
CA ILE C 55 -30.69 26.80 18.93
C ILE C 55 -29.47 27.10 18.07
N ARG C 56 -29.41 28.34 17.63
CA ARG C 56 -28.33 28.81 16.81
C ARG C 56 -27.38 29.64 17.68
N THR C 57 -26.12 29.24 17.72
CA THR C 57 -25.12 29.87 18.55
C THR C 57 -24.19 30.74 17.71
N LYS C 58 -24.35 32.05 17.82
CA LYS C 58 -23.50 32.99 17.11
C LYS C 58 -22.85 33.92 18.11
N GLY C 59 -22.37 35.06 17.62
CA GLY C 59 -21.70 36.04 18.44
C GLY C 59 -20.24 36.05 18.07
N THR C 60 -19.41 36.46 19.01
CA THR C 60 -18.00 36.52 18.77
C THR C 60 -17.22 36.21 20.03
N ILE C 61 -16.23 35.31 19.88
CA ILE C 61 -15.26 35.04 20.92
C ILE C 61 -14.04 35.84 20.50
N ALA C 62 -13.70 36.88 21.25
CA ALA C 62 -12.54 37.70 20.92
C ALA C 62 -11.28 36.81 20.89
N GLY C 63 -10.31 37.15 20.06
CA GLY C 63 -9.06 36.36 19.97
C GLY C 63 -8.11 36.63 21.12
N GLN C 64 -7.86 37.91 21.37
CA GLN C 64 -7.02 38.36 22.51
C GLN C 64 -5.59 37.87 22.39
N TYR C 65 -5.01 38.29 21.27
CA TYR C 65 -3.62 38.02 20.90
C TYR C 65 -2.88 39.18 21.50
N ARG C 66 -2.11 38.91 22.55
CA ARG C 66 -1.48 39.98 23.29
C ARG C 66 -0.22 39.50 23.99
N VAL C 67 0.72 40.41 24.14
CA VAL C 67 1.88 40.14 24.96
C VAL C 67 1.36 39.96 26.36
N TYR C 68 1.60 38.77 26.92
CA TYR C 68 1.15 38.42 28.26
C TYR C 68 2.21 38.66 29.31
N SER C 69 3.43 38.27 28.99
CA SER C 69 4.52 38.27 29.98
C SER C 69 5.79 38.87 29.39
N GLU C 70 6.57 39.51 30.25
CA GLU C 70 7.86 40.08 29.89
C GLU C 70 8.84 39.83 31.05
N GLU C 71 9.84 38.98 30.82
CA GLU C 71 10.84 38.68 31.86
C GLU C 71 12.05 39.62 31.83
N GLY C 72 12.24 40.32 30.72
CA GLY C 72 13.19 41.41 30.65
C GLY C 72 13.27 41.73 29.18
N ALA C 73 14.34 42.37 28.75
CA ALA C 73 14.49 42.58 27.29
C ALA C 73 14.55 41.28 26.51
N ASN C 74 14.99 40.20 27.15
CA ASN C 74 15.41 39.01 26.43
C ASN C 74 14.42 37.84 26.40
N LYS C 75 13.29 37.99 27.08
CA LYS C 75 12.26 36.96 27.09
C LYS C 75 10.87 37.62 27.22
N SER C 76 9.91 37.09 26.47
CA SER C 76 8.55 37.59 26.51
C SER C 76 7.60 36.52 26.01
N GLY C 77 6.40 36.47 26.57
CA GLY C 77 5.40 35.50 26.17
C GLY C 77 4.14 36.19 25.65
N LEU C 78 3.56 35.53 24.67
CA LEU C 78 2.45 36.01 23.91
C LEU C 78 1.31 35.02 24.03
N ALA C 79 0.18 35.46 24.60
CA ALA C 79 -0.97 34.58 24.71
C ALA C 79 -1.71 34.69 23.42
N TRP C 80 -2.03 33.56 22.79
CA TRP C 80 -2.75 33.56 21.53
C TRP C 80 -3.76 32.42 21.47
N PRO C 81 -4.84 32.59 20.70
CA PRO C 81 -5.91 31.60 20.76
C PRO C 81 -5.67 30.41 19.88
N SER C 82 -5.51 29.25 20.51
CA SER C 82 -5.24 27.99 19.81
C SER C 82 -6.52 27.26 19.43
N ALA C 83 -7.62 27.54 20.13
CA ALA C 83 -8.90 26.95 19.77
C ALA C 83 -10.10 27.73 20.34
N PHE C 84 -11.24 27.64 19.64
CA PHE C 84 -12.49 28.19 20.13
C PHE C 84 -13.48 27.05 20.18
N LYS C 85 -14.29 26.99 21.23
CA LYS C 85 -15.25 25.89 21.40
C LYS C 85 -16.65 26.40 21.73
N VAL C 86 -17.65 25.67 21.24
CA VAL C 86 -19.03 25.88 21.62
C VAL C 86 -19.62 24.52 21.96
N GLN C 87 -20.24 24.41 23.13
CA GLN C 87 -20.79 23.17 23.62
C GLN C 87 -22.19 23.38 24.16
N LEU C 88 -23.08 22.44 23.85
CA LEU C 88 -24.43 22.41 24.38
C LEU C 88 -24.60 21.15 25.21
N GLN C 89 -25.30 21.25 26.32
CA GLN C 89 -25.46 20.10 27.17
C GLN C 89 -26.76 20.11 27.92
N LEU C 90 -27.61 19.15 27.62
CA LEU C 90 -28.79 18.88 28.45
C LEU C 90 -28.37 18.05 29.64
N PRO C 91 -28.93 18.34 30.82
CA PRO C 91 -28.71 17.42 31.95
C PRO C 91 -29.30 16.01 31.70
N ASP C 92 -28.82 15.02 32.45
CA ASP C 92 -29.16 13.61 32.22
C ASP C 92 -30.60 13.26 32.56
N ASN C 93 -31.13 13.90 33.59
CA ASN C 93 -32.53 13.71 34.00
C ASN C 93 -33.56 14.31 33.03
N GLU C 94 -33.12 15.20 32.13
CA GLU C 94 -34.04 15.85 31.22
C GLU C 94 -34.65 14.86 30.22
N VAL C 95 -35.94 15.08 29.95
CA VAL C 95 -36.69 14.27 29.00
C VAL C 95 -36.31 14.58 27.53
N ALA C 96 -36.02 15.84 27.23
CA ALA C 96 -35.70 16.27 25.86
C ALA C 96 -34.39 15.68 25.32
N GLN C 97 -34.27 15.64 23.98
CA GLN C 97 -33.10 15.05 23.31
C GLN C 97 -32.58 15.87 22.13
N ILE C 98 -31.29 15.71 21.84
CA ILE C 98 -30.68 16.28 20.66
C ILE C 98 -30.94 15.35 19.49
N SER C 99 -31.48 15.91 18.40
CA SER C 99 -31.84 15.13 17.22
C SER C 99 -31.09 15.53 15.94
N ASP C 100 -30.44 16.70 15.90
CA ASP C 100 -29.60 17.10 14.77
C ASP C 100 -28.65 18.22 15.17
N TYR C 101 -27.63 18.44 14.34
CA TYR C 101 -26.65 19.48 14.60
C TYR C 101 -25.95 19.89 13.30
N TYR C 102 -25.43 21.11 13.28
CA TYR C 102 -24.88 21.67 12.07
C TYR C 102 -23.74 22.59 12.45
N PRO C 103 -22.54 22.36 11.87
CA PRO C 103 -22.14 21.28 10.97
C PRO C 103 -22.36 19.88 11.56
N ARG C 104 -22.66 18.93 10.68
CA ARG C 104 -22.81 17.52 11.02
C ARG C 104 -21.49 16.78 11.13
N ASN C 105 -20.42 17.41 10.67
CA ASN C 105 -19.15 16.75 10.58
C ASN C 105 -18.06 17.79 10.52
N SER C 106 -16.83 17.33 10.56
CA SER C 106 -15.71 18.26 10.57
C SER C 106 -15.70 19.07 9.29
N ILE C 107 -15.07 20.23 9.36
CA ILE C 107 -15.06 21.14 8.23
C ILE C 107 -13.66 21.67 8.06
N ASP C 108 -13.11 21.47 6.87
CA ASP C 108 -11.76 21.89 6.56
C ASP C 108 -11.69 23.13 5.69
N THR C 109 -12.75 23.40 4.94
CA THR C 109 -12.80 24.61 4.11
C THR C 109 -12.82 25.88 4.96
N LYS C 110 -12.45 26.98 4.32
CA LYS C 110 -12.30 28.27 4.97
C LYS C 110 -13.66 28.87 5.35
N GLU C 111 -14.72 28.47 4.66
CA GLU C 111 -16.06 28.94 4.96
C GLU C 111 -16.97 27.77 5.17
N TYR C 112 -17.91 27.91 6.10
CA TYR C 112 -19.01 26.96 6.19
C TYR C 112 -20.29 27.73 5.90
N MET C 113 -21.20 27.10 5.17
CA MET C 113 -22.49 27.68 4.89
C MET C 113 -23.52 26.60 4.64
N SER C 114 -24.66 26.72 5.30
CA SER C 114 -25.78 25.79 5.13
C SER C 114 -27.10 26.54 5.37
N THR C 115 -28.07 26.33 4.51
CA THR C 115 -29.40 26.86 4.75
C THR C 115 -30.28 25.74 5.31
N LEU C 116 -30.85 25.99 6.48
CA LEU C 116 -31.62 24.99 7.20
C LEU C 116 -33.10 25.11 6.92
N THR C 117 -33.72 23.98 6.53
CA THR C 117 -35.16 23.93 6.30
C THR C 117 -35.78 22.81 7.13
N TYR C 118 -37.10 22.85 7.28
CA TYR C 118 -37.83 21.80 7.99
C TYR C 118 -38.60 20.94 7.01
N GLY C 119 -38.30 19.66 7.01
CA GLY C 119 -38.84 18.71 6.03
C GLY C 119 -39.96 17.82 6.50
N PHE C 120 -40.50 18.08 7.69
CA PHE C 120 -41.86 17.65 8.11
C PHE C 120 -42.05 16.48 9.07
N ASN C 121 -41.04 15.69 9.36
CA ASN C 121 -41.28 14.64 10.36
C ASN C 121 -40.24 14.73 11.43
N GLY C 122 -40.30 15.80 12.21
CA GLY C 122 -39.21 16.15 13.10
C GLY C 122 -37.87 16.21 12.36
N ASN C 123 -37.89 16.44 11.05
CA ASN C 123 -36.67 16.43 10.24
C ASN C 123 -36.26 17.81 9.80
N VAL C 124 -34.98 18.12 10.00
CA VAL C 124 -34.42 19.40 9.60
C VAL C 124 -33.29 19.13 8.62
N THR C 125 -33.33 19.79 7.48
CA THR C 125 -32.28 19.62 6.48
C THR C 125 -31.38 20.85 6.39
N GLY C 126 -30.13 20.60 6.01
CA GLY C 126 -29.19 21.64 5.63
C GLY C 126 -28.86 21.43 4.16
N GLY C 137 -39.28 23.06 -2.72
CA GLY C 137 -40.60 22.48 -2.94
C GLY C 137 -41.37 22.27 -1.64
N ALA C 138 -41.35 21.03 -1.14
CA ALA C 138 -42.14 20.64 0.03
C ALA C 138 -41.37 20.80 1.36
N ASN C 139 -40.99 22.04 1.66
CA ASN C 139 -40.21 22.33 2.85
C ASN C 139 -40.69 23.63 3.46
N VAL C 140 -40.56 23.73 4.78
CA VAL C 140 -40.81 24.98 5.46
C VAL C 140 -39.48 25.62 5.76
N SER C 141 -39.29 26.84 5.27
CA SER C 141 -38.13 27.64 5.64
C SER C 141 -38.27 28.05 7.10
N ILE C 142 -37.17 27.98 7.84
CA ILE C 142 -37.18 28.41 9.22
C ILE C 142 -36.40 29.71 9.38
N GLY C 143 -35.80 30.19 8.29
CA GLY C 143 -35.13 31.48 8.25
C GLY C 143 -33.72 31.50 8.83
N HIS C 144 -32.98 30.40 8.67
CA HIS C 144 -31.62 30.36 9.16
C HIS C 144 -30.70 29.89 8.06
N THR C 145 -29.75 30.75 7.70
CA THR C 145 -28.63 30.33 6.88
C THR C 145 -27.38 30.51 7.73
N LEU C 146 -26.81 29.38 8.15
CA LEU C 146 -25.58 29.37 8.92
C LEU C 146 -24.42 29.80 8.03
N LYS C 147 -23.56 30.67 8.55
CA LYS C 147 -22.37 31.05 7.83
C LYS C 147 -21.27 31.47 8.78
N TYR C 148 -20.07 30.90 8.60
CA TYR C 148 -18.87 31.38 9.30
C TYR C 148 -17.60 31.11 8.55
N VAL C 149 -16.55 31.80 8.97
CA VAL C 149 -15.22 31.63 8.41
C VAL C 149 -14.18 31.22 9.45
N GLN C 150 -13.18 30.45 9.01
CA GLN C 150 -12.13 29.98 9.90
C GLN C 150 -10.75 29.98 9.25
N PRO C 151 -10.35 31.08 8.58
CA PRO C 151 -9.00 31.11 7.96
C PRO C 151 -7.92 30.59 8.93
N ASP C 152 -7.13 29.63 8.46
CA ASP C 152 -6.03 28.99 9.21
C ASP C 152 -6.47 28.02 10.29
N PHE C 153 -7.76 27.75 10.43
CA PHE C 153 -8.28 26.86 11.46
C PHE C 153 -9.15 25.75 10.87
N LYS C 154 -9.41 24.68 11.61
CA LYS C 154 -10.35 23.61 11.19
C LYS C 154 -11.48 23.54 12.17
N THR C 155 -12.57 22.89 11.77
CA THR C 155 -13.66 22.63 12.70
C THR C 155 -13.74 21.15 12.92
N ILE C 156 -13.66 20.75 14.19
CA ILE C 156 -13.80 19.36 14.59
C ILE C 156 -15.07 19.25 15.40
N LEU C 157 -15.88 18.25 15.10
CA LEU C 157 -17.11 17.96 15.82
C LEU C 157 -16.76 17.05 17.01
N GLU C 158 -17.19 17.44 18.20
CA GLU C 158 -16.91 16.65 19.41
C GLU C 158 -18.01 15.64 19.68
N SER C 159 -17.60 14.38 19.84
CA SER C 159 -18.51 13.24 19.97
C SER C 159 -19.89 13.60 20.50
N PRO C 160 -20.86 13.72 19.58
CA PRO C 160 -22.20 14.09 19.97
C PRO C 160 -22.93 12.93 20.61
N THR C 161 -23.90 13.25 21.46
CA THR C 161 -24.84 12.27 22.03
C THR C 161 -26.22 12.90 22.00
N ASP C 162 -27.20 12.27 22.61
CA ASP C 162 -28.52 12.87 22.68
C ASP C 162 -28.66 13.94 23.77
N LYS C 163 -27.63 14.12 24.61
CA LYS C 163 -27.65 15.18 25.64
C LYS C 163 -26.54 16.22 25.49
N LYS C 164 -25.63 16.01 24.55
CA LYS C 164 -24.43 16.84 24.45
C LYS C 164 -23.95 16.88 23.02
N VAL C 165 -23.54 18.06 22.58
CA VAL C 165 -22.92 18.22 21.27
C VAL C 165 -21.92 19.36 21.36
N GLY C 166 -20.93 19.34 20.49
CA GLY C 166 -19.90 20.37 20.56
C GLY C 166 -19.06 20.44 19.29
N TRP C 167 -18.54 21.63 19.03
CA TRP C 167 -17.65 21.91 17.92
C TRP C 167 -16.40 22.54 18.51
N LYS C 168 -15.22 22.17 18.02
CA LYS C 168 -14.04 22.96 18.33
C LYS C 168 -13.40 23.42 17.05
N VAL C 169 -12.96 24.68 17.06
CA VAL C 169 -12.39 25.32 15.90
C VAL C 169 -10.95 25.53 16.28
N ILE C 170 -10.10 24.66 15.79
CA ILE C 170 -8.71 24.60 16.21
C ILE C 170 -7.70 25.13 15.21
N PHE C 171 -6.65 25.73 15.73
CA PHE C 171 -5.61 26.26 14.88
C PHE C 171 -4.96 25.15 14.08
N ASN C 172 -4.58 25.45 12.88
CA ASN C 172 -4.05 24.37 12.08
C ASN C 172 -2.77 24.69 11.39
N ASN C 173 -2.69 25.92 10.96
CA ASN C 173 -1.62 26.23 10.03
C ASN C 173 -1.41 27.72 9.68
N MET C 174 -0.15 28.19 9.58
CA MET C 174 -0.01 29.61 9.21
C MET C 174 1.30 30.00 8.55
N VAL C 175 1.23 30.62 7.38
CA VAL C 175 2.41 31.25 6.77
C VAL C 175 2.80 32.46 7.59
N ASN C 176 4.09 32.70 7.73
CA ASN C 176 4.60 33.84 8.48
C ASN C 176 5.53 34.62 7.59
N GLN C 177 5.04 35.76 7.05
CA GLN C 177 5.80 36.65 6.18
C GLN C 177 6.51 35.91 5.04
N ASN C 178 5.73 35.11 4.32
CA ASN C 178 6.21 34.28 3.20
C ASN C 178 7.21 33.26 3.63
N TRP C 179 7.10 32.89 4.89
CA TRP C 179 7.89 31.78 5.33
C TRP C 179 6.93 30.66 5.76
N GLY C 180 7.36 29.54 5.17
CA GLY C 180 6.82 28.17 5.23
C GLY C 180 5.75 28.00 6.22
N PRO C 181 4.65 27.30 5.88
CA PRO C 181 3.68 27.27 6.96
C PRO C 181 4.29 26.68 8.25
N TYR C 182 4.09 27.37 9.37
CA TYR C 182 4.42 26.83 10.68
C TYR C 182 3.16 26.41 11.37
N ASP C 183 3.31 25.62 12.43
CA ASP C 183 2.19 25.28 13.29
C ASP C 183 2.63 25.15 14.74
N ARG C 184 1.80 24.55 15.59
CA ARG C 184 2.06 24.52 17.03
C ARG C 184 3.24 23.68 17.43
N ASP C 185 3.64 22.73 16.59
CA ASP C 185 4.76 21.83 16.90
C ASP C 185 5.99 22.03 16.01
N SER C 186 6.01 23.06 15.18
CA SER C 186 7.16 23.26 14.28
C SER C 186 8.38 23.44 15.15
N TRP C 187 9.51 22.86 14.72
CA TRP C 187 10.78 23.05 15.42
C TRP C 187 11.99 23.15 14.49
N ASN C 188 12.82 24.15 14.75
CA ASN C 188 14.05 24.36 14.05
C ASN C 188 15.15 24.37 15.11
N PRO C 189 16.23 23.61 14.91
CA PRO C 189 17.22 23.54 15.95
C PRO C 189 17.88 24.86 16.30
N VAL C 190 17.70 25.86 15.46
CA VAL C 190 18.31 27.16 15.72
C VAL C 190 17.26 28.16 16.23
N TYR C 191 16.17 28.28 15.50
CA TYR C 191 15.16 29.31 15.79
C TYR C 191 13.97 28.75 16.59
N GLY C 192 13.92 27.45 16.78
CA GLY C 192 12.85 26.82 17.51
C GLY C 192 11.58 26.92 16.72
N ASN C 193 10.48 27.19 17.44
CA ASN C 193 9.20 27.34 16.79
C ASN C 193 9.06 28.77 16.33
N GLN C 194 8.94 28.97 15.02
CA GLN C 194 8.91 30.32 14.43
C GLN C 194 7.51 30.93 14.14
N LEU C 195 6.47 30.30 14.65
CA LEU C 195 5.09 30.66 14.36
C LEU C 195 4.81 32.19 14.32
N PHE C 196 5.10 32.89 15.41
CA PHE C 196 4.89 34.31 15.47
C PHE C 196 6.18 35.04 15.72
N MET C 197 7.26 34.57 15.12
CA MET C 197 8.56 35.27 15.21
C MET C 197 8.60 36.32 14.12
N LYS C 198 8.84 37.57 14.52
CA LYS C 198 8.87 38.66 13.59
C LYS C 198 10.20 38.67 12.88
N THR C 199 11.27 38.61 13.67
CA THR C 199 12.62 38.65 13.12
C THR C 199 13.54 37.69 13.86
N ARG C 200 14.50 37.13 13.13
CA ARG C 200 15.46 36.21 13.71
C ARG C 200 16.57 36.91 14.47
N ASN C 201 16.89 38.13 14.07
CA ASN C 201 18.01 38.84 14.70
C ASN C 201 17.75 40.24 15.12
N GLY C 202 16.49 40.67 15.04
CA GLY C 202 16.10 42.02 15.45
C GLY C 202 16.74 42.40 16.78
N SER C 203 17.14 43.66 16.89
CA SER C 203 17.73 44.17 18.13
C SER C 203 16.69 44.87 19.01
N MET C 204 15.41 44.68 18.73
CA MET C 204 14.41 45.16 19.65
C MET C 204 14.34 44.26 20.86
N LYS C 205 13.54 44.64 21.84
CA LYS C 205 13.28 43.76 22.97
C LYS C 205 12.27 42.69 22.58
N ALA C 206 12.22 41.63 23.36
CA ALA C 206 11.41 40.48 23.04
C ALA C 206 9.93 40.85 22.86
N ALA C 207 9.37 41.63 23.79
CA ALA C 207 7.95 42.08 23.65
C ALA C 207 7.65 42.78 22.31
N ASP C 208 8.65 43.38 21.68
CA ASP C 208 8.48 43.98 20.37
C ASP C 208 8.75 43.03 19.23
N ASN C 209 9.11 41.78 19.49
CA ASN C 209 9.50 40.93 18.36
C ASN C 209 8.42 39.94 17.89
N PHE C 210 7.17 40.18 18.22
CA PHE C 210 6.09 39.30 17.78
C PHE C 210 5.44 39.83 16.50
N LEU C 211 4.96 38.87 15.72
CA LEU C 211 4.28 39.15 14.48
C LEU C 211 3.06 40.03 14.73
N ASP C 212 2.97 41.10 13.96
CA ASP C 212 1.79 41.92 13.93
C ASP C 212 0.55 41.04 13.64
N PRO C 213 -0.51 41.18 14.45
CA PRO C 213 -1.66 40.26 14.34
C PRO C 213 -2.47 40.43 13.05
N ASN C 214 -2.32 41.58 12.41
CA ASN C 214 -2.94 41.83 11.13
C ASN C 214 -2.17 41.17 9.99
N LYS C 215 -1.11 40.43 10.31
CA LYS C 215 -0.46 39.58 9.31
C LYS C 215 -0.94 38.14 9.43
N ALA C 216 -1.59 37.81 10.53
CA ALA C 216 -2.11 36.46 10.78
C ALA C 216 -3.61 36.36 10.48
N SER C 217 -4.20 35.22 10.79
CA SER C 217 -5.63 35.05 10.68
C SER C 217 -6.34 36.16 11.48
N SER C 218 -7.51 36.55 11.01
CA SER C 218 -8.30 37.51 11.77
C SER C 218 -8.85 36.85 13.06
N LEU C 219 -8.92 35.51 13.07
CA LEU C 219 -9.32 34.83 14.29
C LEU C 219 -8.39 35.15 15.45
N LEU C 220 -7.13 35.45 15.18
CA LEU C 220 -6.23 35.75 16.30
C LEU C 220 -6.48 37.15 16.84
N SER C 221 -6.71 38.13 15.95
CA SER C 221 -6.99 39.51 16.37
C SER C 221 -8.45 39.66 16.75
N SER C 222 -9.32 39.89 15.76
CA SER C 222 -10.73 40.12 16.03
C SER C 222 -11.33 38.93 16.77
N GLY C 223 -11.10 37.71 16.30
CA GLY C 223 -11.65 36.55 17.00
C GLY C 223 -12.48 35.70 16.08
N PHE C 224 -13.32 34.86 16.67
CA PHE C 224 -14.11 33.89 15.92
C PHE C 224 -15.58 34.13 16.15
N SER C 225 -16.36 34.02 15.08
CA SER C 225 -17.79 34.20 15.15
C SER C 225 -18.49 32.90 14.84
N PRO C 226 -18.84 32.15 15.87
CA PRO C 226 -19.45 30.87 15.56
C PRO C 226 -20.74 31.09 14.85
N ASP C 227 -21.19 30.06 14.12
CA ASP C 227 -22.54 30.00 13.62
C ASP C 227 -22.91 28.53 13.50
N PHE C 228 -23.22 27.93 14.64
CA PHE C 228 -23.59 26.52 14.71
C PHE C 228 -25.05 26.38 15.10
N ALA C 229 -25.66 25.28 14.68
CA ALA C 229 -27.05 24.99 15.01
C ALA C 229 -27.21 23.62 15.62
N THR C 230 -28.14 23.50 16.55
CA THR C 230 -28.44 22.24 17.19
C THR C 230 -29.93 22.13 17.47
N VAL C 231 -30.52 21.01 17.06
CA VAL C 231 -31.96 20.80 17.08
C VAL C 231 -32.36 19.85 18.20
N ILE C 232 -33.30 20.30 19.03
CA ILE C 232 -33.72 19.57 20.22
C ILE C 232 -35.19 19.23 20.08
N THR C 233 -35.56 18.00 20.45
CA THR C 233 -36.90 17.50 20.28
C THR C 233 -37.58 17.19 21.62
N MET C 234 -38.88 17.46 21.70
CA MET C 234 -39.64 17.21 22.94
C MET C 234 -40.97 16.57 22.63
N ASP C 235 -41.23 15.45 23.29
CA ASP C 235 -42.53 14.81 23.23
C ASP C 235 -43.60 15.72 23.83
N ARG C 236 -44.70 15.87 23.10
CA ARG C 236 -45.83 16.64 23.59
C ARG C 236 -46.36 16.04 24.89
N LYS C 237 -46.54 14.71 24.89
CA LYS C 237 -47.06 14.00 26.07
C LYS C 237 -45.97 13.77 27.12
N ALA C 238 -45.62 14.84 27.84
CA ALA C 238 -44.60 14.75 28.90
C ALA C 238 -44.95 15.74 30.00
N SER C 239 -45.29 15.22 31.18
CA SER C 239 -45.78 16.04 32.29
C SER C 239 -44.90 17.28 32.54
N LYS C 240 -43.58 17.10 32.50
CA LYS C 240 -42.66 18.23 32.60
C LYS C 240 -42.41 18.82 31.21
N GLN C 241 -42.86 20.05 31.00
CA GLN C 241 -42.65 20.74 29.72
C GLN C 241 -41.68 21.90 29.89
N GLN C 242 -40.64 21.69 30.69
CA GLN C 242 -39.63 22.70 30.96
C GLN C 242 -38.25 22.09 31.00
N THR C 243 -37.40 22.50 30.06
CA THR C 243 -36.06 21.93 29.93
C THR C 243 -34.98 22.98 30.22
N ASN C 244 -33.96 22.58 30.95
CA ASN C 244 -32.77 23.40 31.11
C ASN C 244 -31.73 22.95 30.13
N ILE C 245 -30.84 23.85 29.81
CA ILE C 245 -29.75 23.51 28.94
C ILE C 245 -28.62 24.49 29.18
N ASP C 246 -27.39 23.97 29.22
CA ASP C 246 -26.22 24.79 29.42
C ASP C 246 -25.52 24.99 28.08
N VAL C 247 -25.09 26.22 27.84
CA VAL C 247 -24.37 26.58 26.63
C VAL C 247 -23.03 27.17 27.04
N ILE C 248 -21.95 26.61 26.51
CA ILE C 248 -20.61 27.04 26.87
C ILE C 248 -19.87 27.58 25.66
N TYR C 249 -19.28 28.77 25.80
CA TYR C 249 -18.36 29.31 24.80
C TYR C 249 -17.01 29.30 25.50
N GLU C 250 -16.00 28.74 24.83
CA GLU C 250 -14.65 28.57 25.39
C GLU C 250 -13.60 29.16 24.45
N ARG C 251 -12.54 29.72 25.04
CA ARG C 251 -11.34 30.11 24.31
C ARG C 251 -10.14 29.44 24.97
N VAL C 252 -9.35 28.70 24.20
CA VAL C 252 -8.12 28.10 24.71
C VAL C 252 -6.94 28.83 24.12
N ARG C 253 -6.03 29.29 24.98
CA ARG C 253 -4.87 30.05 24.55
C ARG C 253 -3.53 29.30 24.79
N ASP C 254 -2.62 29.39 23.81
CA ASP C 254 -1.24 28.92 23.99
C ASP C 254 -0.35 30.05 24.46
N ASP C 255 0.85 29.71 24.92
CA ASP C 255 1.84 30.69 25.34
C ASP C 255 3.08 30.55 24.42
N TYR C 256 3.21 31.47 23.47
CA TYR C 256 4.33 31.49 22.57
C TYR C 256 5.41 32.40 23.10
N GLN C 257 6.54 31.79 23.49
CA GLN C 257 7.62 32.51 24.18
C GLN C 257 8.72 32.83 23.18
N LEU C 258 9.44 33.93 23.38
CA LEU C 258 10.62 34.26 22.57
C LEU C 258 11.74 34.60 23.52
N HIS C 259 12.93 34.06 23.28
CA HIS C 259 14.10 34.49 24.04
C HIS C 259 15.31 34.63 23.17
N TRP C 260 16.21 35.51 23.61
CA TRP C 260 17.49 35.74 22.98
C TRP C 260 18.44 34.60 23.43
N THR C 261 19.14 33.95 22.49
CA THR C 261 20.09 32.82 22.74
C THR C 261 21.53 33.30 22.86
N SER C 262 21.56 34.57 22.48
CA SER C 262 22.70 35.45 22.48
C SER C 262 23.14 35.73 21.05
N THR C 263 22.79 34.87 20.05
CA THR C 263 23.07 35.15 18.61
C THR C 263 21.81 35.18 17.76
N ASN C 264 20.65 35.00 18.41
CA ASN C 264 19.38 35.10 17.69
C ASN C 264 18.13 34.91 18.56
N TRP C 265 16.97 35.13 17.96
CA TRP C 265 15.74 34.84 18.63
C TRP C 265 15.41 33.36 18.48
N LYS C 266 14.77 32.80 19.51
CA LYS C 266 14.31 31.44 19.46
C LYS C 266 12.95 31.40 20.10
N GLY C 267 12.00 30.74 19.46
CA GLY C 267 10.64 30.69 19.94
C GLY C 267 10.26 29.32 20.48
N THR C 268 9.46 29.30 21.55
CA THR C 268 8.85 28.06 22.04
C THR C 268 7.36 28.25 22.19
N ASN C 269 6.59 27.20 21.98
CA ASN C 269 5.14 27.28 22.13
C ASN C 269 4.60 26.25 23.10
N THR C 270 4.01 26.72 24.20
CA THR C 270 3.37 25.90 25.23
C THR C 270 1.88 25.72 24.93
N LYS C 271 1.46 24.50 24.63
CA LYS C 271 0.05 24.24 24.28
C LYS C 271 -0.94 24.37 25.44
N ASP C 272 -2.08 25.01 25.19
CA ASP C 272 -3.24 24.93 26.09
C ASP C 272 -2.96 25.39 27.51
N LYS C 273 -2.17 26.42 27.67
CA LYS C 273 -1.83 26.92 29.00
C LYS C 273 -3.02 27.61 29.72
N TRP C 274 -3.90 28.28 29.00
CA TRP C 274 -5.07 28.91 29.61
C TRP C 274 -6.32 28.47 28.90
N ILE C 275 -7.41 28.36 29.63
CA ILE C 275 -8.72 28.09 29.06
C ILE C 275 -9.73 29.07 29.67
N ASP C 276 -10.28 29.94 28.84
CA ASP C 276 -11.34 30.87 29.27
C ASP C 276 -12.68 30.25 28.92
N ARG C 277 -13.58 30.18 29.90
CA ARG C 277 -14.84 29.48 29.71
C ARG C 277 -16.03 30.30 30.23
N SER C 278 -17.06 30.43 29.40
CA SER C 278 -18.24 31.24 29.69
C SER C 278 -19.48 30.37 29.54
N SER C 279 -20.08 30.02 30.67
CA SER C 279 -21.23 29.14 30.69
C SER C 279 -22.52 29.86 31.06
N GLU C 280 -23.63 29.37 30.52
CA GLU C 280 -24.94 29.88 30.88
C GLU C 280 -25.96 28.78 30.82
N ARG C 281 -26.91 28.84 31.75
CA ARG C 281 -28.02 27.92 31.77
C ARG C 281 -29.20 28.67 31.22
N TYR C 282 -29.86 28.11 30.21
CA TYR C 282 -31.05 28.71 29.65
C TYR C 282 -32.26 27.86 30.00
N LYS C 283 -33.40 28.51 30.20
CA LYS C 283 -34.63 27.81 30.53
C LYS C 283 -35.56 27.78 29.31
N ILE C 284 -35.93 26.57 28.88
CA ILE C 284 -36.84 26.36 27.76
C ILE C 284 -38.25 26.05 28.26
N ASP C 285 -39.23 26.81 27.79
CA ASP C 285 -40.64 26.60 28.11
C ASP C 285 -41.37 26.15 26.82
N TRP C 286 -41.66 24.87 26.71
CA TRP C 286 -42.22 24.31 25.48
C TRP C 286 -43.69 24.65 25.25
N GLU C 287 -44.40 25.03 26.31
CA GLU C 287 -45.80 25.47 26.16
C GLU C 287 -45.85 26.93 25.71
N LYS C 288 -45.10 27.80 26.39
CA LYS C 288 -45.00 29.21 25.98
C LYS C 288 -44.15 29.42 24.73
N GLU C 289 -43.39 28.41 24.30
CA GLU C 289 -42.40 28.58 23.21
C GLU C 289 -41.51 29.80 23.49
N GLU C 290 -40.95 29.82 24.69
CA GLU C 290 -39.98 30.85 25.09
C GLU C 290 -38.71 30.21 25.62
N MET C 291 -37.65 31.01 25.63
CA MET C 291 -36.38 30.58 26.15
C MET C 291 -35.77 31.77 26.85
N THR C 292 -35.55 31.66 28.14
CA THR C 292 -35.17 32.79 28.97
C THR C 292 -33.76 32.64 29.52
N ASN C 293 -33.23 33.78 29.92
CA ASN C 293 -31.85 33.90 30.34
C ASN C 293 -31.69 33.52 31.79
N GLU D 1 4.05 -2.55 -21.14
CA GLU D 1 2.56 -2.42 -21.13
C GLU D 1 1.89 -3.52 -21.96
N VAL D 2 0.83 -4.11 -21.41
CA VAL D 2 0.12 -5.21 -22.07
C VAL D 2 -0.78 -4.66 -23.17
N GLN D 3 -0.79 -5.31 -24.34
CA GLN D 3 -1.53 -4.80 -25.49
C GLN D 3 -1.92 -5.84 -26.49
N LEU D 4 -3.04 -5.59 -27.16
CA LEU D 4 -3.57 -6.43 -28.23
C LEU D 4 -3.99 -5.53 -29.38
N VAL D 5 -3.56 -5.86 -30.59
CA VAL D 5 -3.87 -5.04 -31.75
C VAL D 5 -4.43 -5.88 -32.91
N GLU D 6 -5.73 -5.77 -33.11
CA GLU D 6 -6.41 -6.46 -34.21
C GLU D 6 -6.04 -5.78 -35.51
N SER D 7 -6.18 -6.51 -36.62
CA SER D 7 -6.06 -5.94 -37.96
C SER D 7 -6.67 -6.92 -38.98
N GLY D 8 -6.75 -6.50 -40.23
CA GLY D 8 -7.48 -7.24 -41.25
C GLY D 8 -8.92 -6.81 -41.24
N GLY D 9 -9.66 -7.21 -42.26
CA GLY D 9 -11.07 -6.87 -42.28
C GLY D 9 -11.39 -5.53 -42.90
N GLY D 10 -12.61 -5.43 -43.38
CA GLY D 10 -13.02 -4.37 -44.27
C GLY D 10 -14.15 -4.96 -45.07
N LEU D 11 -14.27 -4.55 -46.33
CA LEU D 11 -15.44 -4.91 -47.10
C LEU D 11 -15.28 -6.32 -47.60
N VAL D 12 -16.37 -7.07 -47.65
CA VAL D 12 -16.34 -8.37 -48.28
C VAL D 12 -17.76 -8.72 -48.76
N GLN D 13 -17.87 -9.36 -49.91
CA GLN D 13 -19.16 -9.76 -50.45
C GLN D 13 -19.69 -10.93 -49.63
N PRO D 14 -21.01 -11.00 -49.50
CA PRO D 14 -21.60 -12.14 -48.79
C PRO D 14 -21.30 -13.39 -49.56
N GLY D 15 -20.90 -14.45 -48.85
CA GLY D 15 -20.40 -15.66 -49.46
C GLY D 15 -18.88 -15.73 -49.39
N GLY D 16 -18.22 -14.58 -49.21
CA GLY D 16 -16.77 -14.49 -49.29
C GLY D 16 -16.03 -14.80 -48.00
N SER D 17 -14.70 -14.66 -48.05
CA SER D 17 -13.83 -14.99 -46.92
C SER D 17 -12.87 -13.86 -46.55
N LEU D 18 -12.26 -13.98 -45.38
CA LEU D 18 -11.49 -12.88 -44.82
C LEU D 18 -10.72 -13.36 -43.60
N ARG D 19 -9.66 -12.65 -43.24
CA ARG D 19 -8.76 -13.08 -42.19
C ARG D 19 -8.31 -11.99 -41.25
N LEU D 20 -8.76 -12.07 -40.00
CA LEU D 20 -8.33 -11.12 -38.98
C LEU D 20 -7.07 -11.64 -38.31
N SER D 21 -6.30 -10.75 -37.71
CA SER D 21 -5.17 -11.16 -36.90
C SER D 21 -4.99 -10.22 -35.74
N CYS D 22 -4.27 -10.67 -34.73
CA CYS D 22 -4.09 -9.93 -33.50
C CYS D 22 -2.64 -10.07 -33.01
N ALA D 23 -1.92 -8.97 -32.93
CA ALA D 23 -0.57 -8.96 -32.40
C ALA D 23 -0.64 -8.66 -30.89
N ALA D 24 -0.01 -9.53 -30.10
CA ALA D 24 0.00 -9.38 -28.66
C ALA D 24 1.37 -8.97 -28.19
N SER D 25 1.44 -8.10 -27.20
CA SER D 25 2.71 -7.63 -26.68
C SER D 25 2.64 -7.31 -25.20
N GLY D 26 3.76 -7.52 -24.52
CA GLY D 26 3.90 -7.17 -23.11
C GLY D 26 3.52 -8.27 -22.14
N PHE D 27 3.36 -9.50 -22.63
CA PHE D 27 3.12 -10.65 -21.75
C PHE D 27 3.43 -11.99 -22.43
N THR D 28 3.39 -13.09 -21.70
CA THR D 28 3.67 -14.39 -22.30
C THR D 28 2.44 -14.96 -23.01
N PHE D 29 2.32 -14.64 -24.29
CA PHE D 29 1.19 -15.06 -25.13
C PHE D 29 0.81 -16.55 -25.03
N SER D 30 1.81 -17.42 -25.13
CA SER D 30 1.56 -18.85 -25.23
C SER D 30 0.78 -19.42 -24.04
N SER D 31 0.82 -18.71 -22.90
CA SER D 31 0.25 -19.22 -21.66
C SER D 31 -1.14 -18.67 -21.31
N HIS D 32 -1.84 -18.07 -22.27
CA HIS D 32 -3.19 -17.58 -22.04
C HIS D 32 -4.17 -18.15 -23.05
N ASP D 33 -5.40 -18.43 -22.64
CA ASP D 33 -6.45 -18.66 -23.61
C ASP D 33 -6.78 -17.31 -24.28
N MET D 34 -7.22 -17.35 -25.53
CA MET D 34 -7.53 -16.13 -26.28
C MET D 34 -8.87 -16.29 -26.96
N HIS D 35 -9.53 -15.15 -27.18
CA HIS D 35 -10.86 -15.13 -27.79
C HIS D 35 -11.03 -14.05 -28.83
N TRP D 36 -11.94 -14.32 -29.76
CA TRP D 36 -12.55 -13.27 -30.55
C TRP D 36 -13.98 -13.02 -30.03
N VAL D 37 -14.34 -11.74 -29.89
CA VAL D 37 -15.69 -11.29 -29.52
C VAL D 37 -16.12 -10.15 -30.42
N ARG D 38 -17.35 -10.20 -30.89
CA ARG D 38 -17.83 -9.19 -31.81
C ARG D 38 -19.00 -8.38 -31.27
N GLN D 39 -19.24 -7.25 -31.92
CA GLN D 39 -20.25 -6.29 -31.51
C GLN D 39 -20.72 -5.51 -32.72
N ALA D 40 -21.92 -5.80 -33.18
CA ALA D 40 -22.52 -5.04 -34.27
C ALA D 40 -22.90 -3.65 -33.75
N THR D 41 -22.85 -2.65 -34.64
CA THR D 41 -23.16 -1.30 -34.27
C THR D 41 -24.46 -1.20 -33.51
N GLY D 42 -24.39 -0.55 -32.36
CA GLY D 42 -25.53 -0.42 -31.48
C GLY D 42 -25.97 -1.65 -30.73
N LYS D 43 -25.28 -2.78 -30.83
CA LYS D 43 -25.80 -4.01 -30.21
C LYS D 43 -24.87 -4.53 -29.13
N GLY D 44 -25.16 -5.70 -28.58
CA GLY D 44 -24.32 -6.26 -27.54
C GLY D 44 -23.10 -7.05 -28.01
N LEU D 45 -22.27 -7.39 -27.03
CA LEU D 45 -21.13 -8.28 -27.19
C LEU D 45 -21.59 -9.71 -27.49
N GLU D 46 -20.96 -10.36 -28.47
CA GLU D 46 -21.24 -11.76 -28.80
C GLU D 46 -19.92 -12.52 -28.93
N TRP D 47 -19.77 -13.57 -28.12
CA TRP D 47 -18.59 -14.46 -28.18
C TRP D 47 -18.56 -15.15 -29.54
N VAL D 48 -17.41 -15.15 -30.23
CA VAL D 48 -17.37 -15.71 -31.60
C VAL D 48 -16.49 -16.96 -31.66
N SER D 49 -15.35 -16.94 -30.97
CA SER D 49 -14.54 -18.15 -30.87
C SER D 49 -13.39 -18.03 -29.88
N GLY D 50 -13.00 -19.18 -29.36
CA GLY D 50 -11.94 -19.25 -28.35
C GLY D 50 -10.95 -20.35 -28.68
N ILE D 51 -9.75 -20.19 -28.12
CA ILE D 51 -8.70 -21.17 -28.30
C ILE D 51 -7.91 -21.31 -27.01
N GLY D 52 -7.75 -22.56 -26.60
CA GLY D 52 -7.03 -22.90 -25.40
C GLY D 52 -5.53 -22.81 -25.61
N THR D 53 -4.84 -22.71 -24.49
CA THR D 53 -3.40 -22.60 -24.44
C THR D 53 -2.70 -23.78 -25.14
N ALA D 54 -3.37 -24.92 -25.23
CA ALA D 54 -2.86 -26.07 -25.97
C ALA D 54 -3.27 -26.14 -27.44
N GLY D 55 -3.93 -25.10 -27.97
CA GLY D 55 -4.41 -25.12 -29.36
C GLY D 55 -5.78 -25.77 -29.61
N ASP D 56 -6.50 -26.15 -28.55
CA ASP D 56 -7.87 -26.67 -28.71
C ASP D 56 -8.85 -25.51 -28.89
N THR D 57 -9.80 -25.67 -29.81
CA THR D 57 -10.58 -24.57 -30.28
C THR D 57 -12.04 -24.71 -29.89
N TYR D 58 -12.68 -23.57 -29.69
CA TYR D 58 -14.03 -23.52 -29.16
C TYR D 58 -14.86 -22.51 -29.98
N TYR D 59 -16.10 -22.89 -30.26
CA TYR D 59 -16.98 -22.16 -31.15
C TYR D 59 -18.44 -22.22 -30.70
N PRO D 60 -19.19 -21.13 -30.85
CA PRO D 60 -20.62 -21.19 -30.70
C PRO D 60 -21.24 -21.64 -32.01
N ASP D 61 -22.47 -22.15 -31.96
CA ASP D 61 -23.17 -22.69 -33.13
C ASP D 61 -23.37 -21.68 -34.24
N SER D 62 -23.45 -20.40 -33.91
CA SER D 62 -23.73 -19.36 -34.92
C SER D 62 -22.62 -19.28 -35.99
N VAL D 63 -21.39 -19.69 -35.64
CA VAL D 63 -20.27 -19.65 -36.56
C VAL D 63 -19.65 -21.03 -36.82
N LYS D 64 -20.13 -22.05 -36.12
CA LYS D 64 -19.49 -23.36 -36.22
C LYS D 64 -19.52 -23.80 -37.69
N GLY D 65 -18.40 -24.35 -38.16
CA GLY D 65 -18.28 -24.76 -39.56
C GLY D 65 -17.90 -23.65 -40.52
N ARG D 66 -17.99 -22.39 -40.09
CA ARG D 66 -17.69 -21.27 -40.97
C ARG D 66 -16.41 -20.54 -40.61
N PHE D 67 -16.12 -20.42 -39.30
CA PHE D 67 -14.95 -19.67 -38.83
C PHE D 67 -13.94 -20.64 -38.23
N THR D 68 -12.65 -20.35 -38.38
CA THR D 68 -11.61 -21.06 -37.67
C THR D 68 -10.69 -20.11 -36.95
N ILE D 69 -10.44 -20.41 -35.69
CA ILE D 69 -9.51 -19.64 -34.88
C ILE D 69 -8.18 -20.39 -34.88
N SER D 70 -7.06 -19.68 -34.73
CA SER D 70 -5.74 -20.32 -34.77
C SER D 70 -4.81 -19.54 -33.88
N ARG D 71 -3.59 -20.06 -33.78
CA ARG D 71 -2.57 -19.57 -32.89
C ARG D 71 -1.17 -19.71 -33.45
N GLU D 72 -0.31 -18.74 -33.18
CA GLU D 72 1.07 -18.87 -33.62
C GLU D 72 1.92 -18.18 -32.57
N ASN D 73 2.30 -18.96 -31.57
CA ASN D 73 3.01 -18.43 -30.41
C ASN D 73 4.35 -17.80 -30.76
N ALA D 74 5.05 -18.33 -31.75
CA ALA D 74 6.34 -17.76 -32.15
C ALA D 74 6.20 -16.30 -32.53
N LYS D 75 5.10 -15.97 -33.21
CA LYS D 75 4.79 -14.58 -33.61
C LYS D 75 3.85 -13.86 -32.64
N ASN D 76 3.67 -14.38 -31.44
CA ASN D 76 2.73 -13.81 -30.49
C ASN D 76 1.48 -13.28 -31.17
N SER D 77 0.80 -14.13 -31.95
CA SER D 77 -0.36 -13.66 -32.68
C SER D 77 -1.51 -14.66 -32.84
N LEU D 78 -2.72 -14.12 -32.81
CA LEU D 78 -3.93 -14.90 -32.88
C LEU D 78 -4.64 -14.59 -34.20
N TYR D 79 -5.33 -15.58 -34.79
CA TYR D 79 -5.97 -15.38 -36.09
C TYR D 79 -7.40 -15.89 -36.15
N LEU D 80 -8.17 -15.36 -37.09
CA LEU D 80 -9.56 -15.76 -37.31
C LEU D 80 -9.84 -15.84 -38.78
N GLN D 81 -10.07 -17.04 -39.28
CA GLN D 81 -10.35 -17.23 -40.69
C GLN D 81 -11.85 -17.27 -40.79
N MET D 82 -12.43 -16.35 -41.55
CA MET D 82 -13.89 -16.24 -41.65
C MET D 82 -14.35 -16.57 -43.05
N ASN D 83 -15.01 -17.71 -43.20
CA ASN D 83 -15.55 -18.12 -44.50
C ASN D 83 -17.04 -18.04 -44.51
N SER D 84 -17.62 -18.04 -45.70
CA SER D 84 -19.06 -18.00 -45.90
C SER D 84 -19.70 -16.91 -45.06
N LEU D 85 -19.18 -15.70 -45.19
CA LEU D 85 -19.69 -14.57 -44.44
C LEU D 85 -21.11 -14.22 -44.90
N ARG D 86 -21.87 -13.59 -44.01
CA ARG D 86 -23.22 -13.07 -44.35
C ARG D 86 -23.45 -11.72 -43.68
N ALA D 87 -24.47 -11.00 -44.11
CA ALA D 87 -24.70 -9.64 -43.56
C ALA D 87 -24.66 -9.61 -42.02
N GLY D 88 -25.31 -10.59 -41.39
CA GLY D 88 -25.28 -10.76 -39.94
C GLY D 88 -23.90 -10.78 -39.28
N ASP D 89 -22.86 -11.16 -40.02
CA ASP D 89 -21.50 -11.15 -39.44
C ASP D 89 -20.87 -9.76 -39.41
N THR D 90 -21.59 -8.77 -39.95
CA THR D 90 -21.10 -7.39 -39.95
C THR D 90 -21.02 -6.86 -38.54
N ALA D 91 -19.82 -6.47 -38.11
CA ALA D 91 -19.62 -5.98 -36.75
C ALA D 91 -18.16 -5.62 -36.53
N VAL D 92 -17.88 -5.03 -35.37
CA VAL D 92 -16.53 -4.84 -34.89
C VAL D 92 -16.08 -6.11 -34.18
N TYR D 93 -14.90 -6.62 -34.54
CA TYR D 93 -14.34 -7.87 -34.00
C TYR D 93 -13.15 -7.55 -33.09
N TYR D 94 -13.31 -7.87 -31.80
CA TYR D 94 -12.25 -7.68 -30.82
C TYR D 94 -11.48 -8.97 -30.50
N CYS D 95 -10.31 -8.76 -29.94
CA CYS D 95 -9.42 -9.80 -29.54
C CYS D 95 -9.32 -9.67 -28.02
N ALA D 96 -9.40 -10.78 -27.30
CA ALA D 96 -9.35 -10.73 -25.84
C ALA D 96 -8.61 -11.90 -25.19
N ARG D 97 -7.97 -11.60 -24.08
CA ARG D 97 -7.15 -12.51 -23.31
C ARG D 97 -7.87 -12.96 -22.03
N ASP D 98 -7.95 -14.27 -21.79
CA ASP D 98 -8.38 -14.81 -20.48
C ASP D 98 -7.26 -14.72 -19.44
N ARG D 99 -7.64 -14.43 -18.20
CA ARG D 99 -6.70 -14.56 -17.11
C ARG D 99 -7.23 -15.49 -16.01
N TYR D 100 -6.32 -16.33 -15.50
CA TYR D 100 -6.58 -17.29 -14.46
C TYR D 100 -5.68 -17.07 -13.24
N SER D 101 -6.08 -17.64 -12.11
CA SER D 101 -5.25 -17.63 -10.91
C SER D 101 -4.12 -18.65 -11.10
N PRO D 102 -3.13 -18.62 -10.20
CA PRO D 102 -2.08 -19.66 -10.28
C PRO D 102 -2.63 -21.10 -10.14
N THR D 103 -3.79 -21.26 -9.47
CA THR D 103 -4.40 -22.57 -9.33
C THR D 103 -5.63 -22.80 -10.22
N GLY D 104 -5.71 -22.09 -11.35
CA GLY D 104 -6.77 -22.36 -12.33
C GLY D 104 -8.16 -21.82 -12.00
N HIS D 105 -8.22 -20.74 -11.23
CA HIS D 105 -9.48 -20.00 -11.06
C HIS D 105 -9.61 -18.97 -12.18
N TYR D 106 -10.77 -18.95 -12.81
CA TYR D 106 -11.02 -18.10 -13.97
C TYR D 106 -11.52 -16.73 -13.58
N TYR D 107 -10.77 -15.68 -13.92
CA TYR D 107 -11.23 -14.29 -13.68
C TYR D 107 -12.11 -13.80 -14.84
N GLY D 108 -11.60 -13.88 -16.05
CA GLY D 108 -12.36 -13.48 -17.21
C GLY D 108 -11.52 -12.83 -18.28
N MET D 109 -12.19 -12.21 -19.24
CA MET D 109 -11.53 -11.51 -20.33
C MET D 109 -10.99 -10.15 -19.85
N ASP D 110 -9.71 -10.17 -19.65
CA ASP D 110 -8.92 -9.30 -18.80
C ASP D 110 -8.42 -8.07 -19.52
N VAL D 111 -8.24 -8.22 -20.83
CA VAL D 111 -7.51 -7.28 -21.63
C VAL D 111 -8.03 -7.44 -23.04
N TRP D 112 -8.35 -6.31 -23.68
CA TRP D 112 -9.05 -6.33 -24.94
C TRP D 112 -8.32 -5.46 -25.94
N GLY D 113 -8.48 -5.73 -27.23
CA GLY D 113 -7.97 -4.82 -28.24
C GLY D 113 -8.87 -3.60 -28.45
N GLN D 114 -8.66 -2.91 -29.58
CA GLN D 114 -9.46 -1.74 -29.95
C GLN D 114 -10.50 -2.10 -31.02
N GLY D 115 -10.37 -3.30 -31.60
CA GLY D 115 -11.33 -3.83 -32.56
C GLY D 115 -10.95 -3.55 -34.00
N THR D 116 -11.51 -4.32 -34.92
CA THR D 116 -11.32 -4.12 -36.36
C THR D 116 -12.65 -4.43 -37.00
N THR D 117 -13.05 -3.57 -37.91
CA THR D 117 -14.39 -3.65 -38.45
C THR D 117 -14.45 -4.54 -39.67
N VAL D 118 -15.51 -5.33 -39.76
CA VAL D 118 -15.80 -6.14 -40.90
C VAL D 118 -17.18 -5.75 -41.38
N THR D 119 -17.32 -5.49 -42.68
CA THR D 119 -18.59 -5.18 -43.26
C THR D 119 -18.85 -6.13 -44.41
N VAL D 120 -19.96 -6.85 -44.35
CA VAL D 120 -20.22 -7.82 -45.41
C VAL D 120 -21.47 -7.39 -46.16
N SER D 121 -21.31 -7.18 -47.47
CA SER D 121 -22.30 -6.48 -48.29
C SER D 121 -21.91 -6.39 -49.77
N SER D 122 -22.92 -6.32 -50.64
CA SER D 122 -22.76 -6.14 -52.10
C SER D 122 -22.64 -4.69 -52.54
N ALA D 123 -22.90 -3.75 -51.64
CA ALA D 123 -22.91 -2.33 -52.01
C ALA D 123 -21.54 -1.92 -52.49
N SER D 124 -21.50 -1.09 -53.52
CA SER D 124 -20.27 -0.55 -54.06
C SER D 124 -19.94 0.75 -53.34
N THR D 125 -18.66 0.94 -53.03
CA THR D 125 -18.20 2.14 -52.33
C THR D 125 -18.68 3.37 -53.08
N LYS D 126 -19.27 4.31 -52.33
CA LYS D 126 -19.92 5.46 -52.95
C LYS D 126 -20.02 6.64 -52.01
N GLY D 127 -19.57 7.79 -52.49
CA GLY D 127 -19.60 8.98 -51.69
C GLY D 127 -21.03 9.48 -51.54
N PRO D 128 -21.25 10.30 -50.50
CA PRO D 128 -22.57 10.83 -50.17
C PRO D 128 -22.98 12.00 -51.04
N SER D 129 -24.25 12.02 -51.44
CA SER D 129 -24.92 13.28 -51.84
C SER D 129 -25.16 14.06 -50.56
N VAL D 130 -24.94 15.38 -50.61
CA VAL D 130 -25.18 16.24 -49.45
C VAL D 130 -26.20 17.31 -49.82
N PHE D 131 -27.33 17.34 -49.11
CA PHE D 131 -28.34 18.33 -49.36
C PHE D 131 -28.53 19.21 -48.13
N PRO D 132 -28.76 20.52 -48.34
CA PRO D 132 -29.01 21.39 -47.20
C PRO D 132 -30.38 21.13 -46.59
N LEU D 133 -30.47 21.34 -45.29
CA LEU D 133 -31.75 21.41 -44.62
C LEU D 133 -31.91 22.87 -44.24
N ALA D 134 -32.61 23.59 -45.12
CA ALA D 134 -32.72 25.03 -45.05
C ALA D 134 -33.58 25.45 -43.85
N PRO D 135 -33.13 26.48 -43.11
CA PRO D 135 -33.93 27.07 -42.02
C PRO D 135 -35.08 27.96 -42.48
N SER D 136 -36.22 27.85 -41.80
CA SER D 136 -37.32 28.83 -41.80
C SER D 136 -37.84 29.14 -40.37
N SER D 137 -37.24 28.49 -39.35
CA SER D 137 -37.77 28.44 -38.00
C SER D 137 -37.25 29.60 -37.16
N GLY D 142 -40.71 32.45 -32.19
CA GLY D 142 -40.42 31.14 -31.57
C GLY D 142 -38.96 30.88 -31.25
N GLY D 143 -38.24 31.92 -30.79
CA GLY D 143 -36.89 31.75 -30.27
C GLY D 143 -35.79 31.57 -31.31
N THR D 144 -35.28 30.34 -31.41
CA THR D 144 -34.09 30.04 -32.19
C THR D 144 -34.44 29.26 -33.47
N ALA D 145 -33.43 28.92 -34.26
CA ALA D 145 -33.61 28.27 -35.55
C ALA D 145 -32.81 26.99 -35.65
N ALA D 146 -33.28 26.09 -36.51
CA ALA D 146 -32.59 24.87 -36.77
C ALA D 146 -32.24 24.80 -38.24
N LEU D 147 -31.08 24.21 -38.53
CA LEU D 147 -30.63 23.96 -39.89
C LEU D 147 -29.73 22.77 -39.86
N GLY D 148 -29.47 22.19 -41.02
CA GLY D 148 -28.62 21.00 -41.08
C GLY D 148 -28.22 20.58 -42.46
N CYS D 149 -27.66 19.39 -42.55
CA CYS D 149 -27.28 18.75 -43.80
C CYS D 149 -27.84 17.34 -43.84
N LEU D 150 -28.39 16.95 -44.99
CA LEU D 150 -28.79 15.58 -45.21
C LEU D 150 -27.66 14.89 -46.00
N VAL D 151 -26.94 13.99 -45.34
CA VAL D 151 -25.83 13.24 -45.95
C VAL D 151 -26.38 11.88 -46.42
N LYS D 152 -26.63 11.78 -47.72
CA LYS D 152 -27.46 10.70 -48.25
C LYS D 152 -26.71 9.77 -49.17
N ASP D 153 -26.99 8.46 -49.01
CA ASP D 153 -26.57 7.42 -49.96
C ASP D 153 -25.05 7.25 -50.11
N TYR D 154 -24.41 6.85 -49.02
CA TYR D 154 -23.00 6.58 -49.04
C TYR D 154 -22.72 5.20 -48.50
N PHE D 155 -21.60 4.64 -48.93
CA PHE D 155 -21.14 3.34 -48.44
C PHE D 155 -19.64 3.28 -48.59
N PRO D 156 -18.96 2.66 -47.61
CA PRO D 156 -19.43 2.18 -46.32
C PRO D 156 -19.29 3.27 -45.29
N GLU D 157 -19.51 2.95 -44.01
CA GLU D 157 -19.24 3.90 -42.93
C GLU D 157 -17.74 4.09 -42.85
N PRO D 158 -17.28 5.18 -42.23
CA PRO D 158 -18.00 6.30 -41.67
C PRO D 158 -17.94 7.55 -42.56
N VAL D 159 -18.78 8.51 -42.21
CA VAL D 159 -18.68 9.87 -42.70
C VAL D 159 -18.43 10.71 -41.45
N THR D 160 -17.65 11.78 -41.58
CA THR D 160 -17.48 12.73 -40.49
C THR D 160 -18.18 14.01 -40.93
N VAL D 161 -18.74 14.72 -39.97
CA VAL D 161 -19.42 15.98 -40.26
C VAL D 161 -19.01 17.04 -39.26
N SER D 162 -18.66 18.21 -39.76
CA SER D 162 -18.33 19.34 -38.90
C SER D 162 -19.06 20.56 -39.41
N TRP D 163 -19.04 21.61 -38.63
CA TRP D 163 -19.73 22.84 -38.99
C TRP D 163 -18.76 23.99 -38.90
N ASN D 164 -18.68 24.78 -39.98
CA ASN D 164 -17.78 25.91 -40.06
C ASN D 164 -16.37 25.53 -39.58
N SER D 165 -15.83 24.46 -40.19
CA SER D 165 -14.56 23.85 -39.82
C SER D 165 -14.33 23.57 -38.34
N GLY D 166 -15.32 23.08 -37.62
CA GLY D 166 -15.18 22.87 -36.19
C GLY D 166 -15.31 24.13 -35.33
N ALA D 167 -15.46 25.30 -35.95
CA ALA D 167 -15.75 26.56 -35.23
C ALA D 167 -17.08 26.45 -34.49
N LEU D 168 -18.04 25.77 -35.11
CA LEU D 168 -19.40 25.66 -34.57
C LEU D 168 -19.64 24.25 -34.07
N THR D 169 -19.42 24.04 -32.78
CA THR D 169 -19.58 22.71 -32.18
C THR D 169 -20.57 22.75 -31.01
N SER D 170 -21.49 23.70 -31.04
CA SER D 170 -22.42 23.90 -29.96
C SER D 170 -23.84 23.81 -30.50
N GLY D 171 -24.62 22.90 -29.93
CA GLY D 171 -25.98 22.65 -30.37
C GLY D 171 -26.00 21.72 -31.57
N VAL D 172 -24.89 21.04 -31.80
CA VAL D 172 -24.74 20.16 -32.95
C VAL D 172 -25.16 18.74 -32.60
N HIS D 173 -25.91 18.11 -33.51
CA HIS D 173 -26.32 16.72 -33.36
C HIS D 173 -26.13 16.04 -34.69
N THR D 174 -25.22 15.07 -34.73
CA THR D 174 -25.07 14.26 -35.92
C THR D 174 -25.69 12.93 -35.56
N PHE D 175 -26.71 12.55 -36.31
CA PHE D 175 -27.44 11.35 -35.99
C PHE D 175 -26.68 10.10 -36.42
N PRO D 176 -26.82 9.00 -35.66
CA PRO D 176 -26.36 7.71 -36.13
C PRO D 176 -26.93 7.38 -37.51
N ALA D 177 -26.08 6.81 -38.34
CA ALA D 177 -26.43 6.47 -39.71
C ALA D 177 -27.50 5.40 -39.72
N VAL D 178 -28.20 5.28 -40.83
CA VAL D 178 -29.16 4.20 -41.02
C VAL D 178 -28.93 3.52 -42.35
N LEU D 179 -28.97 2.20 -42.34
CA LEU D 179 -28.81 1.44 -43.56
C LEU D 179 -30.14 1.43 -44.30
N GLN D 180 -30.19 2.07 -45.45
CA GLN D 180 -31.41 2.09 -46.24
C GLN D 180 -31.55 0.73 -46.93
N SER D 181 -32.71 0.45 -47.52
CA SER D 181 -32.95 -0.83 -48.20
C SER D 181 -32.05 -1.01 -49.43
N SER D 182 -31.62 0.11 -50.03
CA SER D 182 -30.66 0.09 -51.13
C SER D 182 -29.31 -0.51 -50.74
N GLY D 183 -28.96 -0.50 -49.45
CA GLY D 183 -27.66 -0.97 -48.99
C GLY D 183 -26.74 0.16 -48.62
N LEU D 184 -27.19 1.40 -48.83
CA LEU D 184 -26.42 2.61 -48.51
C LEU D 184 -26.85 3.23 -47.19
N TYR D 185 -25.95 4.00 -46.57
CA TYR D 185 -26.25 4.68 -45.31
C TYR D 185 -26.74 6.11 -45.58
N SER D 186 -27.58 6.59 -44.68
CA SER D 186 -28.13 7.95 -44.73
C SER D 186 -28.09 8.51 -43.28
N LEU D 187 -27.98 9.81 -43.26
CA LEU D 187 -27.74 10.50 -42.03
C LEU D 187 -28.16 11.91 -42.19
N SER D 188 -28.09 12.66 -41.09
CA SER D 188 -28.42 14.08 -40.99
C SER D 188 -27.63 14.66 -39.84
N SER D 189 -27.19 15.88 -40.00
CA SER D 189 -26.49 16.60 -38.97
C SER D 189 -27.17 17.93 -38.81
N VAL D 190 -27.44 18.34 -37.59
CA VAL D 190 -28.21 19.56 -37.35
C VAL D 190 -27.58 20.43 -36.30
N VAL D 191 -27.93 21.71 -36.36
CA VAL D 191 -27.58 22.70 -35.35
C VAL D 191 -28.76 23.58 -35.07
N THR D 192 -28.80 24.10 -33.84
CA THR D 192 -29.68 25.20 -33.51
C THR D 192 -28.82 26.43 -33.30
N VAL D 193 -29.36 27.58 -33.67
CA VAL D 193 -28.66 28.86 -33.58
C VAL D 193 -29.68 29.96 -33.37
N PRO D 194 -29.22 31.16 -32.94
CA PRO D 194 -30.16 32.28 -32.81
C PRO D 194 -30.75 32.67 -34.16
N SER D 195 -32.06 32.90 -34.19
CA SER D 195 -32.72 33.33 -35.40
C SER D 195 -32.18 34.67 -35.92
N SER D 196 -31.58 35.46 -35.03
CA SER D 196 -31.02 36.77 -35.39
C SER D 196 -29.72 36.66 -36.17
N SER D 197 -29.01 35.54 -36.00
CA SER D 197 -27.74 35.31 -36.71
C SER D 197 -27.90 34.73 -38.13
N LEU D 198 -29.14 34.48 -38.57
CA LEU D 198 -29.39 33.89 -39.89
C LEU D 198 -29.17 34.84 -41.06
N GLY D 199 -29.44 36.14 -40.86
CA GLY D 199 -29.28 37.14 -41.90
C GLY D 199 -27.88 37.72 -41.96
N THR D 200 -27.02 37.28 -41.05
CA THR D 200 -25.70 37.86 -40.85
C THR D 200 -24.57 36.83 -41.00
N GLN D 201 -24.61 35.76 -40.20
CA GLN D 201 -23.47 34.83 -40.12
C GLN D 201 -23.70 33.51 -40.87
N THR D 202 -22.65 32.99 -41.49
CA THR D 202 -22.75 31.95 -42.52
C THR D 202 -22.51 30.53 -42.01
N TYR D 203 -23.29 29.58 -42.51
CA TYR D 203 -23.21 28.18 -42.05
C TYR D 203 -22.83 27.23 -43.19
N ILE D 204 -21.67 26.61 -43.03
CA ILE D 204 -21.19 25.59 -43.96
C ILE D 204 -20.99 24.25 -43.23
N CYS D 205 -21.56 23.18 -43.77
CA CYS D 205 -21.31 21.84 -43.22
C CYS D 205 -20.23 21.18 -44.04
N ASN D 206 -19.25 20.60 -43.34
CA ASN D 206 -18.11 19.96 -43.97
C ASN D 206 -18.20 18.46 -43.80
N VAL D 207 -18.51 17.78 -44.90
CA VAL D 207 -18.69 16.34 -44.93
C VAL D 207 -17.44 15.71 -45.52
N ASN D 208 -16.96 14.66 -44.88
CA ASN D 208 -15.77 13.95 -45.35
C ASN D 208 -15.98 12.45 -45.30
N HIS D 209 -15.81 11.80 -46.45
CA HIS D 209 -15.97 10.36 -46.57
C HIS D 209 -14.65 9.76 -47.13
N LYS D 210 -13.81 9.24 -46.22
CA LYS D 210 -12.47 8.74 -46.60
C LYS D 210 -12.50 7.60 -47.62
N PRO D 211 -13.35 6.58 -47.37
CA PRO D 211 -13.45 5.45 -48.30
C PRO D 211 -13.68 5.79 -49.78
N SER D 212 -14.08 7.01 -50.10
CA SER D 212 -14.20 7.41 -51.51
C SER D 212 -13.45 8.69 -51.85
N ASN D 213 -12.64 9.19 -50.92
CA ASN D 213 -11.99 10.50 -51.07
C ASN D 213 -12.96 11.61 -51.45
N THR D 214 -14.17 11.52 -50.91
CA THR D 214 -15.16 12.53 -51.15
C THR D 214 -15.04 13.53 -50.02
N LYS D 215 -14.98 14.81 -50.39
CA LYS D 215 -15.00 15.88 -49.44
C LYS D 215 -15.96 16.92 -50.01
N VAL D 216 -16.88 17.39 -49.18
CA VAL D 216 -17.93 18.30 -49.62
C VAL D 216 -18.19 19.35 -48.55
N ASP D 217 -18.25 20.60 -48.97
CA ASP D 217 -18.59 21.72 -48.10
C ASP D 217 -19.86 22.31 -48.67
N LYS D 218 -20.88 22.45 -47.82
CA LYS D 218 -22.21 22.88 -48.26
C LYS D 218 -22.72 24.05 -47.49
N ARG D 219 -23.06 25.07 -48.26
CA ARG D 219 -23.62 26.28 -47.75
C ARG D 219 -25.09 26.04 -47.45
N VAL D 220 -25.53 26.38 -46.25
CA VAL D 220 -26.95 26.29 -45.91
C VAL D 220 -27.50 27.70 -45.76
N GLU D 221 -28.52 28.00 -46.57
CA GLU D 221 -29.12 29.32 -46.65
C GLU D 221 -30.63 29.21 -46.55
N PRO D 222 -31.30 30.29 -46.11
CA PRO D 222 -32.76 30.30 -46.08
C PRO D 222 -33.37 30.30 -47.48
N ASP E 1 -25.63 -22.29 -26.20
CA ASP E 1 -27.10 -22.33 -26.10
C ASP E 1 -27.54 -22.33 -24.63
N ILE E 2 -26.85 -21.52 -23.83
CA ILE E 2 -27.43 -21.00 -22.60
C ILE E 2 -27.77 -19.54 -22.87
N GLN E 3 -29.06 -19.22 -22.92
CA GLN E 3 -29.51 -17.83 -23.08
C GLN E 3 -29.32 -17.08 -21.78
N MET E 4 -28.83 -15.85 -21.87
CA MET E 4 -28.75 -14.95 -20.72
C MET E 4 -29.62 -13.71 -20.96
N THR E 5 -30.59 -13.44 -20.10
CA THR E 5 -31.40 -12.26 -20.26
C THR E 5 -31.12 -11.28 -19.16
N GLN E 6 -30.68 -10.09 -19.52
CA GLN E 6 -30.56 -9.04 -18.52
C GLN E 6 -31.84 -8.24 -18.40
N SER E 7 -32.02 -7.61 -17.25
CA SER E 7 -33.15 -6.79 -17.05
C SER E 7 -32.88 -5.88 -15.86
N PRO E 8 -33.36 -4.63 -15.92
CA PRO E 8 -34.02 -4.07 -17.10
C PRO E 8 -33.00 -3.84 -18.20
N SER E 9 -33.46 -3.58 -19.42
CA SER E 9 -32.60 -3.19 -20.56
C SER E 9 -32.12 -1.75 -20.45
N THR E 10 -32.95 -0.85 -19.92
CA THR E 10 -32.49 0.52 -19.64
C THR E 10 -32.93 0.92 -18.27
N LEU E 11 -32.06 1.60 -17.56
CA LEU E 11 -32.46 2.18 -16.30
C LEU E 11 -31.81 3.54 -16.15
N SER E 12 -32.56 4.47 -15.60
CA SER E 12 -32.08 5.81 -15.37
C SER E 12 -31.92 6.01 -13.87
N ALA E 13 -30.91 6.78 -13.51
CA ALA E 13 -30.58 7.02 -12.12
C ALA E 13 -29.76 8.29 -12.01
N SER E 14 -29.72 8.88 -10.83
CA SER E 14 -28.86 10.02 -10.58
C SER E 14 -27.72 9.58 -9.72
N VAL E 15 -26.70 10.43 -9.61
CA VAL E 15 -25.55 10.14 -8.77
C VAL E 15 -26.01 9.91 -7.33
N GLY E 16 -25.36 8.98 -6.64
CA GLY E 16 -25.76 8.61 -5.28
C GLY E 16 -26.74 7.45 -5.25
N ASP E 17 -27.53 7.27 -6.30
CA ASP E 17 -28.52 6.18 -6.31
C ASP E 17 -27.87 4.81 -6.19
N ARG E 18 -28.67 3.87 -5.73
CA ARG E 18 -28.24 2.52 -5.53
C ARG E 18 -28.92 1.70 -6.61
N VAL E 19 -28.18 1.31 -7.65
CA VAL E 19 -28.80 0.65 -8.77
C VAL E 19 -28.51 -0.82 -8.72
N THR E 20 -29.42 -1.61 -9.28
CA THR E 20 -29.33 -3.04 -9.30
C THR E 20 -29.69 -3.55 -10.69
N ILE E 21 -28.86 -4.42 -11.25
CA ILE E 21 -29.13 -5.01 -12.54
C ILE E 21 -29.27 -6.51 -12.34
N THR E 22 -30.15 -7.15 -13.09
CA THR E 22 -30.45 -8.55 -12.90
C THR E 22 -30.11 -9.33 -14.14
N CYS E 23 -29.58 -10.53 -13.96
CA CYS E 23 -29.21 -11.37 -15.09
C CYS E 23 -29.82 -12.73 -14.80
N ARG E 24 -30.45 -13.33 -15.81
CA ARG E 24 -31.10 -14.63 -15.71
C ARG E 24 -30.61 -15.60 -16.77
N ALA E 25 -30.18 -16.78 -16.35
CA ALA E 25 -29.77 -17.80 -17.28
C ALA E 25 -30.92 -18.74 -17.57
N SER E 26 -30.90 -19.34 -18.74
CA SER E 26 -31.93 -20.30 -19.13
C SER E 26 -31.78 -21.68 -18.46
N GLN E 27 -30.63 -21.95 -17.84
CA GLN E 27 -30.44 -23.13 -16.97
C GLN E 27 -29.38 -22.81 -15.95
N SER E 28 -29.13 -23.73 -15.02
CA SER E 28 -28.23 -23.44 -13.91
C SER E 28 -26.81 -23.20 -14.41
N ILE E 29 -26.12 -22.23 -13.83
CA ILE E 29 -24.73 -21.98 -14.11
C ILE E 29 -23.95 -21.82 -12.81
N SER E 30 -24.49 -22.36 -11.72
CA SER E 30 -23.81 -22.34 -10.41
C SER E 30 -23.51 -20.91 -10.08
N SER E 31 -22.25 -20.58 -9.85
CA SER E 31 -21.86 -19.20 -9.63
C SER E 31 -20.88 -18.75 -10.70
N TRP E 32 -20.88 -19.44 -11.84
CA TRP E 32 -19.93 -19.13 -12.89
C TRP E 32 -20.45 -17.99 -13.81
N LEU E 33 -20.49 -16.79 -13.24
CA LEU E 33 -21.03 -15.62 -13.90
C LEU E 33 -20.09 -14.44 -13.69
N ALA E 34 -19.80 -13.71 -14.76
CA ALA E 34 -19.02 -12.48 -14.65
C ALA E 34 -19.82 -11.23 -15.10
N TRP E 35 -19.35 -10.06 -14.69
CA TRP E 35 -19.93 -8.77 -15.12
C TRP E 35 -18.88 -7.87 -15.75
N TYR E 36 -19.26 -7.21 -16.84
CA TYR E 36 -18.41 -6.23 -17.52
C TYR E 36 -19.09 -4.86 -17.66
N GLN E 37 -18.28 -3.80 -17.65
CA GLN E 37 -18.70 -2.47 -18.00
C GLN E 37 -18.17 -2.13 -19.39
N GLN E 38 -18.98 -1.46 -20.21
CA GLN E 38 -18.51 -0.94 -21.50
C GLN E 38 -19.02 0.48 -21.72
N LYS E 39 -18.15 1.35 -22.21
CA LYS E 39 -18.52 2.71 -22.61
C LYS E 39 -18.43 2.92 -24.13
N PRO E 40 -19.13 3.95 -24.64
CA PRO E 40 -19.16 4.18 -26.10
C PRO E 40 -17.79 4.23 -26.73
N GLY E 41 -17.62 3.44 -27.79
CA GLY E 41 -16.36 3.34 -28.49
C GLY E 41 -15.15 2.87 -27.69
N LYS E 42 -15.37 2.15 -26.60
CA LYS E 42 -14.26 1.60 -25.81
C LYS E 42 -14.45 0.13 -25.59
N ALA E 43 -13.43 -0.51 -25.03
CA ALA E 43 -13.44 -1.95 -24.81
C ALA E 43 -13.92 -2.27 -23.41
N PRO E 44 -14.58 -3.41 -23.25
CA PRO E 44 -15.08 -3.74 -21.92
C PRO E 44 -14.02 -3.81 -20.84
N LYS E 45 -14.43 -3.57 -19.60
CA LYS E 45 -13.66 -3.82 -18.39
C LYS E 45 -14.33 -4.88 -17.55
N LEU E 46 -13.53 -5.79 -16.99
CA LEU E 46 -14.04 -6.89 -16.16
C LEU E 46 -14.27 -6.33 -14.79
N LEU E 47 -15.43 -6.60 -14.23
CA LEU E 47 -15.79 -6.08 -12.91
C LEU E 47 -15.85 -7.16 -11.83
N ILE E 48 -16.57 -8.23 -12.14
CA ILE E 48 -16.89 -9.26 -11.15
C ILE E 48 -16.74 -10.65 -11.75
N TYR E 49 -16.19 -11.57 -10.97
CA TYR E 49 -16.13 -12.95 -11.39
C TYR E 49 -16.71 -13.80 -10.25
N LYS E 50 -17.08 -15.03 -10.57
CA LYS E 50 -17.70 -16.01 -9.68
C LYS E 50 -19.00 -15.49 -9.13
N ALA E 51 -19.56 -14.44 -9.72
CA ALA E 51 -20.84 -13.94 -9.26
C ALA E 51 -20.72 -13.04 -8.02
N SER E 52 -19.64 -13.09 -7.27
CA SER E 52 -19.52 -12.18 -6.14
C SER E 52 -18.13 -11.62 -5.95
N SER E 53 -17.14 -12.15 -6.66
CA SER E 53 -15.77 -11.68 -6.45
C SER E 53 -15.38 -10.49 -7.30
N LEU E 54 -14.74 -9.51 -6.66
CA LEU E 54 -14.34 -8.28 -7.30
C LEU E 54 -13.00 -8.43 -7.97
N GLU E 55 -12.94 -8.12 -9.26
CA GLU E 55 -11.68 -8.01 -9.99
C GLU E 55 -10.78 -6.90 -9.41
N SER E 56 -9.47 -7.15 -9.47
CA SER E 56 -8.49 -6.24 -8.91
C SER E 56 -8.69 -4.83 -9.50
N GLY E 57 -8.65 -3.84 -8.63
CA GLY E 57 -8.76 -2.45 -9.07
C GLY E 57 -10.16 -1.91 -9.16
N VAL E 58 -11.17 -2.77 -9.22
CA VAL E 58 -12.55 -2.33 -9.27
C VAL E 58 -13.02 -1.77 -7.92
N PRO E 59 -13.63 -0.56 -7.94
CA PRO E 59 -14.16 0.11 -6.73
C PRO E 59 -15.15 -0.75 -5.92
N SER E 60 -15.09 -0.66 -4.60
CA SER E 60 -15.87 -1.56 -3.73
C SER E 60 -17.36 -1.22 -3.65
N ARG E 61 -17.81 -0.15 -4.31
CA ARG E 61 -19.24 0.11 -4.43
C ARG E 61 -19.92 -0.90 -5.36
N PHE E 62 -19.15 -1.52 -6.25
CA PHE E 62 -19.66 -2.64 -7.03
C PHE E 62 -19.71 -3.87 -6.13
N SER E 63 -20.67 -4.74 -6.41
CA SER E 63 -20.85 -5.99 -5.69
C SER E 63 -21.84 -6.86 -6.45
N GLY E 64 -21.84 -8.16 -6.21
CA GLY E 64 -22.70 -9.07 -6.95
C GLY E 64 -23.17 -10.22 -6.10
N SER E 65 -24.17 -10.94 -6.58
CA SER E 65 -24.82 -11.97 -5.80
C SER E 65 -25.58 -12.90 -6.70
N GLY E 66 -25.80 -14.13 -6.25
CA GLY E 66 -26.61 -15.08 -7.00
C GLY E 66 -25.98 -16.44 -7.21
N SER E 67 -26.80 -17.37 -7.66
CA SER E 67 -26.40 -18.74 -7.84
C SER E 67 -27.48 -19.42 -8.63
N GLY E 68 -27.10 -20.33 -9.51
CA GLY E 68 -28.09 -21.09 -10.27
C GLY E 68 -28.54 -20.34 -11.50
N THR E 69 -29.64 -19.60 -11.38
CA THR E 69 -30.27 -18.99 -12.54
C THR E 69 -30.44 -17.48 -12.47
N GLU E 70 -30.45 -16.88 -11.28
CA GLU E 70 -30.69 -15.45 -11.14
C GLU E 70 -29.56 -14.76 -10.39
N PHE E 71 -29.06 -13.68 -10.98
CA PHE E 71 -27.88 -13.00 -10.46
C PHE E 71 -28.13 -11.52 -10.48
N THR E 72 -27.51 -10.78 -9.56
CA THR E 72 -27.65 -9.34 -9.59
C THR E 72 -26.32 -8.66 -9.41
N LEU E 73 -26.15 -7.56 -10.14
CA LEU E 73 -25.07 -6.62 -9.93
C LEU E 73 -25.67 -5.39 -9.25
N THR E 74 -24.93 -4.81 -8.32
CA THR E 74 -25.41 -3.71 -7.54
C THR E 74 -24.29 -2.67 -7.36
N ILE E 75 -24.62 -1.42 -7.61
CA ILE E 75 -23.70 -0.32 -7.38
C ILE E 75 -24.27 0.41 -6.19
N SER E 76 -23.59 0.36 -5.05
CA SER E 76 -24.18 0.85 -3.80
C SER E 76 -24.43 2.36 -3.82
N SER E 77 -23.58 3.11 -4.54
CA SER E 77 -23.71 4.57 -4.60
C SER E 77 -23.18 5.13 -5.93
N LEU E 78 -24.02 5.06 -6.95
CA LEU E 78 -23.63 5.39 -8.32
C LEU E 78 -22.79 6.67 -8.43
N GLN E 79 -21.75 6.62 -9.26
CA GLN E 79 -20.88 7.77 -9.50
C GLN E 79 -20.95 8.15 -10.96
N PRO E 80 -20.50 9.36 -11.31
CA PRO E 80 -20.48 9.81 -12.70
C PRO E 80 -19.78 8.85 -13.64
N ASP E 81 -18.70 8.24 -13.18
CA ASP E 81 -17.99 7.29 -14.02
C ASP E 81 -18.81 6.03 -14.35
N ASP E 82 -19.87 5.76 -13.59
CA ASP E 82 -20.59 4.50 -13.72
C ASP E 82 -21.70 4.48 -14.77
N PHE E 83 -22.03 5.62 -15.37
CA PHE E 83 -23.05 5.62 -16.41
C PHE E 83 -22.44 4.95 -17.64
N ALA E 84 -23.00 3.80 -18.01
CA ALA E 84 -22.38 2.94 -19.02
C ALA E 84 -23.32 1.81 -19.42
N THR E 85 -22.85 0.89 -20.24
CA THR E 85 -23.57 -0.34 -20.44
C THR E 85 -22.91 -1.49 -19.65
N TYR E 86 -23.71 -2.40 -19.13
CA TYR E 86 -23.21 -3.51 -18.32
C TYR E 86 -23.66 -4.83 -18.92
N TYR E 87 -22.76 -5.78 -18.90
CA TYR E 87 -23.01 -7.06 -19.53
C TYR E 87 -22.70 -8.14 -18.51
N CYS E 88 -23.61 -9.09 -18.39
CA CYS E 88 -23.29 -10.26 -17.62
C CYS E 88 -22.76 -11.29 -18.63
N LYS E 89 -21.96 -12.22 -18.13
CA LYS E 89 -21.39 -13.28 -18.95
C LYS E 89 -21.29 -14.57 -18.16
N GLN E 90 -21.95 -15.58 -18.68
CA GLN E 90 -21.92 -16.92 -18.09
C GLN E 90 -20.66 -17.66 -18.61
N TYR E 91 -20.00 -18.43 -17.73
CA TYR E 91 -18.87 -19.30 -18.18
C TYR E 91 -18.93 -20.67 -17.52
N ALA E 92 -20.15 -21.15 -17.30
CA ALA E 92 -20.36 -22.49 -16.83
C ALA E 92 -20.15 -23.43 -18.00
N ASP E 93 -20.40 -22.97 -19.22
CA ASP E 93 -20.37 -23.83 -20.40
C ASP E 93 -20.09 -23.01 -21.64
N TYR E 94 -18.82 -22.96 -22.03
CA TYR E 94 -18.35 -21.98 -22.99
C TYR E 94 -18.74 -20.61 -22.42
N TRP E 95 -18.94 -19.62 -23.28
CA TRP E 95 -19.15 -18.25 -22.86
C TRP E 95 -20.39 -17.68 -23.53
N THR E 96 -21.25 -17.02 -22.74
CA THR E 96 -22.35 -16.25 -23.30
C THR E 96 -22.59 -14.97 -22.54
N PHE E 97 -22.62 -13.87 -23.30
CA PHE E 97 -22.98 -12.56 -22.75
C PHE E 97 -24.46 -12.34 -22.78
N GLY E 98 -24.96 -11.60 -21.81
CA GLY E 98 -26.31 -11.06 -21.90
C GLY E 98 -26.44 -9.96 -22.94
N GLN E 99 -27.66 -9.51 -23.21
CA GLN E 99 -27.89 -8.49 -24.23
C GLN E 99 -27.41 -7.09 -23.82
N GLY E 100 -27.17 -6.88 -22.53
CA GLY E 100 -26.67 -5.59 -22.05
C GLY E 100 -27.80 -4.76 -21.40
N THR E 101 -27.39 -3.85 -20.51
CA THR E 101 -28.24 -2.98 -19.75
C THR E 101 -27.57 -1.62 -19.66
N LYS E 102 -28.19 -0.61 -20.28
CA LYS E 102 -27.70 0.78 -20.29
C LYS E 102 -28.15 1.52 -19.05
N VAL E 103 -27.21 2.07 -18.30
CA VAL E 103 -27.50 2.90 -17.14
C VAL E 103 -27.36 4.36 -17.55
N GLU E 104 -28.51 5.02 -17.70
CA GLU E 104 -28.58 6.36 -18.24
C GLU E 104 -28.84 7.40 -17.14
N ILE E 105 -28.69 8.65 -17.49
CA ILE E 105 -28.74 9.74 -16.53
C ILE E 105 -30.14 10.27 -16.44
N LYS E 106 -30.65 10.37 -15.22
CA LYS E 106 -32.00 10.83 -15.00
C LYS E 106 -32.01 12.35 -14.85
N ARG E 107 -32.99 12.96 -15.50
CA ARG E 107 -33.22 14.41 -15.42
C ARG E 107 -34.71 14.63 -15.63
N THR E 108 -35.17 15.87 -15.52
CA THR E 108 -36.61 16.13 -15.61
C THR E 108 -37.13 15.95 -17.02
N VAL E 109 -38.42 15.67 -17.11
CA VAL E 109 -39.07 15.56 -18.40
C VAL E 109 -38.79 16.86 -19.17
N ALA E 110 -38.59 16.75 -20.48
CA ALA E 110 -38.36 17.91 -21.33
C ALA E 110 -38.94 17.66 -22.72
N ALA E 111 -39.75 18.61 -23.17
CA ALA E 111 -40.43 18.50 -24.44
C ALA E 111 -39.48 18.80 -25.61
N PRO E 112 -39.67 18.08 -26.73
CA PRO E 112 -38.89 18.37 -27.93
C PRO E 112 -39.36 19.65 -28.56
N SER E 113 -38.47 20.33 -29.27
CA SER E 113 -38.86 21.34 -30.25
C SER E 113 -38.92 20.63 -31.57
N VAL E 114 -39.95 20.91 -32.36
CA VAL E 114 -40.19 20.16 -33.58
C VAL E 114 -40.03 21.06 -34.79
N PHE E 115 -39.08 20.74 -35.66
CA PHE E 115 -38.88 21.46 -36.89
C PHE E 115 -39.10 20.50 -38.04
N ILE E 116 -39.56 21.03 -39.15
CA ILE E 116 -39.79 20.23 -40.33
C ILE E 116 -39.10 20.90 -41.52
N PHE E 117 -38.49 20.06 -42.36
CA PHE E 117 -37.63 20.53 -43.44
C PHE E 117 -38.11 19.90 -44.72
N PRO E 118 -38.51 20.73 -45.68
CA PRO E 118 -38.94 20.12 -46.93
C PRO E 118 -37.71 19.61 -47.73
N PRO E 119 -37.96 18.71 -48.69
CA PRO E 119 -36.90 18.30 -49.59
C PRO E 119 -36.33 19.46 -50.40
N SER E 120 -35.00 19.60 -50.30
CA SER E 120 -34.19 20.50 -51.13
C SER E 120 -34.53 20.45 -52.63
N ASP E 121 -34.34 21.56 -53.33
CA ASP E 121 -34.56 21.60 -54.79
C ASP E 121 -33.54 20.77 -55.56
N GLU E 122 -32.31 20.69 -55.04
CA GLU E 122 -31.25 19.85 -55.63
C GLU E 122 -31.66 18.39 -55.64
N GLN E 123 -32.15 17.91 -54.50
CA GLN E 123 -32.58 16.53 -54.39
C GLN E 123 -33.74 16.24 -55.34
N LEU E 124 -34.65 17.18 -55.48
CA LEU E 124 -35.82 17.03 -56.35
C LEU E 124 -35.39 16.90 -57.78
N LYS E 125 -34.20 17.29 -58.13
CA LYS E 125 -33.94 17.08 -59.52
C LYS E 125 -33.51 15.63 -59.78
N SER E 126 -32.95 15.01 -58.71
CA SER E 126 -32.31 13.70 -58.66
C SER E 126 -33.20 12.48 -58.64
N GLY E 127 -34.49 12.72 -58.62
CA GLY E 127 -35.33 11.53 -58.73
C GLY E 127 -35.94 11.03 -57.44
N THR E 128 -35.49 11.43 -56.24
CA THR E 128 -36.11 11.04 -54.93
C THR E 128 -36.37 12.35 -54.14
N ALA E 129 -37.19 12.29 -53.09
CA ALA E 129 -37.52 13.45 -52.28
C ALA E 129 -37.56 13.04 -50.82
N SER E 130 -36.88 13.78 -49.96
CA SER E 130 -36.77 13.43 -48.54
C SER E 130 -37.20 14.57 -47.63
N VAL E 131 -38.24 14.31 -46.84
CA VAL E 131 -38.75 15.29 -45.90
C VAL E 131 -38.37 14.85 -44.49
N VAL E 132 -37.80 15.79 -43.75
CA VAL E 132 -37.20 15.48 -42.48
C VAL E 132 -37.93 16.19 -41.34
N CYS E 133 -38.20 15.42 -40.29
CA CYS E 133 -38.73 15.94 -39.04
C CYS E 133 -37.67 15.78 -37.98
N LEU E 134 -37.35 16.89 -37.31
CA LEU E 134 -36.39 16.88 -36.23
C LEU E 134 -37.09 17.10 -34.89
N LEU E 135 -36.86 16.22 -33.92
CA LEU E 135 -37.29 16.47 -32.54
C LEU E 135 -36.02 16.73 -31.77
N ASN E 136 -35.88 17.92 -31.22
CA ASN E 136 -34.62 18.32 -30.68
C ASN E 136 -34.65 18.46 -29.18
N ASN E 137 -33.63 17.90 -28.54
CA ASN E 137 -33.39 18.08 -27.11
C ASN E 137 -34.56 17.77 -26.15
N PHE E 138 -34.95 16.49 -26.13
CA PHE E 138 -36.07 16.05 -25.28
C PHE E 138 -35.67 14.94 -24.30
N TYR E 139 -36.48 14.82 -23.24
CA TYR E 139 -36.37 13.73 -22.27
C TYR E 139 -37.76 13.36 -21.79
N PRO E 140 -38.03 12.06 -21.65
CA PRO E 140 -37.21 10.89 -21.87
C PRO E 140 -37.31 10.40 -23.32
N ARG E 141 -36.54 9.38 -23.65
CA ARG E 141 -36.40 8.93 -25.05
C ARG E 141 -37.71 8.56 -25.78
N GLU E 142 -38.78 8.23 -25.06
CA GLU E 142 -39.99 7.77 -25.76
C GLU E 142 -40.65 8.93 -26.50
N ALA E 143 -40.96 8.70 -27.78
CA ALA E 143 -41.62 9.70 -28.60
C ALA E 143 -42.24 9.04 -29.83
N LYS E 144 -43.39 9.53 -30.28
CA LYS E 144 -44.04 8.99 -31.47
C LYS E 144 -44.08 10.05 -32.56
N VAL E 145 -43.72 9.65 -33.77
CA VAL E 145 -43.76 10.57 -34.90
C VAL E 145 -44.62 9.96 -36.00
N GLN E 146 -45.70 10.66 -36.36
CA GLN E 146 -46.52 10.21 -37.45
C GLN E 146 -46.40 11.16 -38.62
N TRP E 147 -46.33 10.58 -39.80
CA TRP E 147 -46.29 11.37 -41.01
C TRP E 147 -47.67 11.40 -41.62
N LYS E 148 -48.08 12.58 -42.05
CA LYS E 148 -49.32 12.73 -42.77
C LYS E 148 -49.10 13.59 -43.99
N VAL E 149 -49.55 13.08 -45.14
CA VAL E 149 -49.55 13.85 -46.37
C VAL E 149 -50.98 13.83 -46.87
N ASP E 150 -51.56 15.02 -46.94
CA ASP E 150 -52.98 15.18 -47.22
C ASP E 150 -53.77 14.33 -46.21
N ASN E 151 -53.32 14.41 -44.94
CA ASN E 151 -53.97 13.74 -43.76
C ASN E 151 -54.04 12.24 -43.85
N ALA E 152 -53.16 11.76 -44.69
CA ALA E 152 -52.99 10.39 -44.99
C ALA E 152 -51.82 9.82 -44.26
N LEU E 153 -52.30 9.24 -43.17
CA LEU E 153 -51.45 8.56 -42.26
C LEU E 153 -50.55 7.66 -43.12
N GLN E 154 -49.25 7.58 -42.74
CA GLN E 154 -48.24 6.87 -43.53
C GLN E 154 -47.86 5.49 -42.91
N SER E 155 -47.94 4.44 -43.72
CA SER E 155 -47.72 3.07 -43.26
C SER E 155 -46.32 2.65 -42.92
N GLY E 156 -45.48 2.73 -43.95
CA GLY E 156 -44.10 2.38 -43.85
C GLY E 156 -43.26 2.94 -44.99
N ASN E 157 -42.75 4.12 -44.80
CA ASN E 157 -41.84 4.70 -45.79
C ASN E 157 -41.01 5.82 -45.13
N SER E 158 -40.62 5.58 -43.89
CA SER E 158 -39.85 6.56 -43.14
C SER E 158 -39.00 5.86 -42.10
N GLN E 159 -37.83 6.43 -41.82
CA GLN E 159 -36.92 5.86 -40.83
C GLN E 159 -36.53 6.92 -39.81
N GLU E 160 -36.30 6.48 -38.58
CA GLU E 160 -35.93 7.35 -37.47
C GLU E 160 -34.50 7.08 -37.05
N SER E 161 -33.91 8.02 -36.30
CA SER E 161 -32.57 7.85 -35.77
C SER E 161 -32.45 8.67 -34.50
N VAL E 162 -31.74 8.17 -33.51
CA VAL E 162 -31.70 8.81 -32.19
C VAL E 162 -30.28 8.99 -31.68
N THR E 163 -30.01 10.13 -31.06
CA THR E 163 -28.73 10.37 -30.42
C THR E 163 -28.72 9.74 -29.04
N GLU E 164 -27.53 9.54 -28.50
CA GLU E 164 -27.42 9.14 -27.10
C GLU E 164 -27.50 10.40 -26.26
N GLN E 165 -27.65 10.25 -24.96
CA GLN E 165 -27.79 11.40 -24.08
C GLN E 165 -26.71 12.43 -24.36
N ASP E 166 -27.14 13.64 -24.72
CA ASP E 166 -26.23 14.75 -24.86
C ASP E 166 -25.40 14.86 -23.59
N SER E 167 -24.12 15.15 -23.74
CA SER E 167 -23.25 15.26 -22.58
C SER E 167 -23.55 16.51 -21.78
N LYS E 168 -24.07 17.55 -22.43
CA LYS E 168 -24.31 18.80 -21.75
C LYS E 168 -25.64 18.81 -20.96
N ASP E 169 -26.77 18.45 -21.60
CA ASP E 169 -28.09 18.57 -20.95
C ASP E 169 -28.82 17.24 -20.78
N SER E 170 -28.12 16.13 -21.04
CA SER E 170 -28.66 14.78 -20.89
C SER E 170 -29.93 14.49 -21.66
N THR E 171 -30.22 15.24 -22.71
CA THR E 171 -31.42 14.98 -23.51
C THR E 171 -31.07 14.12 -24.67
N TYR E 172 -32.11 13.64 -25.33
CA TYR E 172 -32.02 12.94 -26.60
C TYR E 172 -32.45 13.90 -27.71
N SER E 173 -32.16 13.51 -28.95
CA SER E 173 -32.78 14.13 -30.11
C SER E 173 -33.05 13.02 -31.10
N LEU E 174 -33.98 13.28 -32.01
CA LEU E 174 -34.42 12.27 -32.93
C LEU E 174 -34.70 12.90 -34.27
N SER E 175 -34.46 12.16 -35.33
CA SER E 175 -34.80 12.58 -36.67
C SER E 175 -35.74 11.53 -37.18
N SER E 176 -36.69 11.95 -38.00
CA SER E 176 -37.49 11.02 -38.78
C SER E 176 -37.49 11.50 -40.21
N THR E 177 -37.17 10.60 -41.12
CA THR E 177 -37.01 10.97 -42.51
C THR E 177 -37.99 10.19 -43.37
N LEU E 178 -38.76 10.90 -44.19
CA LEU E 178 -39.76 10.29 -45.05
C LEU E 178 -39.27 10.41 -46.48
N THR E 179 -39.04 9.26 -47.11
CA THR E 179 -38.51 9.21 -48.48
C THR E 179 -39.59 8.84 -49.50
N LEU E 180 -39.82 9.74 -50.47
CA LEU E 180 -40.71 9.48 -51.59
C LEU E 180 -39.97 9.68 -52.91
N SER E 181 -40.55 9.16 -53.99
CA SER E 181 -40.08 9.51 -55.33
C SER E 181 -40.61 10.90 -55.67
N LYS E 182 -39.90 11.62 -56.52
CA LYS E 182 -40.35 12.94 -56.96
C LYS E 182 -41.76 12.83 -57.54
N ALA E 183 -42.03 11.73 -58.25
CA ALA E 183 -43.36 11.47 -58.81
C ALA E 183 -44.43 11.61 -57.75
N ASP E 184 -44.32 10.83 -56.67
CA ASP E 184 -45.30 10.85 -55.59
C ASP E 184 -45.30 12.16 -54.80
N TYR E 185 -44.11 12.67 -54.50
CA TYR E 185 -44.00 13.93 -53.75
C TYR E 185 -44.78 15.04 -54.41
N GLU E 186 -44.65 15.15 -55.73
CA GLU E 186 -45.36 16.18 -56.47
C GLU E 186 -46.88 15.96 -56.57
N LYS E 187 -47.36 14.81 -56.12
CA LYS E 187 -48.80 14.47 -56.19
C LYS E 187 -49.64 14.91 -54.99
N HIS E 188 -49.04 15.49 -53.96
CA HIS E 188 -49.78 15.84 -52.75
C HIS E 188 -49.41 17.24 -52.24
N LYS E 189 -50.40 17.97 -51.74
CA LYS E 189 -50.24 19.38 -51.35
C LYS E 189 -49.45 19.57 -50.05
N VAL E 190 -50.01 19.03 -48.97
CA VAL E 190 -49.56 19.34 -47.61
C VAL E 190 -48.87 18.16 -46.96
N TYR E 191 -47.73 18.43 -46.32
CA TYR E 191 -46.91 17.42 -45.66
C TYR E 191 -46.76 17.78 -44.19
N ALA E 192 -47.03 16.83 -43.30
CA ALA E 192 -47.11 17.13 -41.88
C ALA E 192 -46.51 16.06 -40.99
N CYS E 193 -45.83 16.53 -39.96
CA CYS E 193 -45.16 15.71 -38.98
C CYS E 193 -45.91 15.84 -37.67
N GLU E 194 -46.50 14.75 -37.16
CA GLU E 194 -47.22 14.75 -35.88
C GLU E 194 -46.44 14.06 -34.75
N VAL E 195 -46.19 14.79 -33.67
CA VAL E 195 -45.33 14.34 -32.58
C VAL E 195 -46.07 14.18 -31.27
N THR E 196 -45.79 13.11 -30.55
CA THR E 196 -46.42 12.86 -29.26
C THR E 196 -45.35 12.50 -28.25
N HIS E 197 -45.38 13.16 -27.09
CA HIS E 197 -44.35 13.01 -26.08
C HIS E 197 -44.85 13.51 -24.73
N GLN E 198 -44.43 12.82 -23.68
CA GLN E 198 -44.84 13.09 -22.29
C GLN E 198 -44.83 14.57 -21.89
N GLY E 199 -43.80 15.28 -22.32
CA GLY E 199 -43.63 16.72 -22.05
C GLY E 199 -44.50 17.70 -22.83
N LEU E 200 -45.26 17.17 -23.78
CA LEU E 200 -46.25 17.92 -24.55
C LEU E 200 -47.64 17.52 -24.06
N SER E 201 -48.44 18.50 -23.67
CA SER E 201 -49.79 18.24 -23.21
C SER E 201 -50.73 17.85 -24.38
N SER E 202 -50.30 18.07 -25.62
CA SER E 202 -51.03 17.55 -26.78
C SER E 202 -50.08 17.28 -27.94
N PRO E 203 -50.53 16.52 -28.96
CA PRO E 203 -49.68 16.29 -30.14
C PRO E 203 -49.43 17.57 -30.94
N VAL E 204 -48.17 17.91 -31.09
CA VAL E 204 -47.73 19.01 -31.93
C VAL E 204 -47.68 18.54 -33.37
N THR E 205 -48.13 19.39 -34.29
CA THR E 205 -48.04 19.13 -35.72
C THR E 205 -47.28 20.27 -36.41
N LYS E 206 -46.24 19.91 -37.16
CA LYS E 206 -45.55 20.85 -38.04
C LYS E 206 -45.77 20.39 -39.46
N SER E 207 -45.96 21.36 -40.36
CA SER E 207 -46.34 21.04 -41.72
C SER E 207 -45.94 22.13 -42.70
N PHE E 208 -46.13 21.85 -43.99
CA PHE E 208 -45.90 22.83 -45.05
C PHE E 208 -46.68 22.43 -46.30
N ASN E 209 -46.80 23.37 -47.23
CA ASN E 209 -47.31 23.08 -48.56
C ASN E 209 -46.18 23.22 -49.56
N ARG E 210 -46.10 22.29 -50.51
CA ARG E 210 -45.19 22.43 -51.65
C ARG E 210 -45.36 23.78 -52.33
N GLY E 211 -44.29 24.60 -52.33
CA GLY E 211 -44.34 25.95 -52.91
C GLY E 211 -44.56 27.08 -51.92
N GLU E 212 -44.72 26.72 -50.63
CA GLU E 212 -44.85 27.69 -49.54
C GLU E 212 -43.67 27.55 -48.56
N CYS E 213 -42.58 28.25 -48.86
CA CYS E 213 -41.48 28.50 -47.92
C CYS E 213 -40.99 27.23 -47.23
N THR F 12 23.22 -37.69 48.63
CA THR F 12 21.80 -37.45 48.25
C THR F 12 21.61 -37.18 46.75
N ASP F 13 20.41 -37.45 46.24
CA ASP F 13 20.13 -37.42 44.80
C ASP F 13 20.13 -35.99 44.22
N ILE F 14 21.01 -35.76 43.24
CA ILE F 14 21.16 -34.45 42.61
C ILE F 14 20.79 -34.47 41.13
N GLY F 15 20.13 -35.54 40.70
CA GLY F 15 19.68 -35.64 39.32
C GLY F 15 18.38 -34.89 39.15
N SER F 16 17.71 -35.12 38.02
CA SER F 16 16.34 -34.66 37.86
C SER F 16 15.56 -35.44 38.88
N ASN F 17 14.33 -35.04 39.10
CA ASN F 17 13.52 -35.79 40.01
C ASN F 17 12.23 -36.13 39.30
N THR F 18 12.40 -36.57 38.06
CA THR F 18 11.29 -36.78 37.15
C THR F 18 11.31 -38.21 36.63
N THR F 19 10.15 -38.81 36.49
CA THR F 19 10.03 -40.12 35.86
C THR F 19 9.11 -40.00 34.68
N VAL F 20 9.36 -40.80 33.65
CA VAL F 20 8.53 -40.79 32.46
C VAL F 20 8.05 -42.20 32.21
N LYS F 21 6.74 -42.41 32.21
CA LYS F 21 6.16 -43.72 31.93
C LYS F 21 5.39 -43.69 30.61
N THR F 22 5.78 -44.56 29.68
CA THR F 22 5.22 -44.54 28.33
C THR F 22 4.59 -45.87 27.96
N GLY F 23 3.41 -45.82 27.32
CA GLY F 23 2.71 -47.01 26.85
C GLY F 23 2.01 -46.73 25.53
N ASP F 24 1.30 -47.73 25.00
CA ASP F 24 0.60 -47.60 23.73
C ASP F 24 -0.73 -48.34 23.66
N LEU F 25 -1.71 -47.67 23.06
CA LEU F 25 -3.01 -48.24 22.75
C LEU F 25 -3.17 -48.19 21.27
N VAL F 26 -3.54 -49.31 20.68
CA VAL F 26 -3.70 -49.39 19.25
C VAL F 26 -5.06 -50.00 18.95
N THR F 27 -5.78 -49.37 18.04
CA THR F 27 -7.07 -49.88 17.59
C THR F 27 -7.16 -49.77 16.08
N TYR F 28 -7.70 -50.79 15.45
CA TYR F 28 -7.98 -50.74 14.04
C TYR F 28 -9.49 -50.64 13.89
N ASP F 29 -9.94 -49.57 13.25
CA ASP F 29 -11.35 -49.41 12.91
C ASP F 29 -11.52 -49.85 11.47
N LYS F 30 -11.98 -51.08 11.28
CA LYS F 30 -12.09 -51.65 9.94
C LYS F 30 -13.01 -50.82 9.08
N GLU F 31 -14.18 -50.47 9.62
CA GLU F 31 -15.21 -49.84 8.80
C GLU F 31 -14.78 -48.49 8.26
N ASN F 32 -14.10 -47.70 9.09
CA ASN F 32 -13.61 -46.38 8.67
C ASN F 32 -12.21 -46.37 8.11
N GLY F 33 -11.62 -47.55 7.89
CA GLY F 33 -10.24 -47.66 7.40
C GLY F 33 -9.24 -46.81 8.17
N MET F 34 -9.25 -46.92 9.50
CA MET F 34 -8.35 -46.12 10.34
C MET F 34 -7.61 -46.96 11.35
N HIS F 35 -6.32 -46.75 11.41
CA HIS F 35 -5.43 -47.48 12.30
C HIS F 35 -4.96 -46.47 13.34
N LYS F 36 -5.68 -46.39 14.44
CA LYS F 36 -5.34 -45.47 15.51
C LYS F 36 -4.23 -46.06 16.37
N LYS F 37 -3.16 -45.32 16.56
CA LYS F 37 -2.03 -45.73 17.36
C LYS F 37 -1.70 -44.58 18.27
N VAL F 38 -2.02 -44.73 19.54
CA VAL F 38 -1.83 -43.65 20.51
C VAL F 38 -0.75 -44.03 21.50
N PHE F 39 0.26 -43.18 21.63
CA PHE F 39 1.29 -43.33 22.64
C PHE F 39 0.99 -42.35 23.78
N TYR F 40 1.24 -42.77 25.01
CA TYR F 40 1.01 -41.90 26.15
C TYR F 40 2.21 -41.93 27.07
N SER F 41 2.54 -40.79 27.66
CA SER F 41 3.70 -40.65 28.49
C SER F 41 3.40 -39.76 29.68
N PHE F 42 3.35 -40.34 30.88
CA PHE F 42 3.14 -39.58 32.11
C PHE F 42 4.46 -39.00 32.62
N ILE F 43 4.46 -37.70 32.90
CA ILE F 43 5.65 -37.05 33.42
C ILE F 43 5.43 -36.65 34.86
N ASP F 44 6.14 -37.35 35.75
CA ASP F 44 5.99 -37.16 37.17
C ASP F 44 7.22 -36.45 37.71
N ASP F 45 7.26 -35.14 37.55
CA ASP F 45 8.30 -34.32 38.15
C ASP F 45 7.93 -34.12 39.60
N LYS F 46 8.54 -34.89 40.49
CA LYS F 46 8.22 -34.83 41.91
C LYS F 46 8.55 -33.48 42.56
N ASN F 47 9.22 -32.58 41.86
CA ASN F 47 9.34 -31.21 42.33
C ASN F 47 8.27 -30.25 41.78
N HIS F 48 7.12 -30.76 41.38
CA HIS F 48 6.11 -29.90 40.78
C HIS F 48 4.72 -30.34 41.20
N ASN F 49 3.93 -29.37 41.65
CA ASN F 49 2.59 -29.64 42.19
C ASN F 49 1.59 -30.25 41.20
N LYS F 50 1.93 -30.18 39.92
CA LYS F 50 1.13 -30.78 38.86
C LYS F 50 1.86 -31.92 38.18
N LYS F 51 1.10 -32.71 37.42
CA LYS F 51 1.57 -33.96 36.84
C LYS F 51 1.07 -34.01 35.40
N LEU F 52 1.99 -34.19 34.43
CA LEU F 52 1.64 -34.09 33.01
C LEU F 52 1.38 -35.42 32.34
N LEU F 53 0.73 -35.33 31.19
CA LEU F 53 0.52 -36.47 30.30
C LEU F 53 0.67 -36.00 28.87
N VAL F 54 1.52 -36.68 28.10
CA VAL F 54 1.62 -36.39 26.68
C VAL F 54 0.94 -37.50 25.89
N ILE F 55 -0.03 -37.10 25.06
CA ILE F 55 -0.75 -38.03 24.22
C ILE F 55 -0.35 -37.76 22.78
N ARG F 56 0.31 -38.75 22.21
CA ARG F 56 0.79 -38.68 20.86
C ARG F 56 -0.14 -39.51 19.97
N THR F 57 -0.71 -38.86 18.96
CA THR F 57 -1.69 -39.48 18.07
C THR F 57 -1.05 -39.80 16.73
N LYS F 58 -0.80 -41.09 16.48
CA LYS F 58 -0.23 -41.54 15.22
C LYS F 58 -1.16 -42.57 14.62
N GLY F 59 -0.62 -43.35 13.69
CA GLY F 59 -1.40 -44.35 12.98
C GLY F 59 -1.58 -43.90 11.56
N THR F 60 -2.64 -44.39 10.91
CA THR F 60 -2.91 -44.02 9.54
C THR F 60 -4.40 -43.95 9.29
N ILE F 61 -4.81 -42.87 8.63
CA ILE F 61 -6.14 -42.72 8.11
C ILE F 61 -6.01 -43.02 6.65
N ALA F 62 -6.58 -44.14 6.21
CA ALA F 62 -6.51 -44.51 4.79
C ALA F 62 -7.14 -43.40 3.93
N GLY F 63 -6.65 -43.23 2.70
CA GLY F 63 -7.18 -42.20 1.81
C GLY F 63 -8.51 -42.58 1.18
N GLN F 64 -8.55 -43.79 0.63
CA GLN F 64 -9.76 -44.36 0.02
C GLN F 64 -10.26 -43.52 -1.15
N TYR F 65 -9.36 -43.40 -2.12
CA TYR F 65 -9.60 -42.73 -3.39
C TYR F 65 -10.17 -43.81 -4.26
N ARG F 66 -11.44 -43.73 -4.57
CA ARG F 66 -12.09 -44.81 -5.30
C ARG F 66 -13.27 -44.30 -6.12
N VAL F 67 -13.53 -44.95 -7.23
CA VAL F 67 -14.75 -44.70 -7.98
C VAL F 67 -15.90 -45.10 -7.07
N TYR F 68 -16.75 -44.12 -6.76
CA TYR F 68 -17.88 -44.31 -5.87
C TYR F 68 -19.17 -44.60 -6.63
N SER F 69 -19.41 -43.86 -7.70
CA SER F 69 -20.67 -43.93 -8.43
C SER F 69 -20.45 -44.03 -9.92
N GLU F 70 -21.36 -44.71 -10.60
CA GLU F 70 -21.36 -44.82 -12.05
C GLU F 70 -22.79 -44.71 -12.57
N GLU F 71 -23.11 -43.62 -13.27
CA GLU F 71 -24.47 -43.42 -13.81
C GLU F 71 -24.66 -43.97 -15.23
N GLY F 72 -23.55 -44.24 -15.90
CA GLY F 72 -23.57 -45.03 -17.13
C GLY F 72 -22.17 -44.86 -17.70
N ALA F 73 -22.01 -45.05 -19.00
CA ALA F 73 -20.69 -44.78 -19.59
C ALA F 73 -20.27 -43.32 -19.45
N ASN F 74 -21.25 -42.43 -19.32
CA ASN F 74 -21.00 -41.01 -19.51
C ASN F 74 -20.88 -40.15 -18.25
N LYS F 75 -21.08 -40.76 -17.08
CA LYS F 75 -20.96 -40.04 -15.83
C LYS F 75 -20.47 -41.00 -14.75
N SER F 76 -19.59 -40.51 -13.90
CA SER F 76 -19.06 -41.29 -12.80
C SER F 76 -18.49 -40.37 -11.74
N GLY F 77 -18.60 -40.78 -10.49
CA GLY F 77 -18.10 -40.00 -9.39
C GLY F 77 -17.04 -40.74 -8.62
N LEU F 78 -16.09 -39.96 -8.13
CA LEU F 78 -14.91 -40.43 -7.46
C LEU F 78 -14.86 -39.82 -6.07
N ALA F 79 -14.89 -40.65 -5.04
CA ALA F 79 -14.74 -40.15 -3.69
C ALA F 79 -13.28 -40.01 -3.40
N TRP F 80 -12.85 -38.86 -2.93
CA TRP F 80 -11.43 -38.62 -2.61
C TRP F 80 -11.26 -37.79 -1.34
N PRO F 81 -10.15 -37.95 -0.62
CA PRO F 81 -10.06 -37.32 0.69
C PRO F 81 -9.60 -35.89 0.62
N SER F 82 -10.49 -34.98 1.02
CA SER F 82 -10.22 -33.55 0.97
C SER F 82 -9.59 -33.07 2.26
N ALA F 83 -9.77 -33.81 3.35
CA ALA F 83 -9.13 -33.45 4.61
C ALA F 83 -9.05 -34.62 5.61
N PHE F 84 -8.04 -34.57 6.48
CA PHE F 84 -7.93 -35.53 7.58
C PHE F 84 -7.88 -34.72 8.85
N LYS F 85 -8.54 -35.20 9.90
CA LYS F 85 -8.61 -34.45 11.15
C LYS F 85 -8.30 -35.35 12.35
N VAL F 86 -7.67 -34.76 13.37
CA VAL F 86 -7.49 -35.39 14.66
C VAL F 86 -7.88 -34.37 15.72
N GLN F 87 -8.74 -34.79 16.64
CA GLN F 87 -9.27 -33.91 17.68
C GLN F 87 -9.22 -34.61 19.01
N LEU F 88 -8.84 -33.86 20.04
CA LEU F 88 -8.86 -34.31 21.43
C LEU F 88 -9.88 -33.45 22.18
N GLN F 89 -10.62 -34.06 23.09
CA GLN F 89 -11.60 -33.31 23.84
C GLN F 89 -11.81 -33.86 25.25
N LEU F 90 -11.46 -33.06 26.25
CA LEU F 90 -11.85 -33.35 27.63
C LEU F 90 -13.27 -32.87 27.82
N PRO F 91 -14.09 -33.65 28.56
CA PRO F 91 -15.39 -33.09 28.95
C PRO F 91 -15.28 -31.85 29.85
N ASP F 92 -16.37 -31.08 29.93
CA ASP F 92 -16.36 -29.78 30.62
C ASP F 92 -16.26 -29.87 32.14
N ASN F 93 -16.86 -30.90 32.72
CA ASN F 93 -16.76 -31.16 34.16
C ASN F 93 -15.39 -31.65 34.64
N GLU F 94 -14.52 -32.10 33.73
CA GLU F 94 -13.22 -32.62 34.10
C GLU F 94 -12.33 -31.54 34.71
N VAL F 95 -11.58 -31.94 35.74
CA VAL F 95 -10.62 -31.06 36.42
C VAL F 95 -9.38 -30.77 35.55
N ALA F 96 -8.92 -31.77 34.80
CA ALA F 96 -7.68 -31.67 34.02
C ALA F 96 -7.78 -30.67 32.86
N GLN F 97 -6.63 -30.18 32.40
CA GLN F 97 -6.55 -29.16 31.34
C GLN F 97 -5.47 -29.43 30.29
N ILE F 98 -5.70 -28.90 29.10
CA ILE F 98 -4.70 -28.89 28.04
C ILE F 98 -3.77 -27.72 28.25
N SER F 99 -2.47 -28.00 28.26
CA SER F 99 -1.44 -27.00 28.50
C SER F 99 -0.45 -26.79 27.35
N ASP F 100 -0.37 -27.72 26.39
CA ASP F 100 0.45 -27.53 25.20
C ASP F 100 -0.01 -28.47 24.08
N TYR F 101 0.43 -28.18 22.87
CA TYR F 101 0.10 -29.00 21.71
C TYR F 101 1.12 -28.80 20.61
N TYR F 102 1.24 -29.79 19.75
CA TYR F 102 2.28 -29.81 18.74
C TYR F 102 1.75 -30.51 17.49
N PRO F 103 1.81 -29.85 16.33
CA PRO F 103 2.23 -28.48 16.07
C PRO F 103 1.46 -27.44 16.88
N ARG F 104 2.14 -26.34 17.21
CA ARG F 104 1.56 -25.19 17.89
C ARG F 104 0.85 -24.24 16.96
N ASN F 105 1.03 -24.44 15.67
CA ASN F 105 0.52 -23.51 14.69
C ASN F 105 0.43 -24.19 13.36
N SER F 106 -0.15 -23.50 12.38
CA SER F 106 -0.34 -24.08 11.07
C SER F 106 1.00 -24.42 10.44
N ILE F 107 0.98 -25.36 9.52
CA ILE F 107 2.20 -25.85 8.93
C ILE F 107 2.00 -25.96 7.44
N ASP F 108 2.84 -25.26 6.69
CA ASP F 108 2.74 -25.23 5.24
C ASP F 108 3.80 -26.08 4.54
N THR F 109 4.92 -26.36 5.21
CA THR F 109 5.95 -27.23 4.64
C THR F 109 5.46 -28.67 4.47
N LYS F 110 6.16 -29.41 3.62
CA LYS F 110 5.83 -30.78 3.26
C LYS F 110 6.09 -31.76 4.39
N GLU F 111 7.00 -31.41 5.31
CA GLU F 111 7.29 -32.25 6.47
C GLU F 111 7.14 -31.43 7.70
N TYR F 112 6.66 -32.05 8.78
CA TYR F 112 6.76 -31.47 10.10
C TYR F 112 7.64 -32.37 10.94
N MET F 113 8.47 -31.75 11.78
CA MET F 113 9.31 -32.51 12.69
C MET F 113 9.65 -31.66 13.92
N SER F 114 9.49 -32.26 15.10
CA SER F 114 9.83 -31.61 16.34
C SER F 114 10.23 -32.66 17.37
N THR F 115 11.31 -32.40 18.11
CA THR F 115 11.68 -33.27 19.20
C THR F 115 11.23 -32.63 20.50
N LEU F 116 10.42 -33.38 21.26
CA LEU F 116 9.82 -32.87 22.48
C LEU F 116 10.61 -33.22 23.71
N THR F 117 10.92 -32.22 24.53
CA THR F 117 11.62 -32.43 25.79
C THR F 117 10.82 -31.80 26.93
N TYR F 118 11.18 -32.19 28.15
CA TYR F 118 10.55 -31.63 29.34
C TYR F 118 11.53 -30.69 30.04
N GLY F 119 11.13 -29.42 30.18
CA GLY F 119 11.99 -28.37 30.69
C GLY F 119 11.77 -27.96 32.12
N PHE F 120 10.93 -28.68 32.86
CA PHE F 120 10.93 -28.74 34.33
C PHE F 120 9.86 -28.00 35.15
N ASN F 121 9.05 -27.14 34.57
CA ASN F 121 7.99 -26.55 35.39
C ASN F 121 6.67 -26.72 34.72
N GLY F 122 6.23 -27.98 34.64
CA GLY F 122 5.12 -28.33 33.77
C GLY F 122 5.32 -27.85 32.35
N ASN F 123 6.58 -27.65 31.93
CA ASN F 123 6.87 -27.11 30.61
C ASN F 123 7.44 -28.16 29.68
N VAL F 124 6.89 -28.21 28.47
CA VAL F 124 7.33 -29.12 27.44
C VAL F 124 7.77 -28.32 26.23
N THR F 125 8.97 -28.58 25.74
CA THR F 125 9.47 -27.86 24.59
C THR F 125 9.53 -28.75 23.36
N GLY F 126 9.38 -28.12 22.20
CA GLY F 126 9.63 -28.74 20.92
C GLY F 126 10.79 -28.00 20.30
N GLY F 137 21.06 -29.72 27.29
CA GLY F 137 21.60 -29.43 28.61
C GLY F 137 20.64 -29.81 29.73
N ALA F 138 19.90 -28.82 30.25
CA ALA F 138 19.04 -29.00 31.42
C ALA F 138 17.60 -29.39 31.04
N ASN F 139 17.47 -30.55 30.40
CA ASN F 139 16.19 -31.03 29.93
C ASN F 139 16.09 -32.51 30.11
N VAL F 140 14.88 -33.00 30.33
CA VAL F 140 14.62 -34.42 30.35
C VAL F 140 14.03 -34.81 29.01
N SER F 141 14.68 -35.71 28.31
CA SER F 141 14.12 -36.31 27.11
C SER F 141 12.93 -37.16 27.52
N ILE F 142 11.86 -37.09 26.75
CA ILE F 142 10.69 -37.92 26.98
C ILE F 142 10.56 -38.99 25.91
N GLY F 143 11.45 -38.94 24.90
CA GLY F 143 11.52 -39.98 23.88
C GLY F 143 10.51 -39.86 22.75
N HIS F 144 10.17 -38.63 22.38
CA HIS F 144 9.23 -38.41 21.28
C HIS F 144 9.81 -37.42 20.28
N THR F 145 9.99 -37.87 19.06
CA THR F 145 10.26 -36.98 17.96
C THR F 145 9.11 -37.12 17.00
N LEU F 146 8.28 -36.09 16.94
CA LEU F 146 7.14 -36.05 16.05
C LEU F 146 7.62 -35.89 14.62
N LYS F 147 7.06 -36.66 13.70
CA LYS F 147 7.37 -36.51 12.30
C LYS F 147 6.21 -36.95 11.43
N TYR F 148 5.82 -36.11 10.47
CA TYR F 148 4.87 -36.50 9.43
C TYR F 148 5.03 -35.71 8.16
N VAL F 149 4.45 -36.25 7.09
CA VAL F 149 4.47 -35.60 5.79
C VAL F 149 3.07 -35.32 5.24
N GLN F 150 2.94 -34.24 4.47
CA GLN F 150 1.67 -33.84 3.91
C GLN F 150 1.79 -33.32 2.48
N PRO F 151 2.47 -34.06 1.58
CA PRO F 151 2.56 -33.56 0.21
C PRO F 151 1.20 -33.13 -0.34
N ASP F 152 1.15 -31.94 -0.94
CA ASP F 152 -0.07 -31.32 -1.49
C ASP F 152 -1.11 -30.84 -0.49
N PHE F 153 -0.82 -30.89 0.80
CA PHE F 153 -1.81 -30.57 1.85
C PHE F 153 -1.20 -29.54 2.81
N LYS F 154 -2.03 -28.86 3.59
CA LYS F 154 -1.55 -27.97 4.67
C LYS F 154 -2.05 -28.50 5.99
N THR F 155 -1.47 -28.03 7.08
CA THR F 155 -2.00 -28.33 8.40
C THR F 155 -2.51 -27.05 9.01
N ILE F 156 -3.78 -27.07 9.39
CA ILE F 156 -4.42 -25.96 10.08
C ILE F 156 -4.71 -26.39 11.50
N LEU F 157 -4.33 -25.58 12.46
CA LEU F 157 -4.68 -25.80 13.87
C LEU F 157 -6.09 -25.26 14.14
N GLU F 158 -6.96 -26.09 14.73
CA GLU F 158 -8.34 -25.68 15.07
C GLU F 158 -8.41 -25.09 16.48
N SER F 159 -8.97 -23.88 16.54
CA SER F 159 -9.05 -23.09 17.78
C SER F 159 -8.95 -23.91 19.06
N PRO F 160 -7.76 -23.94 19.65
CA PRO F 160 -7.55 -24.72 20.85
C PRO F 160 -8.15 -24.03 22.06
N THR F 161 -8.51 -24.82 23.07
CA THR F 161 -8.92 -24.31 24.38
C THR F 161 -8.27 -25.21 25.42
N ASP F 162 -8.64 -25.04 26.69
CA ASP F 162 -8.09 -25.93 27.72
C ASP F 162 -8.79 -27.29 27.80
N LYS F 163 -9.86 -27.48 27.02
CA LYS F 163 -10.55 -28.78 26.99
C LYS F 163 -10.57 -29.44 25.61
N LYS F 164 -10.08 -28.73 24.59
CA LYS F 164 -10.22 -29.20 23.21
C LYS F 164 -9.07 -28.67 22.38
N VAL F 165 -8.54 -29.54 21.51
CA VAL F 165 -7.54 -29.12 20.55
C VAL F 165 -7.70 -29.95 19.29
N GLY F 166 -7.28 -29.42 18.16
CA GLY F 166 -7.47 -30.14 16.91
C GLY F 166 -6.62 -29.62 15.79
N TRP F 167 -6.29 -30.52 14.86
CA TRP F 167 -5.51 -30.21 13.67
C TRP F 167 -6.34 -30.70 12.48
N LYS F 168 -6.41 -29.93 11.41
CA LYS F 168 -6.92 -30.49 10.16
C LYS F 168 -5.87 -30.38 9.09
N VAL F 169 -5.75 -31.44 8.31
CA VAL F 169 -4.76 -31.52 7.27
C VAL F 169 -5.55 -31.50 5.99
N ILE F 170 -5.52 -30.38 5.31
CA ILE F 170 -6.48 -30.11 4.23
C ILE F 170 -5.81 -30.04 2.88
N PHE F 171 -6.52 -30.49 1.87
CA PHE F 171 -6.00 -30.48 0.52
C PHE F 171 -5.75 -29.07 0.09
N ASN F 172 -4.70 -28.90 -0.63
CA ASN F 172 -4.37 -27.56 -1.00
C ASN F 172 -4.14 -27.32 -2.46
N ASN F 173 -3.58 -28.33 -3.10
CA ASN F 173 -3.04 -28.00 -4.40
C ASN F 173 -2.44 -29.16 -5.14
N MET F 174 -2.63 -29.33 -6.46
CA MET F 174 -2.03 -30.49 -7.12
C MET F 174 -1.84 -30.38 -8.64
N VAL F 175 -0.61 -30.66 -9.07
CA VAL F 175 -0.30 -30.70 -10.51
C VAL F 175 -0.89 -32.00 -11.03
N ASN F 176 -1.44 -31.98 -12.24
CA ASN F 176 -2.04 -33.14 -12.86
C ASN F 176 -1.38 -33.36 -14.19
N GLN F 177 -0.44 -34.33 -14.23
CA GLN F 177 0.29 -34.73 -15.45
C GLN F 177 0.90 -33.53 -16.14
N ASN F 178 1.69 -32.77 -15.38
CA ASN F 178 2.32 -31.52 -15.83
C ASN F 178 1.35 -30.43 -16.30
N TRP F 179 0.12 -30.45 -15.77
CA TRP F 179 -0.86 -29.38 -15.99
C TRP F 179 -1.40 -28.89 -14.65
N GLY F 180 -1.97 -27.70 -14.63
CA GLY F 180 -2.42 -27.19 -13.34
C GLY F 180 -1.25 -26.38 -12.87
N PRO F 181 -1.09 -26.23 -11.55
CA PRO F 181 -1.79 -26.80 -10.41
C PRO F 181 -3.31 -26.51 -10.43
N TYR F 182 -4.10 -27.55 -10.14
CA TYR F 182 -5.53 -27.39 -9.90
C TYR F 182 -5.82 -27.51 -8.43
N ASP F 183 -7.01 -27.05 -8.03
CA ASP F 183 -7.48 -27.28 -6.66
C ASP F 183 -8.99 -27.50 -6.65
N ARG F 184 -9.61 -27.41 -5.47
CA ARG F 184 -11.02 -27.76 -5.31
C ARG F 184 -11.99 -26.83 -6.00
N ASP F 185 -11.57 -25.60 -6.29
CA ASP F 185 -12.44 -24.61 -6.94
C ASP F 185 -12.00 -24.21 -8.35
N SER F 186 -11.01 -24.89 -8.93
CA SER F 186 -10.57 -24.55 -10.28
C SER F 186 -11.75 -24.71 -11.21
N TRP F 187 -11.86 -23.81 -12.18
CA TRP F 187 -12.89 -23.91 -13.21
C TRP F 187 -12.46 -23.44 -14.60
N ASN F 188 -12.78 -24.25 -15.59
CA ASN F 188 -12.53 -23.93 -16.98
C ASN F 188 -13.87 -24.04 -17.72
N PRO F 189 -14.22 -23.04 -18.53
CA PRO F 189 -15.55 -23.05 -19.12
C PRO F 189 -15.78 -24.21 -20.05
N VAL F 190 -14.73 -24.93 -20.41
CA VAL F 190 -14.90 -26.07 -21.28
C VAL F 190 -14.79 -27.37 -20.51
N TYR F 191 -13.72 -27.51 -19.73
CA TYR F 191 -13.40 -28.80 -19.09
C TYR F 191 -13.84 -28.82 -17.63
N GLY F 192 -14.26 -27.67 -17.11
CA GLY F 192 -14.69 -27.58 -15.75
C GLY F 192 -13.50 -27.73 -14.82
N ASN F 193 -13.71 -28.44 -13.72
CA ASN F 193 -12.65 -28.64 -12.77
C ASN F 193 -11.87 -29.85 -13.22
N GLN F 194 -10.59 -29.66 -13.53
CA GLN F 194 -9.75 -30.74 -14.09
C GLN F 194 -8.87 -31.55 -13.08
N LEU F 195 -9.11 -31.35 -11.79
CA LEU F 195 -8.29 -31.91 -10.73
C LEU F 195 -7.81 -33.36 -10.98
N PHE F 196 -8.75 -34.29 -11.17
CA PHE F 196 -8.41 -35.67 -11.42
C PHE F 196 -8.92 -36.14 -12.75
N MET F 197 -8.85 -35.26 -13.74
CA MET F 197 -9.23 -35.64 -15.09
C MET F 197 -8.01 -36.27 -15.73
N LYS F 198 -8.19 -37.50 -16.22
CA LYS F 198 -7.10 -38.21 -16.87
C LYS F 198 -6.92 -37.69 -18.28
N THR F 199 -8.02 -37.64 -19.02
CA THR F 199 -8.00 -37.19 -20.41
C THR F 199 -9.21 -36.32 -20.73
N ARG F 200 -9.01 -35.35 -21.62
CA ARG F 200 -10.08 -34.47 -22.05
C ARG F 200 -11.00 -35.12 -23.06
N ASN F 201 -10.46 -36.04 -23.87
CA ASN F 201 -11.25 -36.63 -24.95
C ASN F 201 -11.25 -38.12 -25.04
N GLY F 202 -10.64 -38.77 -24.06
CA GLY F 202 -10.56 -40.23 -24.03
C GLY F 202 -11.90 -40.86 -24.37
N SER F 203 -11.84 -41.96 -25.10
CA SER F 203 -13.05 -42.68 -25.48
C SER F 203 -13.36 -43.81 -24.52
N MET F 204 -12.71 -43.85 -23.36
CA MET F 204 -13.09 -44.82 -22.36
C MET F 204 -14.37 -44.37 -21.68
N LYS F 205 -14.92 -45.23 -20.82
CA LYS F 205 -16.05 -44.81 -20.00
C LYS F 205 -15.59 -43.94 -18.85
N ALA F 206 -16.53 -43.23 -18.24
CA ALA F 206 -16.21 -42.24 -17.23
C ALA F 206 -15.46 -42.86 -16.05
N ALA F 207 -15.93 -43.99 -15.55
CA ALA F 207 -15.23 -44.67 -14.45
C ALA F 207 -13.73 -45.00 -14.74
N ASP F 208 -13.36 -45.12 -16.02
CA ASP F 208 -11.96 -45.32 -16.40
C ASP F 208 -11.23 -44.00 -16.66
N ASN F 209 -11.89 -42.85 -16.52
CA ASN F 209 -11.18 -41.62 -16.89
C ASN F 209 -10.62 -40.79 -15.73
N PHE F 210 -10.46 -41.41 -14.57
CA PHE F 210 -9.86 -40.70 -13.44
C PHE F 210 -8.34 -40.95 -13.35
N LEU F 211 -7.65 -39.94 -12.83
CA LEU F 211 -6.22 -39.96 -12.66
C LEU F 211 -5.83 -41.13 -11.77
N ASP F 212 -4.85 -41.90 -12.23
CA ASP F 212 -4.24 -42.92 -11.42
C ASP F 212 -3.73 -42.30 -10.12
N PRO F 213 -4.09 -42.91 -8.98
CA PRO F 213 -3.80 -42.30 -7.67
C PRO F 213 -2.32 -42.23 -7.32
N ASN F 214 -1.52 -43.06 -7.98
CA ASN F 214 -0.08 -43.01 -7.84
C ASN F 214 0.54 -41.86 -8.62
N LYS F 215 -0.27 -41.05 -9.28
CA LYS F 215 0.21 -39.82 -9.88
C LYS F 215 -0.04 -38.63 -8.98
N ALA F 216 -0.88 -38.82 -7.97
CA ALA F 216 -1.22 -37.77 -7.00
C ALA F 216 -0.44 -37.94 -5.71
N SER F 217 -0.77 -37.11 -4.72
CA SER F 217 -0.21 -37.27 -3.39
C SER F 217 -0.44 -38.69 -2.89
N SER F 218 0.48 -39.17 -2.06
CA SER F 218 0.28 -40.49 -1.45
C SER F 218 -0.83 -40.42 -0.39
N LEU F 219 -1.12 -39.21 0.10
CA LEU F 219 -2.25 -39.04 1.00
C LEU F 219 -3.56 -39.49 0.35
N LEU F 220 -3.69 -39.40 -0.96
CA LEU F 220 -4.94 -39.82 -1.57
C LEU F 220 -5.05 -41.34 -1.65
N SER F 221 -3.95 -42.00 -1.98
CA SER F 221 -3.92 -43.46 -2.06
C SER F 221 -3.71 -44.08 -0.68
N SER F 222 -2.45 -44.17 -0.25
CA SER F 222 -2.17 -44.77 1.05
C SER F 222 -2.90 -44.06 2.18
N GLY F 223 -2.81 -42.74 2.25
CA GLY F 223 -3.51 -42.02 3.30
C GLY F 223 -2.57 -41.15 4.08
N PHE F 224 -2.99 -40.75 5.27
CA PHE F 224 -2.25 -39.80 6.08
C PHE F 224 -1.90 -40.44 7.40
N SER F 225 -0.68 -40.17 7.86
CA SER F 225 -0.20 -40.69 9.12
C SER F 225 0.05 -39.56 10.07
N PRO F 226 -0.95 -39.23 10.89
CA PRO F 226 -0.73 -38.11 11.79
C PRO F 226 0.41 -38.39 12.72
N ASP F 227 0.99 -37.33 13.26
CA ASP F 227 1.93 -37.44 14.35
C ASP F 227 1.84 -36.15 15.12
N PHE F 228 0.77 -36.02 15.92
CA PHE F 228 0.53 -34.83 16.72
C PHE F 228 0.67 -35.16 18.20
N ALA F 229 1.01 -34.14 18.99
CA ALA F 229 1.13 -34.30 20.44
C ALA F 229 0.32 -33.26 21.18
N THR F 230 -0.22 -33.67 22.32
CA THR F 230 -1.00 -32.76 23.16
C THR F 230 -0.75 -33.10 24.63
N VAL F 231 -0.42 -32.07 25.42
CA VAL F 231 0.00 -32.28 26.80
C VAL F 231 -1.07 -31.79 27.79
N ILE F 232 -1.41 -32.67 28.72
CA ILE F 232 -2.51 -32.47 29.64
C ILE F 232 -1.93 -32.43 31.03
N THR F 233 -2.41 -31.50 31.86
CA THR F 233 -1.89 -31.33 33.23
C THR F 233 -2.94 -31.61 34.28
N MET F 234 -2.52 -32.18 35.41
CA MET F 234 -3.44 -32.53 36.47
C MET F 234 -2.83 -32.15 37.82
N ASP F 235 -3.58 -31.38 38.59
CA ASP F 235 -3.21 -31.06 39.96
C ASP F 235 -3.19 -32.32 40.82
N ARG F 236 -2.09 -32.48 41.57
CA ARG F 236 -1.97 -33.61 42.48
C ARG F 236 -3.08 -33.59 43.51
N LYS F 237 -3.33 -32.42 44.10
CA LYS F 237 -4.37 -32.24 45.13
C LYS F 237 -5.76 -32.14 44.51
N ALA F 238 -6.31 -33.26 44.03
CA ALA F 238 -7.65 -33.28 43.43
C ALA F 238 -8.30 -34.63 43.71
N SER F 239 -9.37 -34.60 44.50
CA SER F 239 -10.03 -35.82 44.99
C SER F 239 -10.29 -36.82 43.87
N LYS F 240 -10.76 -36.35 42.71
CA LYS F 240 -10.90 -37.21 41.55
C LYS F 240 -9.60 -37.25 40.76
N GLN F 241 -8.96 -38.42 40.71
CA GLN F 241 -7.72 -38.60 39.96
C GLN F 241 -7.95 -39.50 38.75
N GLN F 242 -9.10 -39.32 38.09
CA GLN F 242 -9.47 -40.13 36.93
C GLN F 242 -10.15 -39.27 35.87
N THR F 243 -9.49 -39.16 34.72
CA THR F 243 -9.97 -38.29 33.66
C THR F 243 -10.36 -39.09 32.43
N ASN F 244 -11.49 -38.72 31.82
CA ASN F 244 -11.86 -39.25 30.53
C ASN F 244 -11.44 -38.29 29.46
N ILE F 245 -11.26 -38.82 28.26
CA ILE F 245 -10.93 -37.98 27.14
C ILE F 245 -11.32 -38.71 25.87
N ASP F 246 -11.89 -37.96 24.94
CA ASP F 246 -12.30 -38.51 23.66
C ASP F 246 -11.29 -38.11 22.60
N VAL F 247 -10.95 -39.06 21.75
CA VAL F 247 -10.04 -38.84 20.65
C VAL F 247 -10.74 -39.20 19.36
N ILE F 248 -10.75 -38.28 18.42
CA ILE F 248 -11.46 -38.48 17.15
C ILE F 248 -10.50 -38.41 15.97
N TYR F 249 -10.58 -39.40 15.08
CA TYR F 249 -9.86 -39.38 13.81
C TYR F 249 -10.96 -39.30 12.76
N GLU F 250 -10.84 -38.34 11.84
CA GLU F 250 -11.87 -38.04 10.84
C GLU F 250 -11.25 -38.03 9.45
N ARG F 251 -12.04 -38.47 8.47
CA ARG F 251 -11.70 -38.32 7.06
C ARG F 251 -12.87 -37.65 6.38
N VAL F 252 -12.61 -36.55 5.67
CA VAL F 252 -13.62 -35.88 4.88
C VAL F 252 -13.34 -36.13 3.42
N ARG F 253 -14.33 -36.60 2.69
CA ARG F 253 -14.20 -36.86 1.26
C ARG F 253 -15.04 -35.94 0.35
N ASP F 254 -14.46 -35.49 -0.76
CA ASP F 254 -15.21 -34.78 -1.82
C ASP F 254 -15.70 -35.77 -2.87
N ASP F 255 -16.60 -35.30 -3.73
CA ASP F 255 -17.13 -36.09 -4.84
C ASP F 255 -16.76 -35.40 -6.15
N TYR F 256 -15.74 -35.93 -6.83
CA TYR F 256 -15.30 -35.41 -8.09
C TYR F 256 -15.98 -36.17 -9.21
N GLN F 257 -16.85 -35.48 -9.94
CA GLN F 257 -17.69 -36.11 -10.98
C GLN F 257 -17.09 -35.81 -12.36
N LEU F 258 -17.30 -36.71 -13.32
CA LEU F 258 -16.88 -36.51 -14.70
C LEU F 258 -18.07 -36.87 -15.57
N HIS F 259 -18.36 -36.03 -16.56
CA HIS F 259 -19.35 -36.42 -17.56
C HIS F 259 -18.96 -36.00 -18.94
N TRP F 260 -19.53 -36.70 -19.90
CA TRP F 260 -19.34 -36.44 -21.30
C TRP F 260 -20.31 -35.36 -21.75
N THR F 261 -19.79 -34.23 -22.26
CA THR F 261 -20.64 -33.22 -22.77
C THR F 261 -21.32 -33.87 -23.98
N SER F 262 -20.53 -34.19 -24.97
CA SER F 262 -20.87 -34.92 -26.18
C SER F 262 -19.62 -34.83 -27.01
N THR F 263 -18.82 -33.82 -26.66
CA THR F 263 -17.53 -33.53 -27.33
C THR F 263 -16.29 -33.67 -26.43
N ASN F 264 -16.46 -33.64 -25.14
CA ASN F 264 -15.30 -33.79 -24.24
C ASN F 264 -15.69 -34.13 -22.80
N TRP F 265 -14.69 -34.36 -21.99
CA TRP F 265 -14.94 -34.64 -20.61
C TRP F 265 -15.02 -33.30 -19.88
N LYS F 266 -15.85 -33.25 -18.85
CA LYS F 266 -15.96 -32.10 -18.01
C LYS F 266 -16.06 -32.58 -16.60
N GLY F 267 -15.28 -31.99 -15.70
CA GLY F 267 -15.27 -32.39 -14.32
C GLY F 267 -15.93 -31.40 -13.38
N THR F 268 -16.57 -31.92 -12.33
CA THR F 268 -17.12 -31.12 -11.26
C THR F 268 -16.65 -31.62 -9.94
N ASN F 269 -16.45 -30.75 -8.97
CA ASN F 269 -16.11 -31.21 -7.63
C ASN F 269 -17.05 -30.67 -6.54
N THR F 270 -17.72 -31.59 -5.87
CA THR F 270 -18.59 -31.31 -4.74
C THR F 270 -17.82 -31.40 -3.40
N LYS F 271 -17.70 -30.28 -2.69
CA LYS F 271 -16.96 -30.26 -1.41
C LYS F 271 -17.66 -30.99 -0.24
N ASP F 272 -16.88 -31.77 0.52
CA ASP F 272 -17.31 -32.25 1.85
C ASP F 272 -18.60 -33.05 1.85
N LYS F 273 -18.80 -33.86 0.82
CA LYS F 273 -20.01 -34.66 0.72
C LYS F 273 -20.11 -35.78 1.77
N TRP F 274 -18.98 -36.39 2.15
CA TRP F 274 -18.98 -37.44 3.18
C TRP F 274 -17.99 -37.10 4.26
N ILE F 275 -18.31 -37.49 5.49
CA ILE F 275 -17.37 -37.37 6.60
C ILE F 275 -17.37 -38.70 7.37
N ASP F 276 -16.22 -39.37 7.38
CA ASP F 276 -16.04 -40.61 8.14
C ASP F 276 -15.40 -40.25 9.47
N ARG F 277 -15.98 -40.71 10.58
CA ARG F 277 -15.53 -40.29 11.90
C ARG F 277 -15.41 -41.47 12.87
N SER F 278 -14.27 -41.57 13.54
CA SER F 278 -13.94 -42.67 14.44
C SER F 278 -13.56 -42.10 15.79
N SER F 279 -14.46 -42.27 16.76
CA SER F 279 -14.26 -41.76 18.12
C SER F 279 -13.95 -42.84 19.13
N GLU F 280 -13.20 -42.47 20.16
CA GLU F 280 -12.95 -43.35 21.28
C GLU F 280 -12.78 -42.56 22.55
N ARG F 281 -13.26 -43.12 23.64
CA ARG F 281 -13.10 -42.54 24.95
C ARG F 281 -12.01 -43.32 25.64
N TYR F 282 -11.00 -42.64 26.14
CA TYR F 282 -9.93 -43.29 26.87
C TYR F 282 -10.03 -42.89 28.34
N LYS F 283 -9.67 -43.81 29.22
CA LYS F 283 -9.68 -43.55 30.66
C LYS F 283 -8.25 -43.35 31.18
N ILE F 284 -7.99 -42.19 31.77
CA ILE F 284 -6.70 -41.84 32.37
C ILE F 284 -6.74 -42.03 33.87
N ASP F 285 -5.79 -42.80 34.40
CA ASP F 285 -5.63 -43.02 35.84
C ASP F 285 -4.32 -42.39 36.30
N TRP F 286 -4.41 -41.23 36.94
CA TRP F 286 -3.21 -40.45 37.29
C TRP F 286 -2.42 -41.02 38.45
N GLU F 287 -3.03 -41.87 39.28
CA GLU F 287 -2.31 -42.54 40.35
C GLU F 287 -1.56 -43.77 39.83
N LYS F 288 -2.24 -44.63 39.06
CA LYS F 288 -1.59 -45.76 38.40
C LYS F 288 -0.69 -45.36 37.22
N GLU F 289 -0.80 -44.12 36.72
CA GLU F 289 -0.12 -43.71 35.48
C GLU F 289 -0.42 -44.71 34.36
N GLU F 290 -1.71 -44.99 34.16
CA GLU F 290 -2.17 -45.84 33.07
C GLU F 290 -3.23 -45.13 32.25
N MET F 291 -3.43 -45.62 31.03
CA MET F 291 -4.46 -45.11 30.16
C MET F 291 -5.03 -46.30 29.40
N THR F 292 -6.32 -46.54 29.59
CA THR F 292 -6.94 -47.76 29.11
C THR F 292 -7.96 -47.48 28.04
N ASN F 293 -8.26 -48.53 27.30
CA ASN F 293 -9.10 -48.46 26.11
C ASN F 293 -10.57 -48.52 26.50
#